data_7FV6
# 
_entry.id   7FV6 
# 
_audit_conform.dict_name       mmcif_pdbx.dic 
_audit_conform.dict_version    5.392 
_audit_conform.dict_location   http://mmcif.pdb.org/dictionaries/ascii/mmcif_pdbx.dic 
# 
loop_
_database_2.database_id 
_database_2.database_code 
_database_2.pdbx_database_accession 
_database_2.pdbx_DOI 
PDB   7FV6         pdb_00007fv6 10.2210/pdb7fv6/pdb 
WWPDB D_1001405387 ?            ?                   
# 
loop_
_pdbx_audit_revision_history.ordinal 
_pdbx_audit_revision_history.data_content_type 
_pdbx_audit_revision_history.major_revision 
_pdbx_audit_revision_history.minor_revision 
_pdbx_audit_revision_history.revision_date 
1 'Structure model' 1 0 2023-03-29 
2 'Structure model' 1 1 2024-05-22 
# 
_pdbx_audit_revision_details.ordinal             1 
_pdbx_audit_revision_details.revision_ordinal    1 
_pdbx_audit_revision_details.data_content_type   'Structure model' 
_pdbx_audit_revision_details.provider            repository 
_pdbx_audit_revision_details.type                'Initial release' 
_pdbx_audit_revision_details.description         ? 
_pdbx_audit_revision_details.details             ? 
# 
_pdbx_audit_revision_group.ordinal             1 
_pdbx_audit_revision_group.revision_ordinal    2 
_pdbx_audit_revision_group.data_content_type   'Structure model' 
_pdbx_audit_revision_group.group               'Data collection' 
# 
loop_
_pdbx_audit_revision_category.ordinal 
_pdbx_audit_revision_category.revision_ordinal 
_pdbx_audit_revision_category.data_content_type 
_pdbx_audit_revision_category.category 
1 2 'Structure model' chem_comp_atom 
2 2 'Structure model' chem_comp_bond 
# 
_pdbx_database_status.entry_id                        7FV6 
_pdbx_database_status.status_code                     REL 
_pdbx_database_status.status_code_sf                  REL 
_pdbx_database_status.status_code_mr                  ? 
_pdbx_database_status.status_code_cs                  ? 
_pdbx_database_status.recvd_initial_deposition_date   2023-03-09 
_pdbx_database_status.status_code_nmr_data            ? 
_pdbx_database_status.deposit_site                    RCSB 
_pdbx_database_status.process_site                    RCSB 
_pdbx_database_status.SG_entry                        ? 
_pdbx_database_status.pdb_format_compatible           Y 
_pdbx_database_status.methods_development_category    ? 
# 
_pdbx_contact_author.id                 1 
_pdbx_contact_author.email              frank.von-delft@diamond.ac.uk 
_pdbx_contact_author.name_first         Frank 
_pdbx_contact_author.name_last          'von Delft' 
_pdbx_contact_author.role               'principal investigator/group leader' 
_pdbx_contact_author.identifier_ORCID   0000-0003-0378-0017 
_pdbx_contact_author.name_mi            ? 
# 
loop_
_audit_author.name 
_audit_author.pdbx_ordinal 
'Grosjean, H.'   1 
'Tomlinson, C.'  2 
'Bradshaw, W.J.' 3 
'Koekemoer, L.'  4 
'Krojer, T.'     5 
'Fearon, D.'     6 
'Biggin, P.C.'   7 
'von Delft, F.'  8 
# 
_citation.id                        primary 
_citation.title                     'PanDDA analysis group deposition' 
_citation.journal_abbrev            'To Be Published' 
_citation.journal_volume            ? 
_citation.page_first                ? 
_citation.page_last                 ? 
_citation.year                      ? 
_citation.journal_id_ASTM           ? 
_citation.country                   ? 
_citation.journal_id_ISSN           ? 
_citation.journal_id_CSD            0353 
_citation.book_publisher            ? 
_citation.pdbx_database_id_PubMed   ? 
_citation.pdbx_database_id_DOI      ? 
# 
loop_
_citation_author.citation_id 
_citation_author.name 
_citation_author.identifier_ORCID 
_citation_author.ordinal 
primary 'Grosjean, H.'   ? 1 
primary 'Tomlinson, C.'  ? 2 
primary 'Bradshaw, W.J.' ? 3 
primary 'Koekemoer, L.'  ? 4 
primary 'Krojer, T.'     ? 5 
primary 'Fearon, D.'     ? 6 
primary 'Biggin, P.C.'   ? 7 
primary 'von Delft, F.'  ? 8 
# 
loop_
_entity.id 
_entity.type 
_entity.src_method 
_entity.pdbx_description 
_entity.formula_weight 
_entity.pdbx_number_of_molecules 
_entity.pdbx_ec 
_entity.pdbx_mutation 
_entity.pdbx_fragment 
_entity.details 
1 polymer     man 'PH-interacting protein'                                                 17627.859 1   ? ? ? ? 
2 non-polymer syn 'N-methyl-4-[5-(phenoxymethyl)furan-2-carbonyl]piperazine-1-carboxamide' 343.377   1   ? ? ? ? 
3 water       nat water                                                                    18.015    210 ? ? ? ? 
# 
_entity_name_com.entity_id   1 
_entity_name_com.name        
'PHIP,DDB1- and CUL4-associated factor 14,IRS-1 PH domain-binding protein,WD repeat-containing protein 11' 
# 
_entity_poly.entity_id                      1 
_entity_poly.type                           'polypeptide(L)' 
_entity_poly.nstd_linkage                   no 
_entity_poly.nstd_monomer                   no 
_entity_poly.pdbx_seq_one_letter_code       
;MHHHHHHSSGVDLGTENLYFQSMSYDIQAWKKQCEELLNLIFQCEDSEPFRQPVDLLEYPDYRDIIDTPMDFATVRETLE
AGNYESPMELCKDVRLIFSNSKAYTPSKRSRIYSMSLRLSAFFEEHISSVLSDYKSALRFHKRNTITKR
;
_entity_poly.pdbx_seq_one_letter_code_can   
;MHHHHHHSSGVDLGTENLYFQSMSYDIQAWKKQCEELLNLIFQCEDSEPFRQPVDLLEYPDYRDIIDTPMDFATVRETLE
AGNYESPMELCKDVRLIFSNSKAYTPSKRSRIYSMSLRLSAFFEEHISSVLSDYKSALRFHKRNTITKR
;
_entity_poly.pdbx_strand_id                 A 
_entity_poly.pdbx_target_identifier         ? 
# 
loop_
_pdbx_entity_nonpoly.entity_id 
_pdbx_entity_nonpoly.name 
_pdbx_entity_nonpoly.comp_id 
2 'N-methyl-4-[5-(phenoxymethyl)furan-2-carbonyl]piperazine-1-carboxamide' ZKZ 
3 water                                                                    HOH 
# 
loop_
_entity_poly_seq.entity_id 
_entity_poly_seq.num 
_entity_poly_seq.mon_id 
_entity_poly_seq.hetero 
1 1   MET n 
1 2   HIS n 
1 3   HIS n 
1 4   HIS n 
1 5   HIS n 
1 6   HIS n 
1 7   HIS n 
1 8   SER n 
1 9   SER n 
1 10  GLY n 
1 11  VAL n 
1 12  ASP n 
1 13  LEU n 
1 14  GLY n 
1 15  THR n 
1 16  GLU n 
1 17  ASN n 
1 18  LEU n 
1 19  TYR n 
1 20  PHE n 
1 21  GLN n 
1 22  SER n 
1 23  MET n 
1 24  SER n 
1 25  TYR n 
1 26  ASP n 
1 27  ILE n 
1 28  GLN n 
1 29  ALA n 
1 30  TRP n 
1 31  LYS n 
1 32  LYS n 
1 33  GLN n 
1 34  CYS n 
1 35  GLU n 
1 36  GLU n 
1 37  LEU n 
1 38  LEU n 
1 39  ASN n 
1 40  LEU n 
1 41  ILE n 
1 42  PHE n 
1 43  GLN n 
1 44  CYS n 
1 45  GLU n 
1 46  ASP n 
1 47  SER n 
1 48  GLU n 
1 49  PRO n 
1 50  PHE n 
1 51  ARG n 
1 52  GLN n 
1 53  PRO n 
1 54  VAL n 
1 55  ASP n 
1 56  LEU n 
1 57  LEU n 
1 58  GLU n 
1 59  TYR n 
1 60  PRO n 
1 61  ASP n 
1 62  TYR n 
1 63  ARG n 
1 64  ASP n 
1 65  ILE n 
1 66  ILE n 
1 67  ASP n 
1 68  THR n 
1 69  PRO n 
1 70  MET n 
1 71  ASP n 
1 72  PHE n 
1 73  ALA n 
1 74  THR n 
1 75  VAL n 
1 76  ARG n 
1 77  GLU n 
1 78  THR n 
1 79  LEU n 
1 80  GLU n 
1 81  ALA n 
1 82  GLY n 
1 83  ASN n 
1 84  TYR n 
1 85  GLU n 
1 86  SER n 
1 87  PRO n 
1 88  MET n 
1 89  GLU n 
1 90  LEU n 
1 91  CYS n 
1 92  LYS n 
1 93  ASP n 
1 94  VAL n 
1 95  ARG n 
1 96  LEU n 
1 97  ILE n 
1 98  PHE n 
1 99  SER n 
1 100 ASN n 
1 101 SER n 
1 102 LYS n 
1 103 ALA n 
1 104 TYR n 
1 105 THR n 
1 106 PRO n 
1 107 SER n 
1 108 LYS n 
1 109 ARG n 
1 110 SER n 
1 111 ARG n 
1 112 ILE n 
1 113 TYR n 
1 114 SER n 
1 115 MET n 
1 116 SER n 
1 117 LEU n 
1 118 ARG n 
1 119 LEU n 
1 120 SER n 
1 121 ALA n 
1 122 PHE n 
1 123 PHE n 
1 124 GLU n 
1 125 GLU n 
1 126 HIS n 
1 127 ILE n 
1 128 SER n 
1 129 SER n 
1 130 VAL n 
1 131 LEU n 
1 132 SER n 
1 133 ASP n 
1 134 TYR n 
1 135 LYS n 
1 136 SER n 
1 137 ALA n 
1 138 LEU n 
1 139 ARG n 
1 140 PHE n 
1 141 HIS n 
1 142 LYS n 
1 143 ARG n 
1 144 ASN n 
1 145 THR n 
1 146 ILE n 
1 147 THR n 
1 148 LYS n 
1 149 ARG n 
# 
_entity_src_gen.entity_id                          1 
_entity_src_gen.pdbx_src_id                        1 
_entity_src_gen.pdbx_alt_source_flag               sample 
_entity_src_gen.pdbx_seq_type                      'Biological sequence' 
_entity_src_gen.pdbx_beg_seq_num                   1 
_entity_src_gen.pdbx_end_seq_num                   149 
_entity_src_gen.gene_src_common_name               human 
_entity_src_gen.gene_src_genus                     ? 
_entity_src_gen.pdbx_gene_src_gene                 'PHIP, DCAF14, WDR11' 
_entity_src_gen.gene_src_species                   ? 
_entity_src_gen.gene_src_strain                    ? 
_entity_src_gen.gene_src_tissue                    ? 
_entity_src_gen.gene_src_tissue_fraction           ? 
_entity_src_gen.gene_src_details                   ? 
_entity_src_gen.pdbx_gene_src_fragment             ? 
_entity_src_gen.pdbx_gene_src_scientific_name      'Homo sapiens' 
_entity_src_gen.pdbx_gene_src_ncbi_taxonomy_id     9606 
_entity_src_gen.pdbx_gene_src_variant              ? 
_entity_src_gen.pdbx_gene_src_cell_line            ? 
_entity_src_gen.pdbx_gene_src_atcc                 ? 
_entity_src_gen.pdbx_gene_src_organ                ? 
_entity_src_gen.pdbx_gene_src_organelle            ? 
_entity_src_gen.pdbx_gene_src_cell                 ? 
_entity_src_gen.pdbx_gene_src_cellular_location    ? 
_entity_src_gen.host_org_common_name               ? 
_entity_src_gen.pdbx_host_org_scientific_name      'Escherichia coli' 
_entity_src_gen.pdbx_host_org_ncbi_taxonomy_id     562 
_entity_src_gen.host_org_genus                     ? 
_entity_src_gen.pdbx_host_org_gene                 ? 
_entity_src_gen.pdbx_host_org_organ                ? 
_entity_src_gen.host_org_species                   ? 
_entity_src_gen.pdbx_host_org_tissue               ? 
_entity_src_gen.pdbx_host_org_tissue_fraction      ? 
_entity_src_gen.pdbx_host_org_strain               ? 
_entity_src_gen.pdbx_host_org_variant              ? 
_entity_src_gen.pdbx_host_org_cell_line            ? 
_entity_src_gen.pdbx_host_org_atcc                 ? 
_entity_src_gen.pdbx_host_org_culture_collection   ? 
_entity_src_gen.pdbx_host_org_cell                 ? 
_entity_src_gen.pdbx_host_org_organelle            ? 
_entity_src_gen.pdbx_host_org_cellular_location    ? 
_entity_src_gen.pdbx_host_org_vector_type          ? 
_entity_src_gen.pdbx_host_org_vector               ? 
_entity_src_gen.host_org_details                   ? 
_entity_src_gen.expression_system_id               ? 
_entity_src_gen.plasmid_name                       ? 
_entity_src_gen.plasmid_details                    ? 
_entity_src_gen.pdbx_description                   ? 
# 
loop_
_chem_comp.id 
_chem_comp.type 
_chem_comp.mon_nstd_flag 
_chem_comp.name 
_chem_comp.pdbx_synonyms 
_chem_comp.formula 
_chem_comp.formula_weight 
ALA 'L-peptide linking' y ALANINE                                                                  ? 'C3 H7 N O2'     89.093  
ARG 'L-peptide linking' y ARGININE                                                                 ? 'C6 H15 N4 O2 1' 175.209 
ASN 'L-peptide linking' y ASPARAGINE                                                               ? 'C4 H8 N2 O3'    132.118 
ASP 'L-peptide linking' y 'ASPARTIC ACID'                                                          ? 'C4 H7 N O4'     133.103 
CYS 'L-peptide linking' y CYSTEINE                                                                 ? 'C3 H7 N O2 S'   121.158 
GLN 'L-peptide linking' y GLUTAMINE                                                                ? 'C5 H10 N2 O3'   146.144 
GLU 'L-peptide linking' y 'GLUTAMIC ACID'                                                          ? 'C5 H9 N O4'     147.129 
GLY 'peptide linking'   y GLYCINE                                                                  ? 'C2 H5 N O2'     75.067  
HIS 'L-peptide linking' y HISTIDINE                                                                ? 'C6 H10 N3 O2 1' 156.162 
HOH non-polymer         . WATER                                                                    ? 'H2 O'           18.015  
ILE 'L-peptide linking' y ISOLEUCINE                                                               ? 'C6 H13 N O2'    131.173 
LEU 'L-peptide linking' y LEUCINE                                                                  ? 'C6 H13 N O2'    131.173 
LYS 'L-peptide linking' y LYSINE                                                                   ? 'C6 H15 N2 O2 1' 147.195 
MET 'L-peptide linking' y METHIONINE                                                               ? 'C5 H11 N O2 S'  149.211 
PHE 'L-peptide linking' y PHENYLALANINE                                                            ? 'C9 H11 N O2'    165.189 
PRO 'L-peptide linking' y PROLINE                                                                  ? 'C5 H9 N O2'     115.130 
SER 'L-peptide linking' y SERINE                                                                   ? 'C3 H7 N O3'     105.093 
THR 'L-peptide linking' y THREONINE                                                                ? 'C4 H9 N O3'     119.119 
TRP 'L-peptide linking' y TRYPTOPHAN                                                               ? 'C11 H12 N2 O2'  204.225 
TYR 'L-peptide linking' y TYROSINE                                                                 ? 'C9 H11 N O3'    181.189 
VAL 'L-peptide linking' y VALINE                                                                   ? 'C5 H11 N O2'    117.146 
ZKZ non-polymer         . 'N-methyl-4-[5-(phenoxymethyl)furan-2-carbonyl]piperazine-1-carboxamide' ? 'C18 H21 N3 O4'  343.377 
# 
loop_
_pdbx_poly_seq_scheme.asym_id 
_pdbx_poly_seq_scheme.entity_id 
_pdbx_poly_seq_scheme.seq_id 
_pdbx_poly_seq_scheme.mon_id 
_pdbx_poly_seq_scheme.ndb_seq_num 
_pdbx_poly_seq_scheme.pdb_seq_num 
_pdbx_poly_seq_scheme.auth_seq_num 
_pdbx_poly_seq_scheme.pdb_mon_id 
_pdbx_poly_seq_scheme.auth_mon_id 
_pdbx_poly_seq_scheme.pdb_strand_id 
_pdbx_poly_seq_scheme.pdb_ins_code 
_pdbx_poly_seq_scheme.hetero 
A 1 1   MET 1   1292 ?    ?   ?   A . n 
A 1 2   HIS 2   1293 ?    ?   ?   A . n 
A 1 3   HIS 3   1294 ?    ?   ?   A . n 
A 1 4   HIS 4   1295 ?    ?   ?   A . n 
A 1 5   HIS 5   1296 ?    ?   ?   A . n 
A 1 6   HIS 6   1297 ?    ?   ?   A . n 
A 1 7   HIS 7   1298 ?    ?   ?   A . n 
A 1 8   SER 8   1299 ?    ?   ?   A . n 
A 1 9   SER 9   1300 ?    ?   ?   A . n 
A 1 10  GLY 10  1301 ?    ?   ?   A . n 
A 1 11  VAL 11  1302 ?    ?   ?   A . n 
A 1 12  ASP 12  1303 ?    ?   ?   A . n 
A 1 13  LEU 13  1304 ?    ?   ?   A . n 
A 1 14  GLY 14  1305 ?    ?   ?   A . n 
A 1 15  THR 15  1306 ?    ?   ?   A . n 
A 1 16  GLU 16  1307 ?    ?   ?   A . n 
A 1 17  ASN 17  1308 ?    ?   ?   A . n 
A 1 18  LEU 18  1309 ?    ?   ?   A . n 
A 1 19  TYR 19  1310 ?    ?   ?   A . n 
A 1 20  PHE 20  1311 ?    ?   ?   A . n 
A 1 21  GLN 21  1312 ?    ?   ?   A . n 
A 1 22  SER 22  1313 ?    ?   ?   A . n 
A 1 23  MET 23  1314 ?    ?   ?   A . n 
A 1 24  SER 24  1315 1315 SER SER A . n 
A 1 25  TYR 25  1316 1316 TYR TYR A . n 
A 1 26  ASP 26  1317 1317 ASP ASP A . n 
A 1 27  ILE 27  1318 1318 ILE ILE A . n 
A 1 28  GLN 28  1319 1319 GLN GLN A . n 
A 1 29  ALA 29  1320 1320 ALA ALA A . n 
A 1 30  TRP 30  1321 1321 TRP TRP A . n 
A 1 31  LYS 31  1322 1322 LYS LYS A . n 
A 1 32  LYS 32  1323 1323 LYS LYS A . n 
A 1 33  GLN 33  1324 1324 GLN GLN A . n 
A 1 34  CYS 34  1325 1325 CYS CYS A . n 
A 1 35  GLU 35  1326 1326 GLU GLU A . n 
A 1 36  GLU 36  1327 1327 GLU GLU A . n 
A 1 37  LEU 37  1328 1328 LEU LEU A . n 
A 1 38  LEU 38  1329 1329 LEU LEU A . n 
A 1 39  ASN 39  1330 1330 ASN ASN A . n 
A 1 40  LEU 40  1331 1331 LEU LEU A . n 
A 1 41  ILE 41  1332 1332 ILE ILE A . n 
A 1 42  PHE 42  1333 1333 PHE PHE A . n 
A 1 43  GLN 43  1334 1334 GLN GLN A . n 
A 1 44  CYS 44  1335 1335 CYS CYS A . n 
A 1 45  GLU 45  1336 1336 GLU GLU A . n 
A 1 46  ASP 46  1337 1337 ASP ASP A . n 
A 1 47  SER 47  1338 1338 SER SER A . n 
A 1 48  GLU 48  1339 1339 GLU GLU A . n 
A 1 49  PRO 49  1340 1340 PRO PRO A . n 
A 1 50  PHE 50  1341 1341 PHE PHE A . n 
A 1 51  ARG 51  1342 1342 ARG ARG A . n 
A 1 52  GLN 52  1343 1343 GLN GLN A . n 
A 1 53  PRO 53  1344 1344 PRO PRO A . n 
A 1 54  VAL 54  1345 1345 VAL VAL A . n 
A 1 55  ASP 55  1346 1346 ASP ASP A . n 
A 1 56  LEU 56  1347 1347 LEU LEU A . n 
A 1 57  LEU 57  1348 1348 LEU LEU A . n 
A 1 58  GLU 58  1349 1349 GLU GLU A . n 
A 1 59  TYR 59  1350 1350 TYR TYR A . n 
A 1 60  PRO 60  1351 1351 PRO PRO A . n 
A 1 61  ASP 61  1352 1352 ASP ASP A . n 
A 1 62  TYR 62  1353 1353 TYR TYR A . n 
A 1 63  ARG 63  1354 1354 ARG ARG A . n 
A 1 64  ASP 64  1355 1355 ASP ASP A . n 
A 1 65  ILE 65  1356 1356 ILE ILE A . n 
A 1 66  ILE 66  1357 1357 ILE ILE A . n 
A 1 67  ASP 67  1358 1358 ASP ASP A . n 
A 1 68  THR 68  1359 1359 THR THR A . n 
A 1 69  PRO 69  1360 1360 PRO PRO A . n 
A 1 70  MET 70  1361 1361 MET MET A . n 
A 1 71  ASP 71  1362 1362 ASP ASP A . n 
A 1 72  PHE 72  1363 1363 PHE PHE A . n 
A 1 73  ALA 73  1364 1364 ALA ALA A . n 
A 1 74  THR 74  1365 1365 THR THR A . n 
A 1 75  VAL 75  1366 1366 VAL VAL A . n 
A 1 76  ARG 76  1367 1367 ARG ARG A . n 
A 1 77  GLU 77  1368 1368 GLU GLU A . n 
A 1 78  THR 78  1369 1369 THR THR A . n 
A 1 79  LEU 79  1370 1370 LEU LEU A . n 
A 1 80  GLU 80  1371 1371 GLU GLU A . n 
A 1 81  ALA 81  1372 1372 ALA ALA A . n 
A 1 82  GLY 82  1373 1373 GLY GLY A . n 
A 1 83  ASN 83  1374 1374 ASN ASN A . n 
A 1 84  TYR 84  1375 1375 TYR TYR A . n 
A 1 85  GLU 85  1376 1376 GLU GLU A . n 
A 1 86  SER 86  1377 1377 SER SER A . n 
A 1 87  PRO 87  1378 1378 PRO PRO A . n 
A 1 88  MET 88  1379 1379 MET MET A . n 
A 1 89  GLU 89  1380 1380 GLU GLU A . n 
A 1 90  LEU 90  1381 1381 LEU LEU A . n 
A 1 91  CYS 91  1382 1382 CYS CYS A . n 
A 1 92  LYS 92  1383 1383 LYS LYS A . n 
A 1 93  ASP 93  1384 1384 ASP ASP A . n 
A 1 94  VAL 94  1385 1385 VAL VAL A . n 
A 1 95  ARG 95  1386 1386 ARG ARG A . n 
A 1 96  LEU 96  1387 1387 LEU LEU A . n 
A 1 97  ILE 97  1388 1388 ILE ILE A . n 
A 1 98  PHE 98  1389 1389 PHE PHE A . n 
A 1 99  SER 99  1390 1390 SER SER A . n 
A 1 100 ASN 100 1391 1391 ASN ASN A . n 
A 1 101 SER 101 1392 1392 SER SER A . n 
A 1 102 LYS 102 1393 1393 LYS LYS A . n 
A 1 103 ALA 103 1394 1394 ALA ALA A . n 
A 1 104 TYR 104 1395 1395 TYR TYR A . n 
A 1 105 THR 105 1396 1396 THR THR A . n 
A 1 106 PRO 106 1397 1397 PRO PRO A . n 
A 1 107 SER 107 1398 1398 SER SER A . n 
A 1 108 LYS 108 1399 1399 LYS LYS A . n 
A 1 109 ARG 109 1400 1400 ARG ARG A . n 
A 1 110 SER 110 1401 1401 SER SER A . n 
A 1 111 ARG 111 1402 1402 ARG ARG A . n 
A 1 112 ILE 112 1403 1403 ILE ILE A . n 
A 1 113 TYR 113 1404 1404 TYR TYR A . n 
A 1 114 SER 114 1405 1405 SER SER A . n 
A 1 115 MET 115 1406 1406 MET MET A . n 
A 1 116 SER 116 1407 1407 SER SER A . n 
A 1 117 LEU 117 1408 1408 LEU LEU A . n 
A 1 118 ARG 118 1409 1409 ARG ARG A . n 
A 1 119 LEU 119 1410 1410 LEU LEU A . n 
A 1 120 SER 120 1411 1411 SER SER A . n 
A 1 121 ALA 121 1412 1412 ALA ALA A . n 
A 1 122 PHE 122 1413 1413 PHE PHE A . n 
A 1 123 PHE 123 1414 1414 PHE PHE A . n 
A 1 124 GLU 124 1415 1415 GLU GLU A . n 
A 1 125 GLU 125 1416 1416 GLU GLU A . n 
A 1 126 HIS 126 1417 1417 HIS HIS A . n 
A 1 127 ILE 127 1418 1418 ILE ILE A . n 
A 1 128 SER 128 1419 1419 SER SER A . n 
A 1 129 SER 129 1420 1420 SER SER A . n 
A 1 130 VAL 130 1421 1421 VAL VAL A . n 
A 1 131 LEU 131 1422 1422 LEU LEU A . n 
A 1 132 SER 132 1423 1423 SER SER A . n 
A 1 133 ASP 133 1424 1424 ASP ASP A . n 
A 1 134 TYR 134 1425 1425 TYR TYR A . n 
A 1 135 LYS 135 1426 1426 LYS LYS A . n 
A 1 136 SER 136 1427 1427 SER SER A . n 
A 1 137 ALA 137 1428 1428 ALA ALA A . n 
A 1 138 LEU 138 1429 1429 LEU LEU A . n 
A 1 139 ARG 139 1430 1430 ARG ARG A . n 
A 1 140 PHE 140 1431 1431 PHE PHE A . n 
A 1 141 HIS 141 1432 1432 HIS HIS A . n 
A 1 142 LYS 142 1433 1433 LYS LYS A . n 
A 1 143 ARG 143 1434 1434 ARG ARG A . n 
A 1 144 ASN 144 1435 1435 ASN ASN A . n 
A 1 145 THR 145 1436 ?    ?   ?   A . n 
A 1 146 ILE 146 1437 ?    ?   ?   A . n 
A 1 147 THR 147 1438 ?    ?   ?   A . n 
A 1 148 LYS 148 1439 ?    ?   ?   A . n 
A 1 149 ARG 149 1440 ?    ?   ?   A . n 
# 
loop_
_pdbx_nonpoly_scheme.asym_id 
_pdbx_nonpoly_scheme.entity_id 
_pdbx_nonpoly_scheme.mon_id 
_pdbx_nonpoly_scheme.ndb_seq_num 
_pdbx_nonpoly_scheme.pdb_seq_num 
_pdbx_nonpoly_scheme.auth_seq_num 
_pdbx_nonpoly_scheme.pdb_mon_id 
_pdbx_nonpoly_scheme.auth_mon_id 
_pdbx_nonpoly_scheme.pdb_strand_id 
_pdbx_nonpoly_scheme.pdb_ins_code 
B 2 ZKZ 1   1901 1901 ZKZ LIG A . 
C 3 HOH 1   2001 1662 HOH HOH A . 
C 3 HOH 2   2002 1642 HOH HOH A . 
C 3 HOH 3   2003 8    HOH HOH A . 
C 3 HOH 4   2004 1745 HOH HOH A . 
C 3 HOH 5   2005 1605 HOH HOH A . 
C 3 HOH 6   2006 2    HOH HOH A . 
C 3 HOH 7   2007 1739 HOH HOH A . 
C 3 HOH 8   2008 1757 HOH HOH A . 
C 3 HOH 9   2009 1610 HOH HOH A . 
C 3 HOH 10  2010 1631 HOH HOH A . 
C 3 HOH 11  2011 1607 HOH HOH A . 
C 3 HOH 12  2012 1767 HOH HOH A . 
C 3 HOH 13  2013 1712 HOH HOH A . 
C 3 HOH 14  2014 1653 HOH HOH A . 
C 3 HOH 15  2015 15   HOH HOH A . 
C 3 HOH 16  2016 1750 HOH HOH A . 
C 3 HOH 17  2017 1603 HOH HOH A . 
C 3 HOH 18  2018 1602 HOH HOH A . 
C 3 HOH 19  2019 1664 HOH HOH A . 
C 3 HOH 20  2020 24   HOH HOH A . 
C 3 HOH 21  2021 1630 HOH HOH A . 
C 3 HOH 22  2022 1622 HOH HOH A . 
C 3 HOH 23  2023 1692 HOH HOH A . 
C 3 HOH 24  2024 1609 HOH HOH A . 
C 3 HOH 25  2025 1614 HOH HOH A . 
C 3 HOH 26  2026 1615 HOH HOH A . 
C 3 HOH 27  2027 1616 HOH HOH A . 
C 3 HOH 28  2028 1633 HOH HOH A . 
C 3 HOH 29  2029 1676 HOH HOH A . 
C 3 HOH 30  2030 1629 HOH HOH A . 
C 3 HOH 31  2031 1626 HOH HOH A . 
C 3 HOH 32  2032 1679 HOH HOH A . 
C 3 HOH 33  2033 1658 HOH HOH A . 
C 3 HOH 34  2034 1608 HOH HOH A . 
C 3 HOH 35  2035 1    HOH HOH A . 
C 3 HOH 36  2036 4    HOH HOH A . 
C 3 HOH 37  2037 1628 HOH HOH A . 
C 3 HOH 38  2038 1646 HOH HOH A . 
C 3 HOH 39  2039 1643 HOH HOH A . 
C 3 HOH 40  2040 1660 HOH HOH A . 
C 3 HOH 41  2041 7    HOH HOH A . 
C 3 HOH 42  2042 1620 HOH HOH A . 
C 3 HOH 43  2043 1645 HOH HOH A . 
C 3 HOH 44  2044 1677 HOH HOH A . 
C 3 HOH 45  2045 1625 HOH HOH A . 
C 3 HOH 46  2046 1641 HOH HOH A . 
C 3 HOH 47  2047 1624 HOH HOH A . 
C 3 HOH 48  2048 1668 HOH HOH A . 
C 3 HOH 49  2049 1647 HOH HOH A . 
C 3 HOH 50  2050 1619 HOH HOH A . 
C 3 HOH 51  2051 1632 HOH HOH A . 
C 3 HOH 52  2052 1617 HOH HOH A . 
C 3 HOH 53  2053 1644 HOH HOH A . 
C 3 HOH 54  2054 1634 HOH HOH A . 
C 3 HOH 55  2055 5    HOH HOH A . 
C 3 HOH 56  2056 1732 HOH HOH A . 
C 3 HOH 57  2057 1655 HOH HOH A . 
C 3 HOH 58  2058 1673 HOH HOH A . 
C 3 HOH 59  2059 11   HOH HOH A . 
C 3 HOH 60  2060 14   HOH HOH A . 
C 3 HOH 61  2061 1738 HOH HOH A . 
C 3 HOH 62  2062 1723 HOH HOH A . 
C 3 HOH 63  2063 1674 HOH HOH A . 
C 3 HOH 64  2064 1672 HOH HOH A . 
C 3 HOH 65  2065 1623 HOH HOH A . 
C 3 HOH 66  2066 1666 HOH HOH A . 
C 3 HOH 67  2067 1687 HOH HOH A . 
C 3 HOH 68  2068 1684 HOH HOH A . 
C 3 HOH 69  2069 1700 HOH HOH A . 
C 3 HOH 70  2070 1693 HOH HOH A . 
C 3 HOH 71  2071 1733 HOH HOH A . 
C 3 HOH 72  2072 1720 HOH HOH A . 
C 3 HOH 73  2073 1716 HOH HOH A . 
C 3 HOH 74  2074 1682 HOH HOH A . 
C 3 HOH 75  2075 1671 HOH HOH A . 
C 3 HOH 76  2076 1650 HOH HOH A . 
C 3 HOH 77  2077 6    HOH HOH A . 
C 3 HOH 78  2078 1613 HOH HOH A . 
C 3 HOH 79  2079 28   HOH HOH A . 
C 3 HOH 80  2080 1699 HOH HOH A . 
C 3 HOH 81  2081 1652 HOH HOH A . 
C 3 HOH 82  2082 1663 HOH HOH A . 
C 3 HOH 83  2083 20   HOH HOH A . 
C 3 HOH 84  2084 27   HOH HOH A . 
C 3 HOH 85  2085 1690 HOH HOH A . 
C 3 HOH 86  2086 1689 HOH HOH A . 
C 3 HOH 87  2087 17   HOH HOH A . 
C 3 HOH 88  2088 1678 HOH HOH A . 
C 3 HOH 89  2089 1709 HOH HOH A . 
C 3 HOH 90  2090 1741 HOH HOH A . 
C 3 HOH 91  2091 1651 HOH HOH A . 
C 3 HOH 92  2092 1675 HOH HOH A . 
C 3 HOH 93  2093 1736 HOH HOH A . 
C 3 HOH 94  2094 1637 HOH HOH A . 
C 3 HOH 95  2095 1725 HOH HOH A . 
C 3 HOH 96  2096 1612 HOH HOH A . 
C 3 HOH 97  2097 1680 HOH HOH A . 
C 3 HOH 98  2098 1688 HOH HOH A . 
C 3 HOH 99  2099 1686 HOH HOH A . 
C 3 HOH 100 2100 1681 HOH HOH A . 
C 3 HOH 101 2101 1694 HOH HOH A . 
C 3 HOH 102 2102 1621 HOH HOH A . 
C 3 HOH 103 2103 1702 HOH HOH A . 
C 3 HOH 104 2104 1701 HOH HOH A . 
C 3 HOH 105 2105 1601 HOH HOH A . 
C 3 HOH 106 2106 1627 HOH HOH A . 
C 3 HOH 107 2107 1683 HOH HOH A . 
C 3 HOH 108 2108 1721 HOH HOH A . 
C 3 HOH 109 2109 1708 HOH HOH A . 
C 3 HOH 110 2110 1685 HOH HOH A . 
C 3 HOH 111 2111 1648 HOH HOH A . 
C 3 HOH 112 2112 1665 HOH HOH A . 
C 3 HOH 113 2113 1727 HOH HOH A . 
C 3 HOH 114 2114 1606 HOH HOH A . 
C 3 HOH 115 2115 1706 HOH HOH A . 
C 3 HOH 116 2116 1710 HOH HOH A . 
C 3 HOH 117 2117 1740 HOH HOH A . 
C 3 HOH 118 2118 1714 HOH HOH A . 
C 3 HOH 119 2119 1719 HOH HOH A . 
C 3 HOH 120 2120 13   HOH HOH A . 
C 3 HOH 121 2121 1729 HOH HOH A . 
C 3 HOH 122 2122 1667 HOH HOH A . 
C 3 HOH 123 2123 1669 HOH HOH A . 
C 3 HOH 124 2124 1696 HOH HOH A . 
C 3 HOH 125 2125 1734 HOH HOH A . 
C 3 HOH 126 2126 1697 HOH HOH A . 
C 3 HOH 127 2127 1713 HOH HOH A . 
C 3 HOH 128 2128 9    HOH HOH A . 
C 3 HOH 129 2129 1715 HOH HOH A . 
C 3 HOH 130 2130 1661 HOH HOH A . 
C 3 HOH 131 2131 1737 HOH HOH A . 
C 3 HOH 132 2132 1724 HOH HOH A . 
C 3 HOH 133 2133 1744 HOH HOH A . 
C 3 HOH 134 2134 1670 HOH HOH A . 
C 3 HOH 135 2135 1801 HOH HOH A . 
C 3 HOH 136 2136 1611 HOH HOH A . 
C 3 HOH 137 2137 1640 HOH HOH A . 
C 3 HOH 138 2138 1635 HOH HOH A . 
C 3 HOH 139 2139 1657 HOH HOH A . 
C 3 HOH 140 2140 1695 HOH HOH A . 
C 3 HOH 141 2141 1703 HOH HOH A . 
C 3 HOH 142 2142 1656 HOH HOH A . 
C 3 HOH 143 2143 1747 HOH HOH A . 
C 3 HOH 144 2144 1726 HOH HOH A . 
C 3 HOH 145 2145 1638 HOH HOH A . 
C 3 HOH 146 2146 25   HOH HOH A . 
C 3 HOH 147 2147 1728 HOH HOH A . 
C 3 HOH 148 2148 1722 HOH HOH A . 
C 3 HOH 149 2149 1746 HOH HOH A . 
C 3 HOH 150 2150 1636 HOH HOH A . 
C 3 HOH 151 2151 1754 HOH HOH A . 
C 3 HOH 152 2152 18   HOH HOH A . 
C 3 HOH 153 2153 1752 HOH HOH A . 
C 3 HOH 154 2154 1742 HOH HOH A . 
C 3 HOH 155 2155 1704 HOH HOH A . 
C 3 HOH 156 2156 1748 HOH HOH A . 
C 3 HOH 157 2157 1751 HOH HOH A . 
C 3 HOH 158 2158 1753 HOH HOH A . 
C 3 HOH 159 2159 1795 HOH HOH A . 
C 3 HOH 160 2160 1770 HOH HOH A . 
C 3 HOH 161 2161 1756 HOH HOH A . 
C 3 HOH 162 2162 29   HOH HOH A . 
C 3 HOH 163 2163 1755 HOH HOH A . 
C 3 HOH 164 2164 1711 HOH HOH A . 
C 3 HOH 165 2165 1772 HOH HOH A . 
C 3 HOH 166 2166 1743 HOH HOH A . 
C 3 HOH 167 2167 1758 HOH HOH A . 
C 3 HOH 168 2168 1769 HOH HOH A . 
C 3 HOH 169 2169 1766 HOH HOH A . 
C 3 HOH 170 2170 1759 HOH HOH A . 
C 3 HOH 171 2171 12   HOH HOH A . 
C 3 HOH 172 2172 1786 HOH HOH A . 
C 3 HOH 173 2173 1763 HOH HOH A . 
C 3 HOH 174 2174 1765 HOH HOH A . 
C 3 HOH 175 2175 1779 HOH HOH A . 
C 3 HOH 176 2176 1794 HOH HOH A . 
C 3 HOH 177 2177 1768 HOH HOH A . 
C 3 HOH 178 2178 1796 HOH HOH A . 
C 3 HOH 179 2179 1784 HOH HOH A . 
C 3 HOH 180 2180 1777 HOH HOH A . 
C 3 HOH 181 2181 21   HOH HOH A . 
C 3 HOH 182 2182 1774 HOH HOH A . 
C 3 HOH 183 2183 26   HOH HOH A . 
C 3 HOH 184 2184 16   HOH HOH A . 
C 3 HOH 185 2185 1764 HOH HOH A . 
C 3 HOH 186 2186 1783 HOH HOH A . 
C 3 HOH 187 2187 1778 HOH HOH A . 
C 3 HOH 188 2188 1781 HOH HOH A . 
C 3 HOH 189 2189 1775 HOH HOH A . 
C 3 HOH 190 2190 1782 HOH HOH A . 
C 3 HOH 191 2191 1773 HOH HOH A . 
C 3 HOH 192 2192 1705 HOH HOH A . 
C 3 HOH 193 2193 19   HOH HOH A . 
C 3 HOH 194 2194 10   HOH HOH A . 
C 3 HOH 195 2195 23   HOH HOH A . 
C 3 HOH 196 2196 22   HOH HOH A . 
C 3 HOH 197 2197 1785 HOH HOH A . 
C 3 HOH 198 2198 1789 HOH HOH A . 
C 3 HOH 199 2199 1787 HOH HOH A . 
C 3 HOH 200 2200 1780 HOH HOH A . 
C 3 HOH 201 2201 1791 HOH HOH A . 
C 3 HOH 202 2202 1761 HOH HOH A . 
C 3 HOH 203 2203 1790 HOH HOH A . 
C 3 HOH 204 2204 1760 HOH HOH A . 
C 3 HOH 205 2205 1792 HOH HOH A . 
C 3 HOH 206 2206 1793 HOH HOH A . 
C 3 HOH 207 2207 1798 HOH HOH A . 
C 3 HOH 208 2208 1788 HOH HOH A . 
C 3 HOH 209 2209 1799 HOH HOH A . 
C 3 HOH 210 2210 1800 HOH HOH A . 
# 
loop_
_pdbx_unobs_or_zero_occ_atoms.id 
_pdbx_unobs_or_zero_occ_atoms.PDB_model_num 
_pdbx_unobs_or_zero_occ_atoms.polymer_flag 
_pdbx_unobs_or_zero_occ_atoms.occupancy_flag 
_pdbx_unobs_or_zero_occ_atoms.auth_asym_id 
_pdbx_unobs_or_zero_occ_atoms.auth_comp_id 
_pdbx_unobs_or_zero_occ_atoms.auth_seq_id 
_pdbx_unobs_or_zero_occ_atoms.PDB_ins_code 
_pdbx_unobs_or_zero_occ_atoms.auth_atom_id 
_pdbx_unobs_or_zero_occ_atoms.label_alt_id 
_pdbx_unobs_or_zero_occ_atoms.label_asym_id 
_pdbx_unobs_or_zero_occ_atoms.label_comp_id 
_pdbx_unobs_or_zero_occ_atoms.label_seq_id 
_pdbx_unobs_or_zero_occ_atoms.label_atom_id 
1 1 Y 1 A GLN 1334 ? CD  ? A GLN 43 CD  
2 1 Y 1 A GLN 1334 ? OE1 ? A GLN 43 OE1 
3 1 Y 1 A GLN 1334 ? NE2 ? A GLN 43 NE2 
# 
loop_
_software.pdbx_ordinal 
_software.name 
_software.version 
_software.date 
_software.type 
_software.contact_author 
_software.contact_author_email 
_software.classification 
_software.location 
_software.language 
_software.citation_id 
1 REFMAC      5.8.0267 ?               program 'Garib N. Murshudov' garib@ysbl.york.ac.uk    refinement        
http://www.ccp4.ac.uk/dist/html/refmac5.html        Fortran_77 ? 
2 Aimless     0.7.7    23/04/21        program 'Phil Evans'         ?                        'data scaling'    
http://www.mrc-lmb.cam.ac.uk/harry/pre/aimless.html ?          ? 
3 PDB_EXTRACT 3.23     'SEP. 23, 2016' package PDB                  deposit@deposit.rcsb.org 'data extraction' 
http://sw-tools.pdb.org/apps/PDB_EXTRACT/           C++        ? 
4 XDS         .        ?               program ?                    ?                        'data reduction'  ? ?          ? 
5 REFMAC      .        ?               program ?                    ?                        phasing           ? ?          ? 
# 
_cell.entry_id           7FV6 
_cell.length_a           81.922 
_cell.length_b           27.440 
_cell.length_c           56.469 
_cell.angle_alpha        90.000 
_cell.angle_beta         99.900 
_cell.angle_gamma        90.000 
_cell.Z_PDB              4 
_cell.pdbx_unique_axis   ? 
# 
_symmetry.entry_id                         7FV6 
_symmetry.space_group_name_H-M             'C 1 2 1' 
_symmetry.pdbx_full_space_group_name_H-M   ? 
_symmetry.cell_setting                     ? 
_symmetry.Int_Tables_number                5 
# 
_exptl.crystals_number   1 
_exptl.entry_id          7FV6 
_exptl.method            'X-RAY DIFFRACTION' 
# 
_exptl_crystal.id                    1 
_exptl_crystal.pdbx_mosaicity        0.000 
_exptl_crystal.pdbx_mosaicity_esd    ? 
_exptl_crystal.density_Matthews      1.77 
_exptl_crystal.density_diffrn        ? 
_exptl_crystal.density_meas          ? 
_exptl_crystal.density_meas_temp     ? 
_exptl_crystal.density_percent_sol   30.64 
_exptl_crystal.size_max              ? 
_exptl_crystal.size_mid              ? 
_exptl_crystal.size_min              ? 
_exptl_crystal.size_rad              ? 
_exptl_crystal.description           ? 
# 
_exptl_crystal_grow.crystal_id      1 
_exptl_crystal_grow.method          'VAPOR DIFFUSION, SITTING DROP' 
_exptl_crystal_grow.pH              5.6 
_exptl_crystal_grow.temp            277 
_exptl_crystal_grow.pdbx_details    '20% PEG 8000, 0.04M potassium phosphate' 
_exptl_crystal_grow.temp_details    ? 
_exptl_crystal_grow.pdbx_pH_range   ? 
# 
_diffrn.id                     1 
_diffrn.ambient_temp           100 
_diffrn.crystal_id             1 
_diffrn.ambient_temp_details   ? 
# 
_diffrn_detector.detector               PIXEL 
_diffrn_detector.type                   'DECTRIS PILATUS 6M' 
_diffrn_detector.pdbx_collection_date   2022-09-24 
_diffrn_detector.diffrn_id              1 
_diffrn_detector.details                ? 
# 
_diffrn_radiation.diffrn_id                        1 
_diffrn_radiation.wavelength_id                    1 
_diffrn_radiation.pdbx_diffrn_protocol             'SINGLE WAVELENGTH' 
_diffrn_radiation.pdbx_monochromatic_or_laue_m_l   ? 
_diffrn_radiation.monochromator                    ? 
_diffrn_radiation.pdbx_scattering_type             x-ray 
# 
_diffrn_radiation_wavelength.id           1 
_diffrn_radiation_wavelength.wavelength   0.92124 
_diffrn_radiation_wavelength.wt           1.0 
# 
_diffrn_source.diffrn_id                   1 
_diffrn_source.source                      SYNCHROTRON 
_diffrn_source.type                        'DIAMOND BEAMLINE I04-1' 
_diffrn_source.pdbx_wavelength_list        0.92124 
_diffrn_source.pdbx_synchrotron_site       Diamond 
_diffrn_source.pdbx_synchrotron_beamline   I04-1 
_diffrn_source.pdbx_wavelength             ? 
# 
_reflns.entry_id                     7FV6 
_reflns.pdbx_diffrn_id               1 
_reflns.pdbx_ordinal                 1 
_reflns.observed_criterion_sigma_I   ? 
_reflns.observed_criterion_sigma_F   ? 
_reflns.d_resolution_low             55.630 
_reflns.d_resolution_high            1.190 
_reflns.number_obs                   33704 
_reflns.number_all                   ? 
_reflns.percent_possible_obs         84.000 
_reflns.pdbx_Rmerge_I_obs            0.096 
_reflns.pdbx_Rsym_value              ? 
_reflns.pdbx_netI_over_sigmaI        20.600 
_reflns.B_iso_Wilson_estimate        ? 
_reflns.pdbx_redundancy              5.100 
_reflns.pdbx_Rrim_I_all              0.107 
_reflns.pdbx_Rpim_I_all              0.045 
_reflns.pdbx_CC_half                 0.970 
_reflns.pdbx_netI_over_av_sigmaI     ? 
_reflns.pdbx_number_measured_all     172626 
_reflns.pdbx_scaling_rejects         0 
_reflns.pdbx_chi_squared             ? 
_reflns.Rmerge_F_all                 ? 
_reflns.Rmerge_F_obs                 ? 
_reflns.observed_criterion_F_max     ? 
_reflns.observed_criterion_F_min     ? 
_reflns.observed_criterion_I_max     ? 
_reflns.observed_criterion_I_min     ? 
_reflns.pdbx_d_res_high_opt          ? 
_reflns.pdbx_d_res_low_opt           ? 
_reflns.details                      ? 
# 
loop_
_reflns_shell.pdbx_diffrn_id 
_reflns_shell.pdbx_ordinal 
_reflns_shell.d_res_high 
_reflns_shell.d_res_low 
_reflns_shell.number_measured_obs 
_reflns_shell.number_measured_all 
_reflns_shell.number_unique_obs 
_reflns_shell.pdbx_rejects 
_reflns_shell.Rmerge_I_obs 
_reflns_shell.meanI_over_sigI_obs 
_reflns_shell.pdbx_Rsym_value 
_reflns_shell.pdbx_chi_squared 
_reflns_shell.pdbx_redundancy 
_reflns_shell.percent_possible_obs 
_reflns_shell.pdbx_netI_over_sigmaI_obs 
_reflns_shell.number_possible 
_reflns_shell.number_unique_all 
_reflns_shell.Rmerge_F_all 
_reflns_shell.Rmerge_F_obs 
_reflns_shell.Rmerge_I_all 
_reflns_shell.meanI_over_sigI_all 
_reflns_shell.percent_possible_all 
_reflns_shell.pdbx_Rrim_I_all 
_reflns_shell.pdbx_Rpim_I_all 
_reflns_shell.pdbx_CC_half 
1 1 1.190 1.210  ? 561  ? ? 0.439 ? ? ? 1.300 ? 2.600  ? 437 ? ? ? ? 22.600 0.613 0.427 0.811 
1 2 6.520 55.630 ? 1417 ? ? 0.167 ? ? ? 5.100 ? 40.000 ? 279 ? ? ? ? 99.800 0.193 0.094 0.918 
# 
_refine.entry_id                                 7FV6 
_refine.pdbx_refine_id                           'X-RAY DIFFRACTION' 
_refine.ls_d_res_high                            1.1900 
_refine.ls_d_res_low                             55.6300 
_refine.pdbx_ls_sigma_F                          0.000 
_refine.pdbx_data_cutoff_high_absF               ? 
_refine.pdbx_data_cutoff_low_absF                ? 
_refine.ls_percent_reflns_obs                    83.6300 
_refine.ls_number_reflns_obs                     31899 
_refine.ls_number_reflns_all                     ? 
_refine.pdbx_ls_cross_valid_method               THROUGHOUT 
_refine.ls_matrix_type                           ? 
_refine.pdbx_R_Free_selection_details            RANDOM 
_refine.details                                  
'HYDROGENS HAVE BEEN ADDED IN THE RIDING POSITIONS U VALUES      : REFINED INDIVIDUALLY' 
_refine.ls_R_factor_all                          ? 
_refine.ls_R_factor_obs                          0.1759 
_refine.ls_R_factor_R_work                       0.1752 
_refine.ls_wR_factor_R_work                      ? 
_refine.ls_R_factor_R_free                       0.1903 
_refine.ls_wR_factor_R_free                      ? 
_refine.ls_percent_reflns_R_free                 5.0000 
_refine.ls_number_reflns_R_free                  1679 
_refine.ls_number_reflns_R_work                  ? 
_refine.ls_R_factor_R_free_error                 ? 
_refine.B_iso_mean                               17.3350 
_refine.solvent_model_param_bsol                 ? 
_refine.solvent_model_param_ksol                 ? 
_refine.pdbx_isotropic_thermal_model             ? 
_refine.aniso_B[1][1]                            -0.0900 
_refine.aniso_B[2][2]                            0.8900 
_refine.aniso_B[3][3]                            -0.8500 
_refine.aniso_B[1][2]                            -0.0000 
_refine.aniso_B[1][3]                            0.2900 
_refine.aniso_B[2][3]                            0.0000 
_refine.correlation_coeff_Fo_to_Fc               0.9570 
_refine.correlation_coeff_Fo_to_Fc_free          0.9570 
_refine.overall_SU_R_Cruickshank_DPI             ? 
_refine.pdbx_overall_SU_R_free_Cruickshank_DPI   ? 
_refine.pdbx_overall_SU_R_Blow_DPI               ? 
_refine.pdbx_overall_SU_R_free_Blow_DPI          ? 
_refine.overall_SU_R_free                        ? 
_refine.pdbx_overall_ESU_R                       0.0800 
_refine.pdbx_overall_ESU_R_Free                  0.0710 
_refine.overall_SU_ML                            0.0570 
_refine.overall_SU_B                             1.3460 
_refine.solvent_model_details                    MASK 
_refine.pdbx_solvent_vdw_probe_radii             1.2000 
_refine.pdbx_solvent_ion_probe_radii             0.8000 
_refine.pdbx_solvent_shrinkage_radii             0.8000 
_refine.ls_number_parameters                     ? 
_refine.ls_number_restraints                     ? 
_refine.pdbx_starting_model                      7av9 
_refine.pdbx_method_to_determine_struct          'FOURIER SYNTHESIS' 
_refine.pdbx_stereochemistry_target_values       'MAXIMUM LIKELIHOOD' 
_refine.pdbx_stereochem_target_val_spec_case     ? 
_refine.overall_FOM_work_R_set                   ? 
_refine.B_iso_max                                59.100 
_refine.B_iso_min                                9.150 
_refine.pdbx_overall_phase_error                 ? 
_refine.occupancy_max                            ? 
_refine.occupancy_min                            ? 
_refine.pdbx_diffrn_id                           1 
_refine.pdbx_TLS_residual_ADP_flag               ? 
_refine.pdbx_ls_sigma_I                          ? 
_refine.pdbx_data_cutoff_high_rms_absF           ? 
_refine.ls_R_factor_R_free_error_details         ? 
# 
_refine_hist.cycle_id                         final 
_refine_hist.pdbx_refine_id                   'X-RAY DIFFRACTION' 
_refine_hist.d_res_high                       1.1900 
_refine_hist.d_res_low                        55.6300 
_refine_hist.pdbx_number_atoms_ligand         25 
_refine_hist.number_atoms_solvent             210 
_refine_hist.number_atoms_total               1238 
_refine_hist.pdbx_number_residues_total       121 
_refine_hist.pdbx_B_iso_mean_ligand           17.88 
_refine_hist.pdbx_B_iso_mean_solvent          27.87 
_refine_hist.pdbx_number_atoms_protein        1003 
_refine_hist.pdbx_number_atoms_nucleic_acid   0 
# 
loop_
_refine_ls_restr.pdbx_refine_id 
_refine_ls_restr.type 
_refine_ls_restr.number 
_refine_ls_restr.dev_ideal 
_refine_ls_restr.dev_ideal_target 
_refine_ls_restr.weight 
_refine_ls_restr.pdbx_restraint_function 
'X-RAY DIFFRACTION' r_bond_refined_d       3364 0.008  0.015  ? ? 
'X-RAY DIFFRACTION' r_bond_other_d         2204 0.001  0.014  ? ? 
'X-RAY DIFFRACTION' r_angle_refined_deg    3346 1.625  1.676  ? ? 
'X-RAY DIFFRACTION' r_angle_other_deg      5144 1.417  1.587  ? ? 
'X-RAY DIFFRACTION' r_dihedral_angle_1_deg 303  6.014  5.000  ? ? 
'X-RAY DIFFRACTION' r_dihedral_angle_2_deg 143  23.465 20.629 ? ? 
'X-RAY DIFFRACTION' r_dihedral_angle_3_deg 410  13.017 15.000 ? ? 
'X-RAY DIFFRACTION' r_dihedral_angle_4_deg 21   11.745 15.000 ? ? 
'X-RAY DIFFRACTION' r_chiral_restr         311  0.084  0.200  ? ? 
'X-RAY DIFFRACTION' r_gen_planes_refined   2856 0.008  0.020  ? ? 
'X-RAY DIFFRACTION' r_gen_planes_other     592  0.002  0.020  ? ? 
'X-RAY DIFFRACTION' r_mcbond_it            1593 1.221  1.692  ? ? 
'X-RAY DIFFRACTION' r_mcbond_other         1522 1.245  1.631  ? ? 
'X-RAY DIFFRACTION' r_mcangle_it           1463 2.458  2.375  ? ? 
# 
_refine_ls_shell.d_res_high                       1.1900 
_refine_ls_shell.d_res_low                        1.2210 
_refine_ls_shell.pdbx_total_number_of_bins_used   20 
_refine_ls_shell.percent_reflns_obs               21.5900 
_refine_ls_shell.number_reflns_R_work             594 
_refine_ls_shell.R_factor_all                     ? 
_refine_ls_shell.R_factor_R_work                  0.2630 
_refine_ls_shell.R_factor_R_free                  0.1870 
_refine_ls_shell.percent_reflns_R_free            ? 
_refine_ls_shell.number_reflns_R_free             27 
_refine_ls_shell.R_factor_R_free_error            ? 
_refine_ls_shell.number_reflns_all                621 
_refine_ls_shell.number_reflns_obs                ? 
_refine_ls_shell.pdbx_refine_id                   'X-RAY DIFFRACTION' 
# 
_struct.entry_id                  7FV6 
_struct.title                     'PanDDA analysis group deposition -- PHIP in complex with Z1334218055' 
_struct.pdbx_model_details        ? 
_struct.pdbx_CASP_flag            ? 
_struct.pdbx_model_type_details   ? 
# 
_struct_keywords.entry_id        7FV6 
_struct_keywords.text            
'False negatives, ligand features, rescreening, catalogue, fragment follow-ups, automated chemistry, SIGNALING PROTEIN' 
_struct_keywords.pdbx_keywords   'SIGNALING PROTEIN' 
# 
loop_
_struct_asym.id 
_struct_asym.pdbx_blank_PDB_chainid_flag 
_struct_asym.pdbx_modified 
_struct_asym.entity_id 
_struct_asym.details 
A N N 1 ? 
B N N 2 ? 
C N N 3 ? 
# 
_struct_ref.id                         1 
_struct_ref.db_name                    UNP 
_struct_ref.db_code                    PHIP_HUMAN 
_struct_ref.pdbx_db_accession          Q8WWQ0 
_struct_ref.pdbx_db_isoform            ? 
_struct_ref.entity_id                  1 
_struct_ref.pdbx_seq_one_letter_code   
;SYDIQAWKKQCEELLNLIFQCEDSEPFRQPVDLLEYPDYRDIIDTPMDFATVRETLEAGNYESPMELCKDVRLIFSNSKA
YTPSKRSRIYSMSLRLSAFFEEHISSVLSDYKSALRFHKRNTITKR
;
_struct_ref.pdbx_align_begin           1315 
# 
_struct_ref_seq.align_id                      1 
_struct_ref_seq.ref_id                        1 
_struct_ref_seq.pdbx_PDB_id_code              7FV6 
_struct_ref_seq.pdbx_strand_id                A 
_struct_ref_seq.seq_align_beg                 24 
_struct_ref_seq.pdbx_seq_align_beg_ins_code   ? 
_struct_ref_seq.seq_align_end                 149 
_struct_ref_seq.pdbx_seq_align_end_ins_code   ? 
_struct_ref_seq.pdbx_db_accession             Q8WWQ0 
_struct_ref_seq.db_align_beg                  1315 
_struct_ref_seq.pdbx_db_align_beg_ins_code    ? 
_struct_ref_seq.db_align_end                  1440 
_struct_ref_seq.pdbx_db_align_end_ins_code    ? 
_struct_ref_seq.pdbx_auth_seq_align_beg       1315 
_struct_ref_seq.pdbx_auth_seq_align_end       1440 
# 
loop_
_struct_ref_seq_dif.align_id 
_struct_ref_seq_dif.pdbx_pdb_id_code 
_struct_ref_seq_dif.mon_id 
_struct_ref_seq_dif.pdbx_pdb_strand_id 
_struct_ref_seq_dif.seq_num 
_struct_ref_seq_dif.pdbx_pdb_ins_code 
_struct_ref_seq_dif.pdbx_seq_db_name 
_struct_ref_seq_dif.pdbx_seq_db_accession_code 
_struct_ref_seq_dif.db_mon_id 
_struct_ref_seq_dif.pdbx_seq_db_seq_num 
_struct_ref_seq_dif.details 
_struct_ref_seq_dif.pdbx_auth_seq_num 
_struct_ref_seq_dif.pdbx_ordinal 
1 7FV6 MET A 1  ? UNP Q8WWQ0 ? ? 'initiating methionine' 1292 1  
1 7FV6 HIS A 2  ? UNP Q8WWQ0 ? ? 'expression tag'        1293 2  
1 7FV6 HIS A 3  ? UNP Q8WWQ0 ? ? 'expression tag'        1294 3  
1 7FV6 HIS A 4  ? UNP Q8WWQ0 ? ? 'expression tag'        1295 4  
1 7FV6 HIS A 5  ? UNP Q8WWQ0 ? ? 'expression tag'        1296 5  
1 7FV6 HIS A 6  ? UNP Q8WWQ0 ? ? 'expression tag'        1297 6  
1 7FV6 HIS A 7  ? UNP Q8WWQ0 ? ? 'expression tag'        1298 7  
1 7FV6 SER A 8  ? UNP Q8WWQ0 ? ? 'expression tag'        1299 8  
1 7FV6 SER A 9  ? UNP Q8WWQ0 ? ? 'expression tag'        1300 9  
1 7FV6 GLY A 10 ? UNP Q8WWQ0 ? ? 'expression tag'        1301 10 
1 7FV6 VAL A 11 ? UNP Q8WWQ0 ? ? 'expression tag'        1302 11 
1 7FV6 ASP A 12 ? UNP Q8WWQ0 ? ? 'expression tag'        1303 12 
1 7FV6 LEU A 13 ? UNP Q8WWQ0 ? ? 'expression tag'        1304 13 
1 7FV6 GLY A 14 ? UNP Q8WWQ0 ? ? 'expression tag'        1305 14 
1 7FV6 THR A 15 ? UNP Q8WWQ0 ? ? 'expression tag'        1306 15 
1 7FV6 GLU A 16 ? UNP Q8WWQ0 ? ? 'expression tag'        1307 16 
1 7FV6 ASN A 17 ? UNP Q8WWQ0 ? ? 'expression tag'        1308 17 
1 7FV6 LEU A 18 ? UNP Q8WWQ0 ? ? 'expression tag'        1309 18 
1 7FV6 TYR A 19 ? UNP Q8WWQ0 ? ? 'expression tag'        1310 19 
1 7FV6 PHE A 20 ? UNP Q8WWQ0 ? ? 'expression tag'        1311 20 
1 7FV6 GLN A 21 ? UNP Q8WWQ0 ? ? 'expression tag'        1312 21 
1 7FV6 SER A 22 ? UNP Q8WWQ0 ? ? 'expression tag'        1313 22 
1 7FV6 MET A 23 ? UNP Q8WWQ0 ? ? 'expression tag'        1314 23 
# 
_pdbx_struct_assembly.id                   1 
_pdbx_struct_assembly.details              author_and_software_defined_assembly 
_pdbx_struct_assembly.method_details       PISA 
_pdbx_struct_assembly.oligomeric_details   monomeric 
_pdbx_struct_assembly.oligomeric_count     1 
# 
_pdbx_struct_assembly_gen.assembly_id       1 
_pdbx_struct_assembly_gen.oper_expression   1 
_pdbx_struct_assembly_gen.asym_id_list      A,B,C 
# 
_pdbx_struct_oper_list.id                   1 
_pdbx_struct_oper_list.type                 'identity operation' 
_pdbx_struct_oper_list.name                 1_555 
_pdbx_struct_oper_list.symmetry_operation   x,y,z 
_pdbx_struct_oper_list.matrix[1][1]         1.0000000000 
_pdbx_struct_oper_list.matrix[1][2]         0.0000000000 
_pdbx_struct_oper_list.matrix[1][3]         0.0000000000 
_pdbx_struct_oper_list.vector[1]            0.0000000000 
_pdbx_struct_oper_list.matrix[2][1]         0.0000000000 
_pdbx_struct_oper_list.matrix[2][2]         1.0000000000 
_pdbx_struct_oper_list.matrix[2][3]         0.0000000000 
_pdbx_struct_oper_list.vector[2]            0.0000000000 
_pdbx_struct_oper_list.matrix[3][1]         0.0000000000 
_pdbx_struct_oper_list.matrix[3][2]         0.0000000000 
_pdbx_struct_oper_list.matrix[3][3]         1.0000000000 
_pdbx_struct_oper_list.vector[3]            0.0000000000 
# 
loop_
_struct_conf.conf_type_id 
_struct_conf.id 
_struct_conf.pdbx_PDB_helix_id 
_struct_conf.beg_label_comp_id 
_struct_conf.beg_label_asym_id 
_struct_conf.beg_label_seq_id 
_struct_conf.pdbx_beg_PDB_ins_code 
_struct_conf.end_label_comp_id 
_struct_conf.end_label_asym_id 
_struct_conf.end_label_seq_id 
_struct_conf.pdbx_end_PDB_ins_code 
_struct_conf.beg_auth_comp_id 
_struct_conf.beg_auth_asym_id 
_struct_conf.beg_auth_seq_id 
_struct_conf.end_auth_comp_id 
_struct_conf.end_auth_asym_id 
_struct_conf.end_auth_seq_id 
_struct_conf.pdbx_PDB_helix_class 
_struct_conf.details 
_struct_conf.pdbx_PDB_helix_length 
HELX_P HELX_P1 AA1 ALA A 29  ? CYS A 44  ? ALA A 1320 CYS A 1335 1 ? 16 
HELX_P HELX_P2 AA2 GLU A 45  ? ARG A 51  ? GLU A 1336 ARG A 1342 5 ? 7  
HELX_P HELX_P3 AA3 ASP A 61  ? ILE A 66  ? ASP A 1352 ILE A 1357 1 ? 6  
HELX_P HELX_P4 AA4 ASP A 71  ? ALA A 81  ? ASP A 1362 ALA A 1372 1 ? 11 
HELX_P HELX_P5 AA5 SER A 86  ? THR A 105 ? SER A 1377 THR A 1396 1 ? 20 
HELX_P HELX_P6 AA6 SER A 110 ? LYS A 142 ? SER A 1401 LYS A 1433 1 ? 33 
# 
_struct_conf_type.id          HELX_P 
_struct_conf_type.criteria    ? 
_struct_conf_type.reference   ? 
# 
loop_
_pdbx_validate_close_contact.id 
_pdbx_validate_close_contact.PDB_model_num 
_pdbx_validate_close_contact.auth_atom_id_1 
_pdbx_validate_close_contact.auth_asym_id_1 
_pdbx_validate_close_contact.auth_comp_id_1 
_pdbx_validate_close_contact.auth_seq_id_1 
_pdbx_validate_close_contact.PDB_ins_code_1 
_pdbx_validate_close_contact.label_alt_id_1 
_pdbx_validate_close_contact.auth_atom_id_2 
_pdbx_validate_close_contact.auth_asym_id_2 
_pdbx_validate_close_contact.auth_comp_id_2 
_pdbx_validate_close_contact.auth_seq_id_2 
_pdbx_validate_close_contact.PDB_ins_code_2 
_pdbx_validate_close_contact.label_alt_id_2 
_pdbx_validate_close_contact.dist 
1 1 O A HOH 2031 ? ? O A HOH 2142 ? ? 2.05 
2 1 O A HOH 2061 ? ? O A HOH 2069 ? ? 2.06 
3 1 O A HOH 2161 ? ? O A HOH 2199 ? ? 2.19 
# 
_pdbx_validate_rmsd_bond.id                        1 
_pdbx_validate_rmsd_bond.PDB_model_num             1 
_pdbx_validate_rmsd_bond.auth_atom_id_1            CD 
_pdbx_validate_rmsd_bond.auth_asym_id_1            A 
_pdbx_validate_rmsd_bond.auth_comp_id_1            GLU 
_pdbx_validate_rmsd_bond.auth_seq_id_1             1371 
_pdbx_validate_rmsd_bond.PDB_ins_code_1            ? 
_pdbx_validate_rmsd_bond.label_alt_id_1            ? 
_pdbx_validate_rmsd_bond.auth_atom_id_2            OE2 
_pdbx_validate_rmsd_bond.auth_asym_id_2            A 
_pdbx_validate_rmsd_bond.auth_comp_id_2            GLU 
_pdbx_validate_rmsd_bond.auth_seq_id_2             1371 
_pdbx_validate_rmsd_bond.PDB_ins_code_2            ? 
_pdbx_validate_rmsd_bond.label_alt_id_2            ? 
_pdbx_validate_rmsd_bond.bond_value                1.338 
_pdbx_validate_rmsd_bond.bond_target_value         1.252 
_pdbx_validate_rmsd_bond.bond_deviation            0.086 
_pdbx_validate_rmsd_bond.bond_standard_deviation   0.011 
_pdbx_validate_rmsd_bond.linker_flag               N 
# 
_pdbx_validate_rmsd_angle.id                         1 
_pdbx_validate_rmsd_angle.PDB_model_num              1 
_pdbx_validate_rmsd_angle.auth_atom_id_1             NE 
_pdbx_validate_rmsd_angle.auth_asym_id_1             A 
_pdbx_validate_rmsd_angle.auth_comp_id_1             ARG 
_pdbx_validate_rmsd_angle.auth_seq_id_1              1409 
_pdbx_validate_rmsd_angle.PDB_ins_code_1             ? 
_pdbx_validate_rmsd_angle.label_alt_id_1             ? 
_pdbx_validate_rmsd_angle.auth_atom_id_2             CZ 
_pdbx_validate_rmsd_angle.auth_asym_id_2             A 
_pdbx_validate_rmsd_angle.auth_comp_id_2             ARG 
_pdbx_validate_rmsd_angle.auth_seq_id_2              1409 
_pdbx_validate_rmsd_angle.PDB_ins_code_2             ? 
_pdbx_validate_rmsd_angle.label_alt_id_2             ? 
_pdbx_validate_rmsd_angle.auth_atom_id_3             NH2 
_pdbx_validate_rmsd_angle.auth_asym_id_3             A 
_pdbx_validate_rmsd_angle.auth_comp_id_3             ARG 
_pdbx_validate_rmsd_angle.auth_seq_id_3              1409 
_pdbx_validate_rmsd_angle.PDB_ins_code_3             ? 
_pdbx_validate_rmsd_angle.label_alt_id_3             ? 
_pdbx_validate_rmsd_angle.angle_value                117.24 
_pdbx_validate_rmsd_angle.angle_target_value         120.30 
_pdbx_validate_rmsd_angle.angle_deviation            -3.06 
_pdbx_validate_rmsd_angle.angle_standard_deviation   0.50 
_pdbx_validate_rmsd_angle.linker_flag                N 
# 
_pdbx_struct_special_symmetry.id              1 
_pdbx_struct_special_symmetry.PDB_model_num   1 
_pdbx_struct_special_symmetry.auth_asym_id    A 
_pdbx_struct_special_symmetry.auth_comp_id    HOH 
_pdbx_struct_special_symmetry.auth_seq_id     2203 
_pdbx_struct_special_symmetry.PDB_ins_code    ? 
_pdbx_struct_special_symmetry.label_asym_id   C 
_pdbx_struct_special_symmetry.label_comp_id   HOH 
_pdbx_struct_special_symmetry.label_seq_id    . 
# 
_phasing.method   MR 
# 
_pdbx_entry_details.entry_id                 7FV6 
_pdbx_entry_details.compound_details         ? 
_pdbx_entry_details.source_details           ? 
_pdbx_entry_details.nonpolymer_details       ? 
_pdbx_entry_details.sequence_details         ? 
_pdbx_entry_details.has_ligand_of_interest   Y 
# 
loop_
_pdbx_unobs_or_zero_occ_residues.id 
_pdbx_unobs_or_zero_occ_residues.PDB_model_num 
_pdbx_unobs_or_zero_occ_residues.polymer_flag 
_pdbx_unobs_or_zero_occ_residues.occupancy_flag 
_pdbx_unobs_or_zero_occ_residues.auth_asym_id 
_pdbx_unobs_or_zero_occ_residues.auth_comp_id 
_pdbx_unobs_or_zero_occ_residues.auth_seq_id 
_pdbx_unobs_or_zero_occ_residues.PDB_ins_code 
_pdbx_unobs_or_zero_occ_residues.label_asym_id 
_pdbx_unobs_or_zero_occ_residues.label_comp_id 
_pdbx_unobs_or_zero_occ_residues.label_seq_id 
1  1 Y 1 A MET 1292 ? A MET 1   
2  1 Y 1 A HIS 1293 ? A HIS 2   
3  1 Y 1 A HIS 1294 ? A HIS 3   
4  1 Y 1 A HIS 1295 ? A HIS 4   
5  1 Y 1 A HIS 1296 ? A HIS 5   
6  1 Y 1 A HIS 1297 ? A HIS 6   
7  1 Y 1 A HIS 1298 ? A HIS 7   
8  1 Y 1 A SER 1299 ? A SER 8   
9  1 Y 1 A SER 1300 ? A SER 9   
10 1 Y 1 A GLY 1301 ? A GLY 10  
11 1 Y 1 A VAL 1302 ? A VAL 11  
12 1 Y 1 A ASP 1303 ? A ASP 12  
13 1 Y 1 A LEU 1304 ? A LEU 13  
14 1 Y 1 A GLY 1305 ? A GLY 14  
15 1 Y 1 A THR 1306 ? A THR 15  
16 1 Y 1 A GLU 1307 ? A GLU 16  
17 1 Y 1 A ASN 1308 ? A ASN 17  
18 1 Y 1 A LEU 1309 ? A LEU 18  
19 1 Y 1 A TYR 1310 ? A TYR 19  
20 1 Y 1 A PHE 1311 ? A PHE 20  
21 1 Y 1 A GLN 1312 ? A GLN 21  
22 1 Y 1 A SER 1313 ? A SER 22  
23 1 Y 1 A MET 1314 ? A MET 23  
24 1 Y 1 A THR 1436 ? A THR 145 
25 1 Y 1 A ILE 1437 ? A ILE 146 
26 1 Y 1 A THR 1438 ? A THR 147 
27 1 Y 1 A LYS 1439 ? A LYS 148 
28 1 Y 1 A ARG 1440 ? A ARG 149 
# 
loop_
_chem_comp_atom.comp_id 
_chem_comp_atom.atom_id 
_chem_comp_atom.type_symbol 
_chem_comp_atom.pdbx_aromatic_flag 
_chem_comp_atom.pdbx_stereo_config 
_chem_comp_atom.pdbx_ordinal 
ALA N    N N N 1   
ALA CA   C N S 2   
ALA C    C N N 3   
ALA O    O N N 4   
ALA CB   C N N 5   
ALA OXT  O N N 6   
ALA H    H N N 7   
ALA H2   H N N 8   
ALA HA   H N N 9   
ALA HB1  H N N 10  
ALA HB2  H N N 11  
ALA HB3  H N N 12  
ALA HXT  H N N 13  
ARG N    N N N 14  
ARG CA   C N S 15  
ARG C    C N N 16  
ARG O    O N N 17  
ARG CB   C N N 18  
ARG CG   C N N 19  
ARG CD   C N N 20  
ARG NE   N N N 21  
ARG CZ   C N N 22  
ARG NH1  N N N 23  
ARG NH2  N N N 24  
ARG OXT  O N N 25  
ARG H    H N N 26  
ARG H2   H N N 27  
ARG HA   H N N 28  
ARG HB2  H N N 29  
ARG HB3  H N N 30  
ARG HG2  H N N 31  
ARG HG3  H N N 32  
ARG HD2  H N N 33  
ARG HD3  H N N 34  
ARG HE   H N N 35  
ARG HH11 H N N 36  
ARG HH12 H N N 37  
ARG HH21 H N N 38  
ARG HH22 H N N 39  
ARG HXT  H N N 40  
ASN N    N N N 41  
ASN CA   C N S 42  
ASN C    C N N 43  
ASN O    O N N 44  
ASN CB   C N N 45  
ASN CG   C N N 46  
ASN OD1  O N N 47  
ASN ND2  N N N 48  
ASN OXT  O N N 49  
ASN H    H N N 50  
ASN H2   H N N 51  
ASN HA   H N N 52  
ASN HB2  H N N 53  
ASN HB3  H N N 54  
ASN HD21 H N N 55  
ASN HD22 H N N 56  
ASN HXT  H N N 57  
ASP N    N N N 58  
ASP CA   C N S 59  
ASP C    C N N 60  
ASP O    O N N 61  
ASP CB   C N N 62  
ASP CG   C N N 63  
ASP OD1  O N N 64  
ASP OD2  O N N 65  
ASP OXT  O N N 66  
ASP H    H N N 67  
ASP H2   H N N 68  
ASP HA   H N N 69  
ASP HB2  H N N 70  
ASP HB3  H N N 71  
ASP HD2  H N N 72  
ASP HXT  H N N 73  
CYS N    N N N 74  
CYS CA   C N R 75  
CYS C    C N N 76  
CYS O    O N N 77  
CYS CB   C N N 78  
CYS SG   S N N 79  
CYS OXT  O N N 80  
CYS H    H N N 81  
CYS H2   H N N 82  
CYS HA   H N N 83  
CYS HB2  H N N 84  
CYS HB3  H N N 85  
CYS HG   H N N 86  
CYS HXT  H N N 87  
GLN N    N N N 88  
GLN CA   C N S 89  
GLN C    C N N 90  
GLN O    O N N 91  
GLN CB   C N N 92  
GLN CG   C N N 93  
GLN CD   C N N 94  
GLN OE1  O N N 95  
GLN NE2  N N N 96  
GLN OXT  O N N 97  
GLN H    H N N 98  
GLN H2   H N N 99  
GLN HA   H N N 100 
GLN HB2  H N N 101 
GLN HB3  H N N 102 
GLN HG2  H N N 103 
GLN HG3  H N N 104 
GLN HE21 H N N 105 
GLN HE22 H N N 106 
GLN HXT  H N N 107 
GLU N    N N N 108 
GLU CA   C N S 109 
GLU C    C N N 110 
GLU O    O N N 111 
GLU CB   C N N 112 
GLU CG   C N N 113 
GLU CD   C N N 114 
GLU OE1  O N N 115 
GLU OE2  O N N 116 
GLU OXT  O N N 117 
GLU H    H N N 118 
GLU H2   H N N 119 
GLU HA   H N N 120 
GLU HB2  H N N 121 
GLU HB3  H N N 122 
GLU HG2  H N N 123 
GLU HG3  H N N 124 
GLU HE2  H N N 125 
GLU HXT  H N N 126 
GLY N    N N N 127 
GLY CA   C N N 128 
GLY C    C N N 129 
GLY O    O N N 130 
GLY OXT  O N N 131 
GLY H    H N N 132 
GLY H2   H N N 133 
GLY HA2  H N N 134 
GLY HA3  H N N 135 
GLY HXT  H N N 136 
HIS N    N N N 137 
HIS CA   C N S 138 
HIS C    C N N 139 
HIS O    O N N 140 
HIS CB   C N N 141 
HIS CG   C Y N 142 
HIS ND1  N Y N 143 
HIS CD2  C Y N 144 
HIS CE1  C Y N 145 
HIS NE2  N Y N 146 
HIS OXT  O N N 147 
HIS H    H N N 148 
HIS H2   H N N 149 
HIS HA   H N N 150 
HIS HB2  H N N 151 
HIS HB3  H N N 152 
HIS HD1  H N N 153 
HIS HD2  H N N 154 
HIS HE1  H N N 155 
HIS HE2  H N N 156 
HIS HXT  H N N 157 
HOH O    O N N 158 
HOH H1   H N N 159 
HOH H2   H N N 160 
ILE N    N N N 161 
ILE CA   C N S 162 
ILE C    C N N 163 
ILE O    O N N 164 
ILE CB   C N S 165 
ILE CG1  C N N 166 
ILE CG2  C N N 167 
ILE CD1  C N N 168 
ILE OXT  O N N 169 
ILE H    H N N 170 
ILE H2   H N N 171 
ILE HA   H N N 172 
ILE HB   H N N 173 
ILE HG12 H N N 174 
ILE HG13 H N N 175 
ILE HG21 H N N 176 
ILE HG22 H N N 177 
ILE HG23 H N N 178 
ILE HD11 H N N 179 
ILE HD12 H N N 180 
ILE HD13 H N N 181 
ILE HXT  H N N 182 
LEU N    N N N 183 
LEU CA   C N S 184 
LEU C    C N N 185 
LEU O    O N N 186 
LEU CB   C N N 187 
LEU CG   C N N 188 
LEU CD1  C N N 189 
LEU CD2  C N N 190 
LEU OXT  O N N 191 
LEU H    H N N 192 
LEU H2   H N N 193 
LEU HA   H N N 194 
LEU HB2  H N N 195 
LEU HB3  H N N 196 
LEU HG   H N N 197 
LEU HD11 H N N 198 
LEU HD12 H N N 199 
LEU HD13 H N N 200 
LEU HD21 H N N 201 
LEU HD22 H N N 202 
LEU HD23 H N N 203 
LEU HXT  H N N 204 
LYS N    N N N 205 
LYS CA   C N S 206 
LYS C    C N N 207 
LYS O    O N N 208 
LYS CB   C N N 209 
LYS CG   C N N 210 
LYS CD   C N N 211 
LYS CE   C N N 212 
LYS NZ   N N N 213 
LYS OXT  O N N 214 
LYS H    H N N 215 
LYS H2   H N N 216 
LYS HA   H N N 217 
LYS HB2  H N N 218 
LYS HB3  H N N 219 
LYS HG2  H N N 220 
LYS HG3  H N N 221 
LYS HD2  H N N 222 
LYS HD3  H N N 223 
LYS HE2  H N N 224 
LYS HE3  H N N 225 
LYS HZ1  H N N 226 
LYS HZ2  H N N 227 
LYS HZ3  H N N 228 
LYS HXT  H N N 229 
MET N    N N N 230 
MET CA   C N S 231 
MET C    C N N 232 
MET O    O N N 233 
MET CB   C N N 234 
MET CG   C N N 235 
MET SD   S N N 236 
MET CE   C N N 237 
MET OXT  O N N 238 
MET H    H N N 239 
MET H2   H N N 240 
MET HA   H N N 241 
MET HB2  H N N 242 
MET HB3  H N N 243 
MET HG2  H N N 244 
MET HG3  H N N 245 
MET HE1  H N N 246 
MET HE2  H N N 247 
MET HE3  H N N 248 
MET HXT  H N N 249 
PHE N    N N N 250 
PHE CA   C N S 251 
PHE C    C N N 252 
PHE O    O N N 253 
PHE CB   C N N 254 
PHE CG   C Y N 255 
PHE CD1  C Y N 256 
PHE CD2  C Y N 257 
PHE CE1  C Y N 258 
PHE CE2  C Y N 259 
PHE CZ   C Y N 260 
PHE OXT  O N N 261 
PHE H    H N N 262 
PHE H2   H N N 263 
PHE HA   H N N 264 
PHE HB2  H N N 265 
PHE HB3  H N N 266 
PHE HD1  H N N 267 
PHE HD2  H N N 268 
PHE HE1  H N N 269 
PHE HE2  H N N 270 
PHE HZ   H N N 271 
PHE HXT  H N N 272 
PRO N    N N N 273 
PRO CA   C N S 274 
PRO C    C N N 275 
PRO O    O N N 276 
PRO CB   C N N 277 
PRO CG   C N N 278 
PRO CD   C N N 279 
PRO OXT  O N N 280 
PRO H    H N N 281 
PRO HA   H N N 282 
PRO HB2  H N N 283 
PRO HB3  H N N 284 
PRO HG2  H N N 285 
PRO HG3  H N N 286 
PRO HD2  H N N 287 
PRO HD3  H N N 288 
PRO HXT  H N N 289 
SER N    N N N 290 
SER CA   C N S 291 
SER C    C N N 292 
SER O    O N N 293 
SER CB   C N N 294 
SER OG   O N N 295 
SER OXT  O N N 296 
SER H    H N N 297 
SER H2   H N N 298 
SER HA   H N N 299 
SER HB2  H N N 300 
SER HB3  H N N 301 
SER HG   H N N 302 
SER HXT  H N N 303 
THR N    N N N 304 
THR CA   C N S 305 
THR C    C N N 306 
THR O    O N N 307 
THR CB   C N R 308 
THR OG1  O N N 309 
THR CG2  C N N 310 
THR OXT  O N N 311 
THR H    H N N 312 
THR H2   H N N 313 
THR HA   H N N 314 
THR HB   H N N 315 
THR HG1  H N N 316 
THR HG21 H N N 317 
THR HG22 H N N 318 
THR HG23 H N N 319 
THR HXT  H N N 320 
TRP N    N N N 321 
TRP CA   C N S 322 
TRP C    C N N 323 
TRP O    O N N 324 
TRP CB   C N N 325 
TRP CG   C Y N 326 
TRP CD1  C Y N 327 
TRP CD2  C Y N 328 
TRP NE1  N Y N 329 
TRP CE2  C Y N 330 
TRP CE3  C Y N 331 
TRP CZ2  C Y N 332 
TRP CZ3  C Y N 333 
TRP CH2  C Y N 334 
TRP OXT  O N N 335 
TRP H    H N N 336 
TRP H2   H N N 337 
TRP HA   H N N 338 
TRP HB2  H N N 339 
TRP HB3  H N N 340 
TRP HD1  H N N 341 
TRP HE1  H N N 342 
TRP HE3  H N N 343 
TRP HZ2  H N N 344 
TRP HZ3  H N N 345 
TRP HH2  H N N 346 
TRP HXT  H N N 347 
TYR N    N N N 348 
TYR CA   C N S 349 
TYR C    C N N 350 
TYR O    O N N 351 
TYR CB   C N N 352 
TYR CG   C Y N 353 
TYR CD1  C Y N 354 
TYR CD2  C Y N 355 
TYR CE1  C Y N 356 
TYR CE2  C Y N 357 
TYR CZ   C Y N 358 
TYR OH   O N N 359 
TYR OXT  O N N 360 
TYR H    H N N 361 
TYR H2   H N N 362 
TYR HA   H N N 363 
TYR HB2  H N N 364 
TYR HB3  H N N 365 
TYR HD1  H N N 366 
TYR HD2  H N N 367 
TYR HE1  H N N 368 
TYR HE2  H N N 369 
TYR HH   H N N 370 
TYR HXT  H N N 371 
VAL N    N N N 372 
VAL CA   C N S 373 
VAL C    C N N 374 
VAL O    O N N 375 
VAL CB   C N N 376 
VAL CG1  C N N 377 
VAL CG2  C N N 378 
VAL OXT  O N N 379 
VAL H    H N N 380 
VAL H2   H N N 381 
VAL HA   H N N 382 
VAL HB   H N N 383 
VAL HG11 H N N 384 
VAL HG12 H N N 385 
VAL HG13 H N N 386 
VAL HG21 H N N 387 
VAL HG22 H N N 388 
VAL HG23 H N N 389 
VAL HXT  H N N 390 
ZKZ N1   N N N 391 
ZKZ N3   N N N 392 
ZKZ C4   C N N 393 
ZKZ C5   C N N 394 
ZKZ C6   C N N 395 
ZKZ C7   C N N 396 
ZKZ C8   C Y N 397 
ZKZ C10  C Y N 398 
ZKZ C13  C Y N 399 
ZKZ C15  C Y N 400 
ZKZ C17  C Y N 401 
ZKZ C1   C N N 402 
ZKZ C11  C Y N 403 
ZKZ C12  C N N 404 
ZKZ C14  C Y N 405 
ZKZ C16  C Y N 406 
ZKZ C18  C Y N 407 
ZKZ C2   C N N 408 
ZKZ C3   C N N 409 
ZKZ C9   C Y N 410 
ZKZ N2   N N N 411 
ZKZ O1   O N N 412 
ZKZ O2   O N N 413 
ZKZ O3   O N N 414 
ZKZ O4   O Y N 415 
ZKZ H4   H N N 416 
ZKZ H8   H N N 417 
ZKZ H7   H N N 418 
ZKZ H9   H N N 419 
ZKZ H10  H N N 420 
ZKZ H12  H N N 421 
ZKZ H11  H N N 422 
ZKZ H14  H N N 423 
ZKZ H18  H N N 424 
ZKZ H20  H N N 425 
ZKZ H3   H N N 426 
ZKZ H2   H N N 427 
ZKZ H1   H N N 428 
ZKZ H16  H N N 429 
ZKZ H15  H N N 430 
ZKZ H17  H N N 431 
ZKZ H19  H N N 432 
ZKZ H21  H N N 433 
ZKZ H6   H N N 434 
ZKZ H5   H N N 435 
ZKZ H13  H N N 436 
# 
loop_
_chem_comp_bond.comp_id 
_chem_comp_bond.atom_id_1 
_chem_comp_bond.atom_id_2 
_chem_comp_bond.value_order 
_chem_comp_bond.pdbx_aromatic_flag 
_chem_comp_bond.pdbx_stereo_config 
_chem_comp_bond.pdbx_ordinal 
ALA N   CA   sing N N 1   
ALA N   H    sing N N 2   
ALA N   H2   sing N N 3   
ALA CA  C    sing N N 4   
ALA CA  CB   sing N N 5   
ALA CA  HA   sing N N 6   
ALA C   O    doub N N 7   
ALA C   OXT  sing N N 8   
ALA CB  HB1  sing N N 9   
ALA CB  HB2  sing N N 10  
ALA CB  HB3  sing N N 11  
ALA OXT HXT  sing N N 12  
ARG N   CA   sing N N 13  
ARG N   H    sing N N 14  
ARG N   H2   sing N N 15  
ARG CA  C    sing N N 16  
ARG CA  CB   sing N N 17  
ARG CA  HA   sing N N 18  
ARG C   O    doub N N 19  
ARG C   OXT  sing N N 20  
ARG CB  CG   sing N N 21  
ARG CB  HB2  sing N N 22  
ARG CB  HB3  sing N N 23  
ARG CG  CD   sing N N 24  
ARG CG  HG2  sing N N 25  
ARG CG  HG3  sing N N 26  
ARG CD  NE   sing N N 27  
ARG CD  HD2  sing N N 28  
ARG CD  HD3  sing N N 29  
ARG NE  CZ   sing N N 30  
ARG NE  HE   sing N N 31  
ARG CZ  NH1  sing N N 32  
ARG CZ  NH2  doub N N 33  
ARG NH1 HH11 sing N N 34  
ARG NH1 HH12 sing N N 35  
ARG NH2 HH21 sing N N 36  
ARG NH2 HH22 sing N N 37  
ARG OXT HXT  sing N N 38  
ASN N   CA   sing N N 39  
ASN N   H    sing N N 40  
ASN N   H2   sing N N 41  
ASN CA  C    sing N N 42  
ASN CA  CB   sing N N 43  
ASN CA  HA   sing N N 44  
ASN C   O    doub N N 45  
ASN C   OXT  sing N N 46  
ASN CB  CG   sing N N 47  
ASN CB  HB2  sing N N 48  
ASN CB  HB3  sing N N 49  
ASN CG  OD1  doub N N 50  
ASN CG  ND2  sing N N 51  
ASN ND2 HD21 sing N N 52  
ASN ND2 HD22 sing N N 53  
ASN OXT HXT  sing N N 54  
ASP N   CA   sing N N 55  
ASP N   H    sing N N 56  
ASP N   H2   sing N N 57  
ASP CA  C    sing N N 58  
ASP CA  CB   sing N N 59  
ASP CA  HA   sing N N 60  
ASP C   O    doub N N 61  
ASP C   OXT  sing N N 62  
ASP CB  CG   sing N N 63  
ASP CB  HB2  sing N N 64  
ASP CB  HB3  sing N N 65  
ASP CG  OD1  doub N N 66  
ASP CG  OD2  sing N N 67  
ASP OD2 HD2  sing N N 68  
ASP OXT HXT  sing N N 69  
CYS N   CA   sing N N 70  
CYS N   H    sing N N 71  
CYS N   H2   sing N N 72  
CYS CA  C    sing N N 73  
CYS CA  CB   sing N N 74  
CYS CA  HA   sing N N 75  
CYS C   O    doub N N 76  
CYS C   OXT  sing N N 77  
CYS CB  SG   sing N N 78  
CYS CB  HB2  sing N N 79  
CYS CB  HB3  sing N N 80  
CYS SG  HG   sing N N 81  
CYS OXT HXT  sing N N 82  
GLN N   CA   sing N N 83  
GLN N   H    sing N N 84  
GLN N   H2   sing N N 85  
GLN CA  C    sing N N 86  
GLN CA  CB   sing N N 87  
GLN CA  HA   sing N N 88  
GLN C   O    doub N N 89  
GLN C   OXT  sing N N 90  
GLN CB  CG   sing N N 91  
GLN CB  HB2  sing N N 92  
GLN CB  HB3  sing N N 93  
GLN CG  CD   sing N N 94  
GLN CG  HG2  sing N N 95  
GLN CG  HG3  sing N N 96  
GLN CD  OE1  doub N N 97  
GLN CD  NE2  sing N N 98  
GLN NE2 HE21 sing N N 99  
GLN NE2 HE22 sing N N 100 
GLN OXT HXT  sing N N 101 
GLU N   CA   sing N N 102 
GLU N   H    sing N N 103 
GLU N   H2   sing N N 104 
GLU CA  C    sing N N 105 
GLU CA  CB   sing N N 106 
GLU CA  HA   sing N N 107 
GLU C   O    doub N N 108 
GLU C   OXT  sing N N 109 
GLU CB  CG   sing N N 110 
GLU CB  HB2  sing N N 111 
GLU CB  HB3  sing N N 112 
GLU CG  CD   sing N N 113 
GLU CG  HG2  sing N N 114 
GLU CG  HG3  sing N N 115 
GLU CD  OE1  doub N N 116 
GLU CD  OE2  sing N N 117 
GLU OE2 HE2  sing N N 118 
GLU OXT HXT  sing N N 119 
GLY N   CA   sing N N 120 
GLY N   H    sing N N 121 
GLY N   H2   sing N N 122 
GLY CA  C    sing N N 123 
GLY CA  HA2  sing N N 124 
GLY CA  HA3  sing N N 125 
GLY C   O    doub N N 126 
GLY C   OXT  sing N N 127 
GLY OXT HXT  sing N N 128 
HIS N   CA   sing N N 129 
HIS N   H    sing N N 130 
HIS N   H2   sing N N 131 
HIS CA  C    sing N N 132 
HIS CA  CB   sing N N 133 
HIS CA  HA   sing N N 134 
HIS C   O    doub N N 135 
HIS C   OXT  sing N N 136 
HIS CB  CG   sing N N 137 
HIS CB  HB2  sing N N 138 
HIS CB  HB3  sing N N 139 
HIS CG  ND1  sing Y N 140 
HIS CG  CD2  doub Y N 141 
HIS ND1 CE1  doub Y N 142 
HIS ND1 HD1  sing N N 143 
HIS CD2 NE2  sing Y N 144 
HIS CD2 HD2  sing N N 145 
HIS CE1 NE2  sing Y N 146 
HIS CE1 HE1  sing N N 147 
HIS NE2 HE2  sing N N 148 
HIS OXT HXT  sing N N 149 
HOH O   H1   sing N N 150 
HOH O   H2   sing N N 151 
ILE N   CA   sing N N 152 
ILE N   H    sing N N 153 
ILE N   H2   sing N N 154 
ILE CA  C    sing N N 155 
ILE CA  CB   sing N N 156 
ILE CA  HA   sing N N 157 
ILE C   O    doub N N 158 
ILE C   OXT  sing N N 159 
ILE CB  CG1  sing N N 160 
ILE CB  CG2  sing N N 161 
ILE CB  HB   sing N N 162 
ILE CG1 CD1  sing N N 163 
ILE CG1 HG12 sing N N 164 
ILE CG1 HG13 sing N N 165 
ILE CG2 HG21 sing N N 166 
ILE CG2 HG22 sing N N 167 
ILE CG2 HG23 sing N N 168 
ILE CD1 HD11 sing N N 169 
ILE CD1 HD12 sing N N 170 
ILE CD1 HD13 sing N N 171 
ILE OXT HXT  sing N N 172 
LEU N   CA   sing N N 173 
LEU N   H    sing N N 174 
LEU N   H2   sing N N 175 
LEU CA  C    sing N N 176 
LEU CA  CB   sing N N 177 
LEU CA  HA   sing N N 178 
LEU C   O    doub N N 179 
LEU C   OXT  sing N N 180 
LEU CB  CG   sing N N 181 
LEU CB  HB2  sing N N 182 
LEU CB  HB3  sing N N 183 
LEU CG  CD1  sing N N 184 
LEU CG  CD2  sing N N 185 
LEU CG  HG   sing N N 186 
LEU CD1 HD11 sing N N 187 
LEU CD1 HD12 sing N N 188 
LEU CD1 HD13 sing N N 189 
LEU CD2 HD21 sing N N 190 
LEU CD2 HD22 sing N N 191 
LEU CD2 HD23 sing N N 192 
LEU OXT HXT  sing N N 193 
LYS N   CA   sing N N 194 
LYS N   H    sing N N 195 
LYS N   H2   sing N N 196 
LYS CA  C    sing N N 197 
LYS CA  CB   sing N N 198 
LYS CA  HA   sing N N 199 
LYS C   O    doub N N 200 
LYS C   OXT  sing N N 201 
LYS CB  CG   sing N N 202 
LYS CB  HB2  sing N N 203 
LYS CB  HB3  sing N N 204 
LYS CG  CD   sing N N 205 
LYS CG  HG2  sing N N 206 
LYS CG  HG3  sing N N 207 
LYS CD  CE   sing N N 208 
LYS CD  HD2  sing N N 209 
LYS CD  HD3  sing N N 210 
LYS CE  NZ   sing N N 211 
LYS CE  HE2  sing N N 212 
LYS CE  HE3  sing N N 213 
LYS NZ  HZ1  sing N N 214 
LYS NZ  HZ2  sing N N 215 
LYS NZ  HZ3  sing N N 216 
LYS OXT HXT  sing N N 217 
MET N   CA   sing N N 218 
MET N   H    sing N N 219 
MET N   H2   sing N N 220 
MET CA  C    sing N N 221 
MET CA  CB   sing N N 222 
MET CA  HA   sing N N 223 
MET C   O    doub N N 224 
MET C   OXT  sing N N 225 
MET CB  CG   sing N N 226 
MET CB  HB2  sing N N 227 
MET CB  HB3  sing N N 228 
MET CG  SD   sing N N 229 
MET CG  HG2  sing N N 230 
MET CG  HG3  sing N N 231 
MET SD  CE   sing N N 232 
MET CE  HE1  sing N N 233 
MET CE  HE2  sing N N 234 
MET CE  HE3  sing N N 235 
MET OXT HXT  sing N N 236 
PHE N   CA   sing N N 237 
PHE N   H    sing N N 238 
PHE N   H2   sing N N 239 
PHE CA  C    sing N N 240 
PHE CA  CB   sing N N 241 
PHE CA  HA   sing N N 242 
PHE C   O    doub N N 243 
PHE C   OXT  sing N N 244 
PHE CB  CG   sing N N 245 
PHE CB  HB2  sing N N 246 
PHE CB  HB3  sing N N 247 
PHE CG  CD1  doub Y N 248 
PHE CG  CD2  sing Y N 249 
PHE CD1 CE1  sing Y N 250 
PHE CD1 HD1  sing N N 251 
PHE CD2 CE2  doub Y N 252 
PHE CD2 HD2  sing N N 253 
PHE CE1 CZ   doub Y N 254 
PHE CE1 HE1  sing N N 255 
PHE CE2 CZ   sing Y N 256 
PHE CE2 HE2  sing N N 257 
PHE CZ  HZ   sing N N 258 
PHE OXT HXT  sing N N 259 
PRO N   CA   sing N N 260 
PRO N   CD   sing N N 261 
PRO N   H    sing N N 262 
PRO CA  C    sing N N 263 
PRO CA  CB   sing N N 264 
PRO CA  HA   sing N N 265 
PRO C   O    doub N N 266 
PRO C   OXT  sing N N 267 
PRO CB  CG   sing N N 268 
PRO CB  HB2  sing N N 269 
PRO CB  HB3  sing N N 270 
PRO CG  CD   sing N N 271 
PRO CG  HG2  sing N N 272 
PRO CG  HG3  sing N N 273 
PRO CD  HD2  sing N N 274 
PRO CD  HD3  sing N N 275 
PRO OXT HXT  sing N N 276 
SER N   CA   sing N N 277 
SER N   H    sing N N 278 
SER N   H2   sing N N 279 
SER CA  C    sing N N 280 
SER CA  CB   sing N N 281 
SER CA  HA   sing N N 282 
SER C   O    doub N N 283 
SER C   OXT  sing N N 284 
SER CB  OG   sing N N 285 
SER CB  HB2  sing N N 286 
SER CB  HB3  sing N N 287 
SER OG  HG   sing N N 288 
SER OXT HXT  sing N N 289 
THR N   CA   sing N N 290 
THR N   H    sing N N 291 
THR N   H2   sing N N 292 
THR CA  C    sing N N 293 
THR CA  CB   sing N N 294 
THR CA  HA   sing N N 295 
THR C   O    doub N N 296 
THR C   OXT  sing N N 297 
THR CB  OG1  sing N N 298 
THR CB  CG2  sing N N 299 
THR CB  HB   sing N N 300 
THR OG1 HG1  sing N N 301 
THR CG2 HG21 sing N N 302 
THR CG2 HG22 sing N N 303 
THR CG2 HG23 sing N N 304 
THR OXT HXT  sing N N 305 
TRP N   CA   sing N N 306 
TRP N   H    sing N N 307 
TRP N   H2   sing N N 308 
TRP CA  C    sing N N 309 
TRP CA  CB   sing N N 310 
TRP CA  HA   sing N N 311 
TRP C   O    doub N N 312 
TRP C   OXT  sing N N 313 
TRP CB  CG   sing N N 314 
TRP CB  HB2  sing N N 315 
TRP CB  HB3  sing N N 316 
TRP CG  CD1  doub Y N 317 
TRP CG  CD2  sing Y N 318 
TRP CD1 NE1  sing Y N 319 
TRP CD1 HD1  sing N N 320 
TRP CD2 CE2  doub Y N 321 
TRP CD2 CE3  sing Y N 322 
TRP NE1 CE2  sing Y N 323 
TRP NE1 HE1  sing N N 324 
TRP CE2 CZ2  sing Y N 325 
TRP CE3 CZ3  doub Y N 326 
TRP CE3 HE3  sing N N 327 
TRP CZ2 CH2  doub Y N 328 
TRP CZ2 HZ2  sing N N 329 
TRP CZ3 CH2  sing Y N 330 
TRP CZ3 HZ3  sing N N 331 
TRP CH2 HH2  sing N N 332 
TRP OXT HXT  sing N N 333 
TYR N   CA   sing N N 334 
TYR N   H    sing N N 335 
TYR N   H2   sing N N 336 
TYR CA  C    sing N N 337 
TYR CA  CB   sing N N 338 
TYR CA  HA   sing N N 339 
TYR C   O    doub N N 340 
TYR C   OXT  sing N N 341 
TYR CB  CG   sing N N 342 
TYR CB  HB2  sing N N 343 
TYR CB  HB3  sing N N 344 
TYR CG  CD1  doub Y N 345 
TYR CG  CD2  sing Y N 346 
TYR CD1 CE1  sing Y N 347 
TYR CD1 HD1  sing N N 348 
TYR CD2 CE2  doub Y N 349 
TYR CD2 HD2  sing N N 350 
TYR CE1 CZ   doub Y N 351 
TYR CE1 HE1  sing N N 352 
TYR CE2 CZ   sing Y N 353 
TYR CE2 HE2  sing N N 354 
TYR CZ  OH   sing N N 355 
TYR OH  HH   sing N N 356 
TYR OXT HXT  sing N N 357 
VAL N   CA   sing N N 358 
VAL N   H    sing N N 359 
VAL N   H2   sing N N 360 
VAL CA  C    sing N N 361 
VAL CA  CB   sing N N 362 
VAL CA  HA   sing N N 363 
VAL C   O    doub N N 364 
VAL C   OXT  sing N N 365 
VAL CB  CG1  sing N N 366 
VAL CB  CG2  sing N N 367 
VAL CB  HB   sing N N 368 
VAL CG1 HG11 sing N N 369 
VAL CG1 HG12 sing N N 370 
VAL CG1 HG13 sing N N 371 
VAL CG2 HG21 sing N N 372 
VAL CG2 HG22 sing N N 373 
VAL CG2 HG23 sing N N 374 
VAL OXT HXT  sing N N 375 
ZKZ C1  N1   sing N N 376 
ZKZ N1  C2   sing N N 377 
ZKZ C2  O1   doub N N 378 
ZKZ C2  N2   sing N N 379 
ZKZ N2  C3   sing N N 380 
ZKZ C3  C4   sing N N 381 
ZKZ C4  N3   sing N N 382 
ZKZ N3  C5   sing N N 383 
ZKZ C5  C6   sing N N 384 
ZKZ N3  C7   sing N N 385 
ZKZ C7  O2   doub N N 386 
ZKZ C7  C8   sing N N 387 
ZKZ C8  C9   doub Y N 388 
ZKZ C9  C10  sing Y N 389 
ZKZ C10 C11  doub Y N 390 
ZKZ C11 C12  sing N N 391 
ZKZ C12 O3   sing N N 392 
ZKZ O3  C13  sing N N 393 
ZKZ C13 C14  doub Y N 394 
ZKZ C14 C15  sing Y N 395 
ZKZ C15 C16  doub Y N 396 
ZKZ C16 C17  sing Y N 397 
ZKZ C17 C18  doub Y N 398 
ZKZ C11 O4   sing Y N 399 
ZKZ N2  C6   sing N N 400 
ZKZ C8  O4   sing Y N 401 
ZKZ C13 C18  sing Y N 402 
ZKZ N1  H4   sing N N 403 
ZKZ C4  H8   sing N N 404 
ZKZ C4  H7   sing N N 405 
ZKZ C5  H9   sing N N 406 
ZKZ C5  H10  sing N N 407 
ZKZ C6  H12  sing N N 408 
ZKZ C6  H11  sing N N 409 
ZKZ C10 H14  sing N N 410 
ZKZ C15 H18  sing N N 411 
ZKZ C17 H20  sing N N 412 
ZKZ C1  H3   sing N N 413 
ZKZ C1  H2   sing N N 414 
ZKZ C1  H1   sing N N 415 
ZKZ C12 H16  sing N N 416 
ZKZ C12 H15  sing N N 417 
ZKZ C14 H17  sing N N 418 
ZKZ C16 H19  sing N N 419 
ZKZ C18 H21  sing N N 420 
ZKZ C3  H6   sing N N 421 
ZKZ C3  H5   sing N N 422 
ZKZ C9  H13  sing N N 423 
# 
_pdbx_audit_support.ordinal                1 
_pdbx_audit_support.funding_organization   'Wellcome Trust' 
_pdbx_audit_support.grant_number           None 
_pdbx_audit_support.country                'United Kingdom' 
# 
_pdbx_deposit_group.group_id            G_1002265 
_pdbx_deposit_group.group_description   
;XDomainX of XOrganismX PHIP screened against predicted false negatives and catalogue compounds by X-ray Crystallography at the XChem facility of Diamond Light Source beamline I04-1
;
_pdbx_deposit_group.group_title         'PanDDA analysis group deposition' 
_pdbx_deposit_group.group_type          'changed state' 
# 
_pdbx_entity_instance_feature.ordinal        1 
_pdbx_entity_instance_feature.comp_id        ZKZ 
_pdbx_entity_instance_feature.asym_id        ? 
_pdbx_entity_instance_feature.seq_num        ? 
_pdbx_entity_instance_feature.auth_comp_id   ZKZ 
_pdbx_entity_instance_feature.auth_asym_id   ? 
_pdbx_entity_instance_feature.auth_seq_num   ? 
_pdbx_entity_instance_feature.feature_type   'SUBJECT OF INVESTIGATION' 
_pdbx_entity_instance_feature.details        ? 
# 
_atom_sites.entry_id                    7FV6 
_atom_sites.fract_transf_matrix[1][1]   -0.00413649 
_atom_sites.fract_transf_matrix[1][2]   -0.00574733 
_atom_sites.fract_transf_matrix[1][3]   0.01016884 
_atom_sites.fract_transf_matrix[2][1]   0.02025242 
_atom_sites.fract_transf_matrix[2][2]   0.02209748 
_atom_sites.fract_transf_matrix[2][3]   0.02072759 
_atom_sites.fract_transf_matrix[3][1]   -0.01451470 
_atom_sites.fract_transf_matrix[3][2]   0.01000499 
_atom_sites.fract_transf_matrix[3][3]   0.00351573 
_atom_sites.fract_transf_vector[1]      -0.147005 
_atom_sites.fract_transf_vector[2]      0.450754 
_atom_sites.fract_transf_vector[3]      0.217679 
# 
loop_
_atom_type.symbol 
C 
N 
O 
S 
# 
loop_
_atom_site.group_PDB 
_atom_site.id 
_atom_site.type_symbol 
_atom_site.label_atom_id 
_atom_site.label_alt_id 
_atom_site.label_comp_id 
_atom_site.label_asym_id 
_atom_site.label_entity_id 
_atom_site.label_seq_id 
_atom_site.pdbx_PDB_ins_code 
_atom_site.Cartn_x 
_atom_site.Cartn_y 
_atom_site.Cartn_z 
_atom_site.occupancy 
_atom_site.B_iso_or_equiv 
_atom_site.pdbx_formal_charge 
_atom_site.auth_seq_id 
_atom_site.auth_comp_id 
_atom_site.auth_asym_id 
_atom_site.auth_atom_id 
_atom_site.pdbx_PDB_model_num 
ATOM   1    N N   . SER A 1 24  ? 19.195  -15.554 -2.028  1.00 22.14 ? 1315 SER A N   1 
ATOM   2    C CA  . SER A 1 24  ? 18.619  -14.646 -0.980  1.00 22.60 ? 1315 SER A CA  1 
ATOM   3    C C   . SER A 1 24  ? 17.265  -15.191 -0.528  1.00 18.90 ? 1315 SER A C   1 
ATOM   4    O O   . SER A 1 24  ? 16.238  -14.606 -0.949  1.00 18.61 ? 1315 SER A O   1 
ATOM   5    C CB  . SER A 1 24  ? 18.502  -13.251 -1.525  1.00 23.23 ? 1315 SER A CB  1 
ATOM   6    O OG  . SER A 1 24  ? 19.783  -12.748 -1.851  1.00 27.95 ? 1315 SER A OG  1 
ATOM   7    N N   . TYR A 1 25  ? 17.242  -16.298 0.238   1.00 16.54 ? 1316 TYR A N   1 
ATOM   8    C CA  . TYR A 1 25  ? 16.047  -17.179 0.288   1.00 14.16 ? 1316 TYR A CA  1 
ATOM   9    C C   . TYR A 1 25  ? 15.345  -17.082 1.653   1.00 13.55 ? 1316 TYR A C   1 
ATOM   10   O O   . TYR A 1 25  ? 14.678  -18.042 2.040   1.00 11.93 ? 1316 TYR A O   1 
ATOM   11   C CB  . TYR A 1 25  ? 16.433  -18.604 -0.101  1.00 14.40 ? 1316 TYR A CB  1 
ATOM   12   C CG  . TYR A 1 25  ? 17.107  -18.756 -1.450  1.00 13.56 ? 1316 TYR A CG  1 
ATOM   13   C CD1 . TYR A 1 25  ? 16.516  -18.324 -2.628  1.00 13.01 ? 1316 TYR A CD1 1 
ATOM   14   C CD2 . TYR A 1 25  ? 18.320  -19.409 -1.533  1.00 14.34 ? 1316 TYR A CD2 1 
ATOM   15   C CE1 . TYR A 1 25  ? 17.140  -18.497 -3.858  1.00 12.76 ? 1316 TYR A CE1 1 
ATOM   16   C CE2 . TYR A 1 25  ? 18.960  -19.589 -2.750  1.00 13.99 ? 1316 TYR A CE2 1 
ATOM   17   C CZ  . TYR A 1 25  ? 18.366  -19.134 -3.908  1.00 13.69 ? 1316 TYR A CZ  1 
ATOM   18   O OH  . TYR A 1 25  ? 19.002  -19.333 -5.114  1.00 14.13 ? 1316 TYR A OH  1 
ATOM   19   N N   . ASP A 1 26  ? 15.412  -15.923 2.298   1.00 13.41 ? 1317 ASP A N   1 
ATOM   20   C CA  . ASP A 1 26  ? 14.715  -15.701 3.604   1.00 12.51 ? 1317 ASP A CA  1 
ATOM   21   C C   . ASP A 1 26  ? 13.223  -15.474 3.336   1.00 12.18 ? 1317 ASP A C   1 
ATOM   22   O O   . ASP A 1 26  ? 12.839  -14.408 2.804   1.00 12.97 ? 1317 ASP A O   1 
ATOM   23   C CB  . ASP A 1 26  ? 15.409  -14.573 4.342   1.00 12.97 ? 1317 ASP A CB  1 
ATOM   24   C CG  . ASP A 1 26  ? 14.833  -14.253 5.710   1.00 12.44 ? 1317 ASP A CG  1 
ATOM   25   O OD1 . ASP A 1 26  ? 13.704  -14.700 6.040   1.00 13.34 ? 1317 ASP A OD1 1 
ATOM   26   O OD2 . ASP A 1 26  ? 15.548  -13.597 6.494   1.00 17.44 ? 1317 ASP A OD2 1 
ATOM   27   N N   . ILE A 1 27  ? 12.393  -16.439 3.722   1.00 12.12 ? 1318 ILE A N   1 
ATOM   28   C CA  . ILE A 1 27  ? 10.911  -16.411 3.547   1.00 12.24 ? 1318 ILE A CA  1 
ATOM   29   C C   . ILE A 1 27  ? 10.290  -15.294 4.396   1.00 11.94 ? 1318 ILE A C   1 
ATOM   30   O O   . ILE A 1 27  ? 9.208   -14.825 4.004   1.00 12.00 ? 1318 ILE A O   1 
ATOM   31   C CB  . ILE A 1 27  ? 10.306  -17.782 3.902   1.00 12.64 ? 1318 ILE A CB  1 
ATOM   32   C CG1 . ILE A 1 27  ? 10.890  -18.900 3.031   1.00 13.02 ? 1318 ILE A CG1 1 
ATOM   33   C CG2 . ILE A 1 27  ? 8.774   -17.762 3.865   1.00 13.29 ? 1318 ILE A CG2 1 
ATOM   34   C CD1 . ILE A 1 27  ? 10.569  -20.311 3.512   1.00 13.27 ? 1318 ILE A CD1 1 
ATOM   35   N N   . GLN A 1 28  ? 10.939  -14.860 5.485   1.00 11.36 ? 1319 GLN A N   1 
ATOM   36   C CA  . GLN A 1 28  ? 10.358  -13.840 6.406   1.00 11.29 ? 1319 GLN A CA  1 
ATOM   37   C C   . GLN A 1 28  ? 10.836  -12.427 6.116   1.00 11.51 ? 1319 GLN A C   1 
ATOM   38   O O   . GLN A 1 28  ? 10.290  -11.494 6.713   1.00 11.69 ? 1319 GLN A O   1 
ATOM   39   C CB  . GLN A 1 28  ? 10.678  -14.200 7.862   1.00 12.61 ? 1319 GLN A CB  1 
ATOM   40   C CG  . GLN A 1 28  ? 9.801   -15.346 8.405   1.00 12.62 ? 1319 GLN A CG  1 
ATOM   41   C CD  . GLN A 1 28  ? 10.420  -16.732 8.261   1.00 11.12 ? 1319 GLN A CD  1 
ATOM   42   O OE1 . GLN A 1 28  ? 11.586  -16.939 8.614   1.00 12.82 ? 1319 GLN A OE1 1 
ATOM   43   N NE2 . GLN A 1 28  ? 9.663   -17.668 7.779   1.00 12.39 ? 1319 GLN A NE2 1 
ATOM   44   N N   . ALA A 1 29  ? 11.799  -12.227 5.180   1.00 11.31 ? 1320 ALA A N   1 
ATOM   45   C CA  . ALA A 1 29  ? 12.467  -10.915 5.048   1.00 11.72 ? 1320 ALA A CA  1 
ATOM   46   C C   . ALA A 1 29  ? 11.482  -9.813  4.584   1.00 10.62 ? 1320 ALA A C   1 
ATOM   47   O O   . ALA A 1 29  ? 11.746  -8.643  4.841   1.00 11.13 ? 1320 ALA A O   1 
ATOM   48   C CB  . ALA A 1 29  ? 13.674  -11.012 4.110   1.00 11.99 ? 1320 ALA A CB  1 
ATOM   49   N N   . TRP A 1 30  ? 10.433  -10.186 3.857   1.00 10.88 ? 1321 TRP A N   1 
ATOM   50   C CA  . TRP A 1 30  ? 9.462   -9.196  3.317   1.00 10.64 ? 1321 TRP A CA  1 
ATOM   51   C C   . TRP A 1 30  ? 8.905   -8.301  4.418   1.00 11.12 ? 1321 TRP A C   1 
ATOM   52   O O   . TRP A 1 30  ? 8.569   -7.149  4.107   1.00 10.83 ? 1321 TRP A O   1 
ATOM   53   C CB  . TRP A 1 30  ? 8.337   -9.906  2.579   1.00 10.87 ? 1321 TRP A CB  1 
ATOM   54   C CG  . TRP A 1 30  ? 7.494   -10.747 3.474   1.00 11.04 ? 1321 TRP A CG  1 
ATOM   55   C CD1 . TRP A 1 30  ? 7.747   -12.018 3.855   1.00 11.69 ? 1321 TRP A CD1 1 
ATOM   56   C CD2 . TRP A 1 30  ? 6.283   -10.358 4.166   1.00 10.73 ? 1321 TRP A CD2 1 
ATOM   57   N NE1 . TRP A 1 30  ? 6.792   -12.468 4.731   1.00 12.69 ? 1321 TRP A NE1 1 
ATOM   58   C CE2 . TRP A 1 30  ? 5.886   -11.478 4.918   1.00 11.97 ? 1321 TRP A CE2 1 
ATOM   59   C CE3 . TRP A 1 30  ? 5.489   -9.217  4.177   1.00 10.93 ? 1321 TRP A CE3 1 
ATOM   60   C CZ2 . TRP A 1 30  ? 4.739   -11.468 5.721   1.00 12.81 ? 1321 TRP A CZ2 1 
ATOM   61   C CZ3 . TRP A 1 30  ? 4.342   -9.208  4.955   1.00 12.06 ? 1321 TRP A CZ3 1 
ATOM   62   C CH2 . TRP A 1 30  ? 3.973   -10.316 5.706   1.00 13.37 ? 1321 TRP A CH2 1 
ATOM   63   N N   . LYS A 1 31  ? 8.753   -8.802  5.644   1.00 10.68 ? 1322 LYS A N   1 
ATOM   64   C CA  . LYS A 1 31  ? 8.011   -8.039  6.669   1.00 10.84 ? 1322 LYS A CA  1 
ATOM   65   C C   . LYS A 1 31  ? 8.781   -6.764  7.025   1.00 11.36 ? 1322 LYS A C   1 
ATOM   66   O O   . LYS A 1 31  ? 8.242   -5.652  6.949   1.00 11.65 ? 1322 LYS A O   1 
ATOM   67   C CB  . LYS A 1 31  ? 7.641   -8.936  7.857   1.00 11.58 ? 1322 LYS A CB  1 
ATOM   68   C CG  . LYS A 1 31  ? 6.893   -8.197  8.965   1.00 12.10 ? 1322 LYS A CG  1 
ATOM   69   C CD  . LYS A 1 31  ? 6.389   -9.128  10.005  1.00 12.24 ? 1322 LYS A CD  1 
ATOM   70   C CE  . LYS A 1 31  ? 5.577   -8.451  11.102  1.00 13.22 ? 1322 LYS A CE  1 
ATOM   71   N NZ  . LYS A 1 31  ? 5.095   -9.502  12.042  1.00 14.01 ? 1322 LYS A NZ  1 
ATOM   72   N N   . LYS A 1 32  ? 10.069  -6.885  7.359   1.00 12.00 ? 1323 LYS A N   1 
ATOM   73   C CA  . LYS A 1 32  ? 10.876  -5.693  7.670   1.00 12.56 ? 1323 LYS A CA  1 
ATOM   74   C C   . LYS A 1 32  ? 11.066  -4.812  6.437   1.00 11.42 ? 1323 LYS A C   1 
ATOM   75   O O   . LYS A 1 32  ? 11.065  -3.605  6.568   1.00 12.43 ? 1323 LYS A O   1 
ATOM   76   C CB  . LYS A 1 32  ? 12.237  -6.109  8.234   1.00 16.62 ? 1323 LYS A CB  1 
ATOM   77   C CG  . LYS A 1 32  ? 13.099  -4.935  8.637   1.00 23.05 ? 1323 LYS A CG  1 
ATOM   78   C CD  . LYS A 1 32  ? 14.178  -5.225  9.730   1.00 28.40 ? 1323 LYS A CD  1 
ATOM   79   C CE  . LYS A 1 32  ? 15.056  -4.013  9.996   1.00 36.85 ? 1323 LYS A CE  1 
ATOM   80   N NZ  . LYS A 1 32  ? 15.620  -3.999  11.371  1.00 42.71 ? 1323 LYS A NZ  1 
ATOM   81   N N   . GLN A 1 33  ? 11.171  -5.413  5.265   1.00 11.68 ? 1324 GLN A N   1 
ATOM   82   C CA  . GLN A 1 33  ? 11.285  -4.622  4.014   1.00 12.02 ? 1324 GLN A CA  1 
ATOM   83   C C   . GLN A 1 33  ? 10.003  -3.771  3.843   1.00 11.25 ? 1324 GLN A C   1 
ATOM   84   O O   . GLN A 1 33  ? 10.075  -2.591  3.472   1.00 12.13 ? 1324 GLN A O   1 
ATOM   85   C CB  . GLN A 1 33  ? 11.493  -5.517  2.803   1.00 11.94 ? 1324 GLN A CB  1 
ATOM   86   C CG  . GLN A 1 33  ? 12.878  -6.171  2.788   1.00 12.98 ? 1324 GLN A CG  1 
ATOM   87   C CD  . GLN A 1 33  ? 12.975  -7.338  1.862   1.00 13.87 ? 1324 GLN A CD  1 
ATOM   88   O OE1 . GLN A 1 33  ? 12.040  -7.765  1.211   1.00 16.01 ? 1324 GLN A OE1 1 
ATOM   89   N NE2 . GLN A 1 33  ? 14.149  -7.971  1.868   1.00 16.13 ? 1324 GLN A NE2 1 
ATOM   90   N N   . CYS A 1 34  ? 8.827   -4.324  4.151   1.00 10.96 ? 1325 CYS A N   1 
ATOM   91   C CA  . CYS A 1 34  ? 7.576   -3.564  4.071   1.00 11.03 ? 1325 CYS A CA  1 
ATOM   92   C C   . CYS A 1 34  ? 7.479   -2.525  5.186   1.00 11.75 ? 1325 CYS A C   1 
ATOM   93   O O   . CYS A 1 34  ? 7.004   -1.388  4.935   1.00 11.13 ? 1325 CYS A O   1 
ATOM   94   C CB  . CYS A 1 34  ? 6.375   -4.491  4.089   1.00 10.96 ? 1325 CYS A CB  1 
ATOM   95   S SG  . CYS A 1 34  ? 6.113   -5.458  2.579   1.00 12.13 ? 1325 CYS A SG  1 
ATOM   96   N N   . GLU A 1 35  ? 7.967   -2.791  6.376   1.00 11.78 ? 1326 GLU A N   1 
ATOM   97   C CA  . GLU A 1 35  ? 8.010   -1.771  7.455   1.00 12.72 ? 1326 GLU A CA  1 
ATOM   98   C C   . GLU A 1 35  ? 8.871   -0.581  7.023   1.00 12.47 ? 1326 GLU A C   1 
ATOM   99   O O   . GLU A 1 35  ? 8.441   0.571   7.182   1.00 13.46 ? 1326 GLU A O   1 
ATOM   100  C CB  . GLU A 1 35  ? 8.616   -2.375  8.716   1.00 14.15 ? 1326 GLU A CB  1 
ATOM   101  C CG  . GLU A 1 35  ? 7.767   -3.402  9.426   1.00 16.74 ? 1326 GLU A CG  1 
ATOM   102  C CD  . GLU A 1 35  ? 8.483   -4.167  10.539  1.00 20.82 ? 1326 GLU A CD  1 
ATOM   103  O OE1 . GLU A 1 35  ? 9.697   -3.941  10.788  1.00 24.48 ? 1326 GLU A OE1 1 
ATOM   104  O OE2 . GLU A 1 35  ? 7.817   -5.044  11.116  1.00 21.90 ? 1326 GLU A OE2 1 
ATOM   105  N N   . GLU A 1 36  ? 10.009  -0.821  6.398   1.00 12.94 ? 1327 GLU A N   1 
ATOM   106  C CA  . GLU A 1 36  ? 10.918  0.251   5.949   1.00 13.82 ? 1327 GLU A CA  1 
ATOM   107  C C   . GLU A 1 36  ? 10.222  1.028   4.834   1.00 12.63 ? 1327 GLU A C   1 
ATOM   108  O O   . GLU A 1 36  ? 10.350  2.274   4.790   1.00 14.14 ? 1327 GLU A O   1 
ATOM   109  C CB  . GLU A 1 36  ? 12.268  -0.375  5.532   1.00 16.31 ? 1327 GLU A CB  1 
ATOM   110  C CG  . GLU A 1 36  ? 12.974  -1.000  6.724   1.00 23.43 ? 1327 GLU A CG  1 
ATOM   111  C CD  . GLU A 1 36  ? 14.216  -1.843  6.464   1.00 32.89 ? 1327 GLU A CD  1 
ATOM   112  O OE1 . GLU A 1 36  ? 14.597  -2.028  5.276   1.00 39.16 ? 1327 GLU A OE1 1 
ATOM   113  O OE2 . GLU A 1 36  ? 14.795  -2.334  7.466   1.00 39.98 ? 1327 GLU A OE2 1 
ATOM   114  N N   . LEU A 1 37  ? 9.597   0.356   3.870   1.00 12.29 ? 1328 LEU A N   1 
ATOM   115  C CA  . LEU A 1 37  ? 8.936   1.071   2.760   1.00 11.71 ? 1328 LEU A CA  1 
ATOM   116  C C   . LEU A 1 37  ? 7.781   1.918   3.318   1.00 11.48 ? 1328 LEU A C   1 
ATOM   117  O O   . LEU A 1 37  ? 7.585   3.089   2.908   1.00 11.81 ? 1328 LEU A O   1 
ATOM   118  C CB  . LEU A 1 37  ? 8.475   0.093   1.695   1.00 12.34 ? 1328 LEU A CB  1 
ATOM   119  C CG  . LEU A 1 37  ? 7.674   0.663   0.534   1.00 12.43 ? 1328 LEU A CG  1 
ATOM   120  C CD1 . LEU A 1 37  ? 8.429   1.823   -0.125  1.00 13.61 ? 1328 LEU A CD1 1 
ATOM   121  C CD2 . LEU A 1 37  ? 7.359   -0.421  -0.452  1.00 13.89 ? 1328 LEU A CD2 1 
ATOM   122  N N   . LEU A 1 38  ? 7.017   1.427   4.295   1.00 11.85 ? 1329 LEU A N   1 
ATOM   123  C CA  . LEU A 1 38  ? 5.957   2.242   4.926   1.00 12.03 ? 1329 LEU A CA  1 
ATOM   124  C C   . LEU A 1 38  ? 6.586   3.455   5.628   1.00 12.62 ? 1329 LEU A C   1 
ATOM   125  O O   . LEU A 1 38  ? 6.017   4.569   5.532   1.00 14.26 ? 1329 LEU A O   1 
ATOM   126  C CB  . LEU A 1 38  ? 5.129   1.388   5.891   1.00 12.52 ? 1329 LEU A CB  1 
ATOM   127  C CG  . LEU A 1 38  ? 4.213   0.353   5.239   1.00 12.68 ? 1329 LEU A CG  1 
ATOM   128  C CD1 . LEU A 1 38  ? 3.705   -0.634  6.281   1.00 15.03 ? 1329 LEU A CD1 1 
ATOM   129  C CD2 . LEU A 1 38  ? 3.015   1.017   4.540   1.00 14.45 ? 1329 LEU A CD2 1 
ATOM   130  N N   . ASN A 1 39  ? 7.718   3.298   6.268   1.00 14.27 ? 1330 ASN A N   1 
ATOM   131  C CA  . ASN A 1 39  ? 8.437   4.463   6.853   1.00 16.13 ? 1330 ASN A CA  1 
ATOM   132  C C   . ASN A 1 39  ? 8.746   5.504   5.759   1.00 14.44 ? 1330 ASN A C   1 
ATOM   133  O O   . ASN A 1 39  ? 8.470   6.738   5.948   1.00 16.63 ? 1330 ASN A O   1 
ATOM   134  C CB  . ASN A 1 39  ? 9.679   4.013   7.627   1.00 17.92 ? 1330 ASN A CB  1 
ATOM   135  C CG  . ASN A 1 39  ? 9.368   3.335   8.946   1.00 21.59 ? 1330 ASN A CG  1 
ATOM   136  O OD1 . ASN A 1 39  ? 8.273   3.468   9.494   1.00 27.80 ? 1330 ASN A OD1 1 
ATOM   137  N ND2 . ASN A 1 39  ? 10.326  2.576   9.469   1.00 23.55 ? 1330 ASN A ND2 1 
ATOM   138  N N   . LEU A 1 40  ? 9.243   5.103   4.625   1.00 13.86 ? 1331 LEU A N   1 
ATOM   139  C CA  . LEU A 1 40  ? 9.550   6.030   3.500   1.00 15.35 ? 1331 LEU A CA  1 
ATOM   140  C C   . LEU A 1 40  ? 8.266   6.694   3.006   1.00 14.50 ? 1331 LEU A C   1 
ATOM   141  O O   . LEU A 1 40  ? 8.241   7.940   2.784   1.00 16.62 ? 1331 LEU A O   1 
ATOM   142  C CB  . LEU A 1 40  ? 10.229  5.294   2.359   1.00 14.43 ? 1331 LEU A CB  1 
ATOM   143  C CG  . LEU A 1 40  ? 11.662  4.794   2.616   1.00 15.79 ? 1331 LEU A CG  1 
ATOM   144  C CD1 . LEU A 1 40  ? 12.182  4.040   1.424   1.00 17.89 ? 1331 LEU A CD1 1 
ATOM   145  C CD2 . LEU A 1 40  ? 12.647  5.927   2.963   1.00 18.84 ? 1331 LEU A CD2 1 
ATOM   146  N N   . ILE A 1 41  ? 7.164   5.956   2.950   1.00 13.03 ? 1332 ILE A N   1 
ATOM   147  C CA  . ILE A 1 41  ? 5.865   6.506   2.483   1.00 13.21 ? 1332 ILE A CA  1 
ATOM   148  C C   . ILE A 1 41  ? 5.374   7.549   3.485   1.00 13.56 ? 1332 ILE A C   1 
ATOM   149  O O   . ILE A 1 41  ? 4.963   8.669   3.045   1.00 13.05 ? 1332 ILE A O   1 
ATOM   150  C CB  . ILE A 1 41  ? 4.852   5.366   2.234   1.00 12.44 ? 1332 ILE A CB  1 
ATOM   151  C CG1 . ILE A 1 41  ? 5.273   4.606   0.974   1.00 13.11 ? 1332 ILE A CG1 1 
ATOM   152  C CG2 . ILE A 1 41  ? 3.415   5.886   2.158   1.00 12.17 ? 1332 ILE A CG2 1 
ATOM   153  C CD1 . ILE A 1 41  ? 4.540   3.333   0.741   1.00 14.88 ? 1332 ILE A CD1 1 
ATOM   154  N N   . PHE A 1 42  ? 5.472   7.299   4.777   1.00 14.88 ? 1333 PHE A N   1 
ATOM   155  C CA  . PHE A 1 42  ? 5.116   8.318   5.815   1.00 16.95 ? 1333 PHE A CA  1 
ATOM   156  C C   . PHE A 1 42  ? 6.055   9.542   5.766   1.00 17.69 ? 1333 PHE A C   1 
ATOM   157  O O   . PHE A 1 42  ? 5.524   10.626  6.147   1.00 23.79 ? 1333 PHE A O   1 
ATOM   158  C CB  . PHE A 1 42  ? 5.049   7.646   7.189   1.00 17.11 ? 1333 PHE A CB  1 
ATOM   159  C CG  . PHE A 1 42  ? 3.726   6.982   7.490   1.00 16.61 ? 1333 PHE A CG  1 
ATOM   160  C CD1 . PHE A 1 42  ? 2.711   7.675   8.130   1.00 17.94 ? 1333 PHE A CD1 1 
ATOM   161  C CD2 . PHE A 1 42  ? 3.477   5.674   7.134   1.00 18.27 ? 1333 PHE A CD2 1 
ATOM   162  C CE1 . PHE A 1 42  ? 1.500   7.063   8.435   1.00 20.62 ? 1333 PHE A CE1 1 
ATOM   163  C CE2 . PHE A 1 42  ? 2.274   5.058   7.467   1.00 18.85 ? 1333 PHE A CE2 1 
ATOM   164  C CZ  . PHE A 1 42  ? 1.267   5.768   8.060   1.00 18.38 ? 1333 PHE A CZ  1 
ATOM   165  N N   . GLN A 1 43  ? 7.263   9.486   5.205   1.00 17.61 ? 1334 GLN A N   1 
ATOM   166  C CA  . GLN A 1 43  ? 8.137   10.707  5.051   1.00 18.51 ? 1334 GLN A CA  1 
ATOM   167  C C   . GLN A 1 43  ? 7.776   11.531  3.803   1.00 19.90 ? 1334 GLN A C   1 
ATOM   168  O O   . GLN A 1 43  ? 8.126   12.712  3.716   1.00 21.49 ? 1334 GLN A O   1 
ATOM   169  C CB  . GLN A 1 43  ? 9.610   10.263  4.994   1.00 19.83 ? 1334 GLN A CB  1 
ATOM   170  C CG  . GLN A 1 43  ? 10.125  9.627   6.278   1.00 22.40 ? 1334 GLN A CG  1 
ATOM   171  N N   A CYS A 1 44  ? 7.059   10.915  2.868   0.32 18.16 ? 1335 CYS A N   1 
ATOM   172  N N   B CYS A 1 44  ? 7.106   10.917  2.820   0.32 18.10 ? 1335 CYS A N   1 
ATOM   173  C CA  A CYS A 1 44  ? 6.601   11.541  1.607   0.32 17.44 ? 1335 CYS A CA  1 
ATOM   174  C CA  B CYS A 1 44  ? 6.692   11.548  1.535   0.32 17.28 ? 1335 CYS A CA  1 
ATOM   175  C C   A CYS A 1 44  ? 5.474   12.524  1.928   0.32 17.01 ? 1335 CYS A C   1 
ATOM   176  C C   B CYS A 1 44  ? 5.501   12.482  1.803   0.32 16.78 ? 1335 CYS A C   1 
ATOM   177  O O   A CYS A 1 44  ? 4.469   12.143  2.587   0.32 16.10 ? 1335 CYS A O   1 
ATOM   178  O O   B CYS A 1 44  ? 4.456   12.012  2.272   0.32 16.39 ? 1335 CYS A O   1 
ATOM   179  C CB  A CYS A 1 44  ? 6.139   10.491  0.601   0.32 16.55 ? 1335 CYS A CB  1 
ATOM   180  C CB  B CYS A 1 44  ? 6.306   10.511  0.478   0.32 16.55 ? 1335 CYS A CB  1 
ATOM   181  S SG  A CYS A 1 44  ? 7.533   9.546   -0.050  0.32 18.80 ? 1335 CYS A SG  1 
ATOM   182  S SG  B CYS A 1 44  ? 6.216   11.175  -1.210  0.32 18.69 ? 1335 CYS A SG  1 
ATOM   183  N N   . GLU A 1 45  ? 5.634   13.785  1.515   1.00 16.78 ? 1336 GLU A N   1 
ATOM   184  C CA  . GLU A 1 45  ? 4.498   14.739  1.643   1.00 15.80 ? 1336 GLU A CA  1 
ATOM   185  C C   . GLU A 1 45  ? 3.256   14.239  0.874   1.00 14.06 ? 1336 GLU A C   1 
ATOM   186  O O   . GLU A 1 45  ? 2.124   14.471  1.302   1.00 14.79 ? 1336 GLU A O   1 
ATOM   187  C CB  . GLU A 1 45  ? 4.900   16.112  1.132   1.00 15.30 ? 1336 GLU A CB  1 
ATOM   188  C CG  . GLU A 1 45  ? 5.904   16.789  2.045   1.00 18.65 ? 1336 GLU A CG  1 
ATOM   189  C CD  . GLU A 1 45  ? 6.408   18.138  1.603   1.00 20.58 ? 1336 GLU A CD  1 
ATOM   190  O OE1 . GLU A 1 45  ? 5.927   18.654  0.598   1.00 22.22 ? 1336 GLU A OE1 1 
ATOM   191  O OE2 . GLU A 1 45  ? 7.243   18.686  2.366   1.00 22.27 ? 1336 GLU A OE2 1 
ATOM   192  N N   . ASP A 1 46  ? 3.470   13.487  -0.191  1.00 13.94 ? 1337 ASP A N   1 
ATOM   193  C CA  . ASP A 1 46  ? 2.344   12.937  -0.989  1.00 13.53 ? 1337 ASP A CA  1 
ATOM   194  C C   . ASP A 1 46  ? 1.490   11.921  -0.201  1.00 12.39 ? 1337 ASP A C   1 
ATOM   195  O O   . ASP A 1 46  ? 0.340   11.688  -0.627  1.00 13.11 ? 1337 ASP A O   1 
ATOM   196  C CB  . ASP A 1 46  ? 2.850   12.378  -2.309  1.00 13.80 ? 1337 ASP A CB  1 
ATOM   197  C CG  . ASP A 1 46  ? 3.288   13.456  -3.296  1.00 14.39 ? 1337 ASP A CG  1 
ATOM   198  O OD1 . ASP A 1 46  ? 2.969   14.660  -3.040  1.00 16.92 ? 1337 ASP A OD1 1 
ATOM   199  O OD2 . ASP A 1 46  ? 3.858   13.098  -4.339  1.00 14.74 ? 1337 ASP A OD2 1 
ATOM   200  N N   . SER A 1 47  ? 1.946   11.362  0.921   1.00 12.18 ? 1338 SER A N   1 
ATOM   201  C CA  . SER A 1 47  ? 1.103   10.402  1.671   1.00 11.98 ? 1338 SER A CA  1 
ATOM   202  C C   . SER A 1 47  ? 0.113   11.071  2.626   1.00 12.38 ? 1338 SER A C   1 
ATOM   203  O O   . SER A 1 47  ? -0.751  10.356  3.142   1.00 12.29 ? 1338 SER A O   1 
ATOM   204  C CB  . SER A 1 47  ? 1.924   9.406   2.412   1.00 11.67 ? 1338 SER A CB  1 
ATOM   205  O OG  . SER A 1 47  ? 2.517   9.950   3.590   1.00 11.63 ? 1338 SER A OG  1 
ATOM   206  N N   . GLU A 1 48  ? 0.255   12.364  2.929   1.00 13.20 ? 1339 GLU A N   1 
ATOM   207  C CA  . GLU A 1 48  ? -0.516  12.933  4.069   1.00 14.81 ? 1339 GLU A CA  1 
ATOM   208  C C   . GLU A 1 48  ? -2.015  12.644  3.935   1.00 12.80 ? 1339 GLU A C   1 
ATOM   209  O O   . GLU A 1 48  ? -2.640  12.233  4.922   1.00 13.88 ? 1339 GLU A O   1 
ATOM   210  C CB  . GLU A 1 48  ? -0.210  14.412  4.297   1.00 17.59 ? 1339 GLU A CB  1 
ATOM   211  C CG  . GLU A 1 48  ? -1.026  15.022  5.431   1.00 21.45 ? 1339 GLU A CG  1 
ATOM   212  C CD  . GLU A 1 48  ? -2.451  15.404  5.068   1.00 25.53 ? 1339 GLU A CD  1 
ATOM   213  O OE1 . GLU A 1 48  ? -2.769  15.429  3.864   1.00 31.09 ? 1339 GLU A OE1 1 
ATOM   214  O OE2 . GLU A 1 48  ? -3.244  15.689  6.000   1.00 32.29 ? 1339 GLU A OE2 1 
ATOM   215  N N   . PRO A 1 49  ? -2.683  12.773  2.755   1.00 12.41 ? 1340 PRO A N   1 
ATOM   216  C CA  . PRO A 1 49  ? -4.124  12.491  2.676   1.00 12.27 ? 1340 PRO A CA  1 
ATOM   217  C C   . PRO A 1 49  ? -4.521  11.029  2.899   1.00 12.22 ? 1340 PRO A C   1 
ATOM   218  O O   . PRO A 1 49  ? -5.713  10.758  3.159   1.00 12.09 ? 1340 PRO A O   1 
ATOM   219  C CB  . PRO A 1 49  ? -4.501  12.898  1.236   1.00 12.68 ? 1340 PRO A CB  1 
ATOM   220  C CG  . PRO A 1 49  ? -3.384  13.833  0.818   1.00 13.07 ? 1340 PRO A CG  1 
ATOM   221  C CD  . PRO A 1 49  ? -2.155  13.232  1.462   1.00 12.34 ? 1340 PRO A CD  1 
ATOM   222  N N   . PHE A 1 50  ? -3.535  10.130  2.829   1.00 12.15 ? 1341 PHE A N   1 
ATOM   223  C CA  . PHE A 1 50  ? -3.769  8.667   2.821   1.00 11.62 ? 1341 PHE A CA  1 
ATOM   224  C C   . PHE A 1 50  ? -3.323  8.036   4.141   1.00 12.58 ? 1341 PHE A C   1 
ATOM   225  O O   . PHE A 1 50  ? -3.351  6.812   4.231   1.00 13.65 ? 1341 PHE A O   1 
ATOM   226  C CB  . PHE A 1 50  ? -3.076  8.042   1.605   1.00 11.29 ? 1341 PHE A CB  1 
ATOM   227  C CG  . PHE A 1 50  ? -3.360  8.772   0.316   1.00 11.11 ? 1341 PHE A CG  1 
ATOM   228  C CD1 . PHE A 1 50  ? -4.628  8.730   -0.251  1.00 12.23 ? 1341 PHE A CD1 1 
ATOM   229  C CD2 . PHE A 1 50  ? -2.398  9.579   -0.279  1.00 12.21 ? 1341 PHE A CD2 1 
ATOM   230  C CE1 . PHE A 1 50  ? -4.915  9.452   -1.394  1.00 12.30 ? 1341 PHE A CE1 1 
ATOM   231  C CE2 . PHE A 1 50  ? -2.687  10.288  -1.431  1.00 11.74 ? 1341 PHE A CE2 1 
ATOM   232  C CZ  . PHE A 1 50  ? -3.944  10.234  -1.982  1.00 12.02 ? 1341 PHE A CZ  1 
ATOM   233  N N   . ARG A 1 51  ? -2.959  8.817   5.158   1.00 13.14 ? 1342 ARG A N   1 
ATOM   234  C CA  . ARG A 1 51  ? -2.356  8.275   6.405   1.00 14.24 ? 1342 ARG A CA  1 
ATOM   235  C C   . ARG A 1 51  ? -3.437  7.728   7.327   1.00 15.96 ? 1342 ARG A C   1 
ATOM   236  O O   . ARG A 1 51  ? -3.174  6.708   8.000   1.00 17.97 ? 1342 ARG A O   1 
ATOM   237  C CB  . ARG A 1 51  ? -1.497  9.327   7.108   1.00 14.10 ? 1342 ARG A CB  1 
ATOM   238  C CG  . ARG A 1 51  ? -0.167  9.503   6.397   1.00 13.45 ? 1342 ARG A CG  1 
ATOM   239  C CD  . ARG A 1 51  ? 0.674   10.612  6.985   1.00 13.70 ? 1342 ARG A CD  1 
ATOM   240  N NE  . ARG A 1 51  ? 1.694   11.085  6.072   1.00 14.66 ? 1342 ARG A NE  1 
ATOM   241  C CZ  . ARG A 1 51  ? 2.304   12.266  6.154   1.00 15.34 ? 1342 ARG A CZ  1 
ATOM   242  N NH1 . ARG A 1 51  ? 2.042   13.107  7.149   1.00 16.78 ? 1342 ARG A NH1 1 
ATOM   243  N NH2 . ARG A 1 51  ? 3.202   12.589  5.242   1.00 14.81 ? 1342 ARG A NH2 1 
ATOM   244  N N   . GLN A 1 52  ? -4.605  8.366   7.343   1.00 16.23 ? 1343 GLN A N   1 
ATOM   245  C CA  . GLN A 1 52  ? -5.687  8.098   8.315   1.00 19.74 ? 1343 GLN A CA  1 
ATOM   246  C C   . GLN A 1 52  ? -7.005  8.066   7.545   1.00 20.97 ? 1343 GLN A C   1 
ATOM   247  O O   . GLN A 1 52  ? -7.053  8.422   6.363   1.00 21.33 ? 1343 GLN A O   1 
ATOM   248  C CB  . GLN A 1 52  ? -5.625  9.143   9.442   1.00 21.20 ? 1343 GLN A CB  1 
ATOM   249  C CG  . GLN A 1 52  ? -4.210  9.492   9.926   1.00 23.79 ? 1343 GLN A CG  1 
ATOM   250  C CD  . GLN A 1 52  ? -3.491  8.424   10.726  1.00 25.79 ? 1343 GLN A CD  1 
ATOM   251  O OE1 . GLN A 1 52  ? -4.059  7.407   11.132  1.00 27.53 ? 1343 GLN A OE1 1 
ATOM   252  N NE2 . GLN A 1 52  ? -2.208  8.652   10.973  1.00 26.96 ? 1343 GLN A NE2 1 
ATOM   253  N N   . PRO A 1 53  ? -8.107  7.568   8.148   1.00 23.94 ? 1344 PRO A N   1 
ATOM   254  C CA  . PRO A 1 53  ? -9.391  7.497   7.453   1.00 24.15 ? 1344 PRO A CA  1 
ATOM   255  C C   . PRO A 1 53  ? -9.952  8.849   6.991   1.00 27.13 ? 1344 PRO A C   1 
ATOM   256  O O   . PRO A 1 53  ? -9.634  9.878   7.570   1.00 25.59 ? 1344 PRO A O   1 
ATOM   257  C CB  . PRO A 1 53  ? -10.330 6.891   8.502   1.00 24.81 ? 1344 PRO A CB  1 
ATOM   258  C CG  . PRO A 1 53  ? -9.398  6.090   9.382   1.00 24.43 ? 1344 PRO A CG  1 
ATOM   259  C CD  . PRO A 1 53  ? -8.159  6.956   9.486   1.00 24.16 ? 1344 PRO A CD  1 
ATOM   260  N N   . VAL A 1 54  ? -10.783 8.797   5.952   1.00 27.17 ? 1345 VAL A N   1 
ATOM   261  C CA  . VAL A 1 54  ? -11.611 9.939   5.485   1.00 28.60 ? 1345 VAL A CA  1 
ATOM   262  C C   . VAL A 1 54  ? -12.663 10.232  6.555   1.00 30.64 ? 1345 VAL A C   1 
ATOM   263  O O   . VAL A 1 54  ? -13.378 9.288   6.948   1.00 34.07 ? 1345 VAL A O   1 
ATOM   264  C CB  . VAL A 1 54  ? -12.258 9.635   4.122   1.00 27.46 ? 1345 VAL A CB  1 
ATOM   265  C CG1 . VAL A 1 54  ? -13.134 10.784  3.654   1.00 26.29 ? 1345 VAL A CG1 1 
ATOM   266  C CG2 . VAL A 1 54  ? -11.201 9.299   3.082   1.00 27.09 ? 1345 VAL A CG2 1 
ATOM   267  N N   . ASP A 1 55  ? -12.725 11.483  7.015   1.00 31.55 ? 1346 ASP A N   1 
ATOM   268  C CA  . ASP A 1 55  ? -13.791 12.007  7.906   1.00 32.68 ? 1346 ASP A CA  1 
ATOM   269  C C   . ASP A 1 55  ? -15.033 12.267  7.049   1.00 30.90 ? 1346 ASP A C   1 
ATOM   270  O O   . ASP A 1 55  ? -14.903 12.988  6.055   1.00 29.29 ? 1346 ASP A O   1 
ATOM   271  C CB  . ASP A 1 55  ? -13.360 13.289  8.623   1.00 35.58 ? 1346 ASP A CB  1 
ATOM   272  C CG  . ASP A 1 55  ? -14.494 13.928  9.409   1.00 38.81 ? 1346 ASP A CG  1 
ATOM   273  O OD1 . ASP A 1 55  ? -15.378 13.178  9.869   1.00 39.54 ? 1346 ASP A OD1 1 
ATOM   274  O OD2 . ASP A 1 55  ? -14.497 15.167  9.538   1.00 43.47 ? 1346 ASP A OD2 1 
ATOM   275  N N   . LEU A 1 56  ? -16.190 11.735  7.451   1.00 31.55 ? 1347 LEU A N   1 
ATOM   276  C CA  . LEU A 1 56  ? -17.459 11.837  6.680   1.00 30.95 ? 1347 LEU A CA  1 
ATOM   277  C C   . LEU A 1 56  ? -18.097 13.226  6.867   1.00 29.21 ? 1347 LEU A C   1 
ATOM   278  O O   . LEU A 1 56  ? -18.903 13.605  6.012   1.00 29.23 ? 1347 LEU A O   1 
ATOM   279  C CB  . LEU A 1 56  ? -18.413 10.704  7.095   1.00 30.30 ? 1347 LEU A CB  1 
ATOM   280  C CG  . LEU A 1 56  ? -18.039 9.274   6.674   1.00 32.99 ? 1347 LEU A CG  1 
ATOM   281  C CD1 . LEU A 1 56  ? -17.011 9.233   5.551   1.00 33.97 ? 1347 LEU A CD1 1 
ATOM   282  C CD2 . LEU A 1 56  ? -17.556 8.450   7.859   1.00 33.64 ? 1347 LEU A CD2 1 
ATOM   283  N N   . LEU A 1 57  ? -17.770 13.985  7.921   1.00 29.19 ? 1348 LEU A N   1 
ATOM   284  C CA  . LEU A 1 57  ? -18.280 15.380  8.058   1.00 29.36 ? 1348 LEU A CA  1 
ATOM   285  C C   . LEU A 1 57  ? -17.718 16.241  6.917   1.00 28.95 ? 1348 LEU A C   1 
ATOM   286  O O   . LEU A 1 57  ? -18.445 17.139  6.453   1.00 28.10 ? 1348 LEU A O   1 
ATOM   287  C CB  . LEU A 1 57  ? -17.893 15.981  9.415   1.00 30.37 ? 1348 LEU A CB  1 
ATOM   288  C CG  . LEU A 1 57  ? -18.672 15.483  10.631  1.00 31.61 ? 1348 LEU A CG  1 
ATOM   289  C CD1 . LEU A 1 57  ? -17.984 15.937  11.909  1.00 32.73 ? 1348 LEU A CD1 1 
ATOM   290  C CD2 . LEU A 1 57  ? -20.116 15.963  10.606  1.00 32.56 ? 1348 LEU A CD2 1 
ATOM   291  N N   . GLU A 1 58  ? -16.482 15.970  6.480   1.00 26.40 ? 1349 GLU A N   1 
ATOM   292  C CA  . GLU A 1 58  ? -15.775 16.777  5.449   1.00 25.79 ? 1349 GLU A CA  1 
ATOM   293  C C   . GLU A 1 58  ? -16.138 16.287  4.042   1.00 23.18 ? 1349 GLU A C   1 
ATOM   294  O O   . GLU A 1 58  ? -16.160 17.126  3.111   1.00 24.68 ? 1349 GLU A O   1 
ATOM   295  C CB  . GLU A 1 58  ? -14.262 16.692  5.645   1.00 25.96 ? 1349 GLU A CB  1 
ATOM   296  C CG  . GLU A 1 58  ? -13.757 17.484  6.838   1.00 28.20 ? 1349 GLU A CG  1 
ATOM   297  C CD  . GLU A 1 58  ? -12.366 17.114  7.329   1.00 31.73 ? 1349 GLU A CD  1 
ATOM   298  O OE1 . GLU A 1 58  ? -11.784 16.140  6.799   1.00 34.57 ? 1349 GLU A OE1 1 
ATOM   299  O OE2 . GLU A 1 58  ? -11.863 17.801  8.253   1.00 35.37 ? 1349 GLU A OE2 1 
ATOM   300  N N   . TYR A 1 59  ? -16.356 14.977  3.897   1.00 21.75 ? 1350 TYR A N   1 
ATOM   301  C CA  . TYR A 1 59  ? -16.666 14.278  2.621   1.00 18.42 ? 1350 TYR A CA  1 
ATOM   302  C C   . TYR A 1 59  ? -17.922 13.429  2.821   1.00 18.03 ? 1350 TYR A C   1 
ATOM   303  O O   . TYR A 1 59  ? -17.876 12.197  2.886   1.00 16.64 ? 1350 TYR A O   1 
ATOM   304  C CB  . TYR A 1 59  ? -15.442 13.464  2.197   1.00 18.08 ? 1350 TYR A CB  1 
ATOM   305  C CG  . TYR A 1 59  ? -14.192 14.276  1.973   1.00 16.55 ? 1350 TYR A CG  1 
ATOM   306  C CD1 . TYR A 1 59  ? -13.949 14.918  0.771   1.00 16.99 ? 1350 TYR A CD1 1 
ATOM   307  C CD2 . TYR A 1 59  ? -13.242 14.408  2.974   1.00 16.94 ? 1350 TYR A CD2 1 
ATOM   308  C CE1 . TYR A 1 59  ? -12.804 15.675  0.571   1.00 16.14 ? 1350 TYR A CE1 1 
ATOM   309  C CE2 . TYR A 1 59  ? -12.101 15.172  2.790   1.00 16.10 ? 1350 TYR A CE2 1 
ATOM   310  C CZ  . TYR A 1 59  ? -11.867 15.795  1.583   1.00 15.78 ? 1350 TYR A CZ  1 
ATOM   311  O OH  . TYR A 1 59  ? -10.701 16.487  1.372   1.00 15.97 ? 1350 TYR A OH  1 
ATOM   312  N N   . PRO A 1 60  ? -19.108 14.071  2.935   1.00 18.91 ? 1351 PRO A N   1 
ATOM   313  C CA  . PRO A 1 60  ? -20.313 13.375  3.399   1.00 17.32 ? 1351 PRO A CA  1 
ATOM   314  C C   . PRO A 1 60  ? -20.775 12.218  2.506   1.00 17.29 ? 1351 PRO A C   1 
ATOM   315  O O   . PRO A 1 60  ? -21.460 11.332  2.990   1.00 16.92 ? 1351 PRO A O   1 
ATOM   316  C CB  . PRO A 1 60  ? -21.398 14.469  3.434   1.00 18.66 ? 1351 PRO A CB  1 
ATOM   317  C CG  . PRO A 1 60  ? -20.677 15.790  3.348   1.00 20.09 ? 1351 PRO A CG  1 
ATOM   318  C CD  . PRO A 1 60  ? -19.336 15.510  2.699   1.00 19.35 ? 1351 PRO A CD  1 
ATOM   319  N N   . ASP A 1 61  ? -20.385 12.233  1.233   1.00 15.19 ? 1352 ASP A N   1 
ATOM   320  C CA  . ASP A 1 61  ? -20.797 11.189  0.262   1.00 15.33 ? 1352 ASP A CA  1 
ATOM   321  C C   . ASP A 1 61  ? -19.733 10.079  0.153   1.00 14.87 ? 1352 ASP A C   1 
ATOM   322  O O   . ASP A 1 61  ? -19.923 9.174   -0.675  1.00 14.03 ? 1352 ASP A O   1 
ATOM   323  C CB  . ASP A 1 61  ? -21.051 11.799  -1.120  1.00 16.78 ? 1352 ASP A CB  1 
ATOM   324  C CG  . ASP A 1 61  ? -19.795 12.348  -1.757  1.00 17.61 ? 1352 ASP A CG  1 
ATOM   325  O OD1 . ASP A 1 61  ? -18.909 12.787  -0.995  1.00 20.01 ? 1352 ASP A OD1 1 
ATOM   326  O OD2 . ASP A 1 61  ? -19.742 12.415  -3.009  1.00 23.03 ? 1352 ASP A OD2 1 
ATOM   327  N N   . TYR A 1 62  ? -18.667 10.078  0.954   1.00 13.72 ? 1353 TYR A N   1 
ATOM   328  C CA  . TYR A 1 62  ? -17.492 9.212   0.649   1.00 14.34 ? 1353 TYR A CA  1 
ATOM   329  C C   . TYR A 1 62  ? -17.931 7.739   0.609   1.00 14.62 ? 1353 TYR A C   1 
ATOM   330  O O   . TYR A 1 62  ? -17.603 7.009   -0.357  1.00 13.32 ? 1353 TYR A O   1 
ATOM   331  C CB  . TYR A 1 62  ? -16.367 9.456   1.652   1.00 13.52 ? 1353 TYR A CB  1 
ATOM   332  C CG  . TYR A 1 62  ? -15.093 8.709   1.333   1.00 13.20 ? 1353 TYR A CG  1 
ATOM   333  C CD1 . TYR A 1 62  ? -14.267 9.150   0.316   1.00 13.84 ? 1353 TYR A CD1 1 
ATOM   334  C CD2 . TYR A 1 62  ? -14.736 7.561   2.029   1.00 13.59 ? 1353 TYR A CD2 1 
ATOM   335  C CE1 . TYR A 1 62  ? -13.112 8.464   -0.018  1.00 13.02 ? 1353 TYR A CE1 1 
ATOM   336  C CE2 . TYR A 1 62  ? -13.549 6.891   1.738   1.00 12.44 ? 1353 TYR A CE2 1 
ATOM   337  C CZ  . TYR A 1 62  ? -12.756 7.328   0.692   1.00 12.75 ? 1353 TYR A CZ  1 
ATOM   338  O OH  . TYR A 1 62  ? -11.622 6.629   0.359   1.00 11.36 ? 1353 TYR A OH  1 
ATOM   339  N N   . ARG A 1 63  ? -18.687 7.291   1.612   1.00 15.23 ? 1354 ARG A N   1 
ATOM   340  C CA  . ARG A 1 63  ? -19.113 5.873   1.743   1.00 16.05 ? 1354 ARG A CA  1 
ATOM   341  C C   . ARG A 1 63  ? -20.253 5.529   0.768   1.00 15.64 ? 1354 ARG A C   1 
ATOM   342  O O   . ARG A 1 63  ? -20.532 4.329   0.627   1.00 16.49 ? 1354 ARG A O   1 
ATOM   343  C CB  . ARG A 1 63  ? -19.463 5.540   3.197   1.00 17.52 ? 1354 ARG A CB  1 
ATOM   344  C CG  . ARG A 1 63  ? -18.273 5.614   4.148   1.00 19.28 ? 1354 ARG A CG  1 
ATOM   345  C CD  . ARG A 1 63  ? -17.078 4.749   3.765   1.00 20.76 ? 1354 ARG A CD  1 
ATOM   346  N NE  . ARG A 1 63  ? -17.388 3.326   3.664   1.00 21.43 ? 1354 ARG A NE  1 
ATOM   347  C CZ  . ARG A 1 63  ? -17.495 2.493   4.700   1.00 23.18 ? 1354 ARG A CZ  1 
ATOM   348  N NH1 . ARG A 1 63  ? -17.330 2.934   5.937   1.00 23.87 ? 1354 ARG A NH1 1 
ATOM   349  N NH2 . ARG A 1 63  ? -17.793 1.222   4.496   1.00 25.61 ? 1354 ARG A NH2 1 
ATOM   350  N N   . ASP A 1 64  ? -20.841 6.500   0.061   1.00 15.98 ? 1355 ASP A N   1 
ATOM   351  C CA  . ASP A 1 64  ? -21.775 6.206   -1.060  1.00 17.44 ? 1355 ASP A CA  1 
ATOM   352  C C   . ASP A 1 64  ? -20.956 5.613   -2.217  1.00 17.00 ? 1355 ASP A C   1 
ATOM   353  O O   . ASP A 1 64  ? -21.460 4.697   -2.901  1.00 19.07 ? 1355 ASP A O   1 
ATOM   354  C CB  . ASP A 1 64  ? -22.548 7.446   -1.510  1.00 18.45 ? 1355 ASP A CB  1 
ATOM   355  C CG  . ASP A 1 64  ? -23.300 8.182   -0.405  1.00 18.81 ? 1355 ASP A CG  1 
ATOM   356  O OD1 . ASP A 1 64  ? -23.549 7.583   0.666   1.00 21.69 ? 1355 ASP A OD1 1 
ATOM   357  O OD2 . ASP A 1 64  ? -23.655 9.358   -0.633  1.00 21.57 ? 1355 ASP A OD2 1 
ATOM   358  N N   . ILE A 1 65  ? -19.715 6.100   -2.392  1.00 15.23 ? 1356 ILE A N   1 
ATOM   359  C CA  . ILE A 1 65  ? -18.807 5.724   -3.519  1.00 14.87 ? 1356 ILE A CA  1 
ATOM   360  C C   . ILE A 1 65  ? -17.876 4.564   -3.107  1.00 14.55 ? 1356 ILE A C   1 
ATOM   361  O O   . ILE A 1 65  ? -17.702 3.593   -3.884  1.00 15.37 ? 1356 ILE A O   1 
ATOM   362  C CB  . ILE A 1 65  ? -18.025 6.970   -3.988  1.00 14.92 ? 1356 ILE A CB  1 
ATOM   363  C CG1 . ILE A 1 65  ? -18.911 8.222   -4.128  1.00 14.89 ? 1356 ILE A CG1 1 
ATOM   364  C CG2 . ILE A 1 65  ? -17.250 6.667   -5.261  1.00 14.83 ? 1356 ILE A CG2 1 
ATOM   365  C CD1 . ILE A 1 65  ? -20.139 8.065   -5.009  1.00 15.44 ? 1356 ILE A CD1 1 
ATOM   366  N N   . ILE A 1 66  ? -17.331 4.609   -1.894  1.00 14.86 ? 1357 ILE A N   1 
ATOM   367  C CA  . ILE A 1 66  ? -16.232 3.716   -1.421  1.00 14.80 ? 1357 ILE A CA  1 
ATOM   368  C C   . ILE A 1 66  ? -16.784 2.688   -0.426  1.00 15.68 ? 1357 ILE A C   1 
ATOM   369  O O   . ILE A 1 66  ? -17.111 3.079   0.720   1.00 16.27 ? 1357 ILE A O   1 
ATOM   370  C CB  . ILE A 1 66  ? -15.100 4.561   -0.807  1.00 13.68 ? 1357 ILE A CB  1 
ATOM   371  C CG1 . ILE A 1 66  ? -14.509 5.545   -1.824  1.00 14.34 ? 1357 ILE A CG1 1 
ATOM   372  C CG2 . ILE A 1 66  ? -14.038 3.678   -0.167  1.00 13.44 ? 1357 ILE A CG2 1 
ATOM   373  C CD1 . ILE A 1 66  ? -13.983 4.913   -3.086  1.00 14.46 ? 1357 ILE A CD1 1 
ATOM   374  N N   . ASP A 1 67  ? -16.792 1.418   -0.823  1.00 17.25 ? 1358 ASP A N   1 
ATOM   375  C CA  . ASP A 1 67  ? -17.289 0.285   -0.003  1.00 18.44 ? 1358 ASP A CA  1 
ATOM   376  C C   . ASP A 1 67  ? -16.262 -0.151  1.044   1.00 17.11 ? 1358 ASP A C   1 
ATOM   377  O O   . ASP A 1 67  ? -16.682 -0.548  2.142   1.00 18.12 ? 1358 ASP A O   1 
ATOM   378  C CB  . ASP A 1 67  ? -17.630 -0.923  -0.876  1.00 21.61 ? 1358 ASP A CB  1 
ATOM   379  C CG  . ASP A 1 67  ? -19.003 -0.856  -1.508  1.00 25.42 ? 1358 ASP A CG  1 
ATOM   380  O OD1 . ASP A 1 67  ? -19.791 0.029   -1.116  1.00 31.58 ? 1358 ASP A OD1 1 
ATOM   381  O OD2 . ASP A 1 67  ? -19.267 -1.699  -2.386  1.00 32.19 ? 1358 ASP A OD2 1 
ATOM   382  N N   . THR A 1 68  ? -14.955 -0.139  0.721   1.00 15.97 ? 1359 THR A N   1 
ATOM   383  C CA  . THR A 1 68  ? -13.890 -0.649  1.626   1.00 16.25 ? 1359 THR A CA  1 
ATOM   384  C C   . THR A 1 68  ? -12.828 0.429   1.806   1.00 14.83 ? 1359 THR A C   1 
ATOM   385  O O   . THR A 1 68  ? -11.885 0.531   1.008   1.00 16.47 ? 1359 THR A O   1 
ATOM   386  C CB  . THR A 1 68  ? -13.261 -1.960  1.133   1.00 16.98 ? 1359 THR A CB  1 
ATOM   387  O OG1 . THR A 1 68  ? -14.298 -2.928  0.940   1.00 18.06 ? 1359 THR A OG1 1 
ATOM   388  C CG2 . THR A 1 68  ? -12.223 -2.509  2.095   1.00 17.72 ? 1359 THR A CG2 1 
ATOM   389  N N   . PRO A 1 69  ? -12.935 1.255   2.862   1.00 14.55 ? 1360 PRO A N   1 
ATOM   390  C CA  . PRO A 1 69  ? -11.935 2.280   3.130   1.00 14.46 ? 1360 PRO A CA  1 
ATOM   391  C C   . PRO A 1 69  ? -10.592 1.581   3.361   1.00 12.82 ? 1360 PRO A C   1 
ATOM   392  O O   . PRO A 1 69  ? -10.529 0.399   3.711   1.00 13.37 ? 1360 PRO A O   1 
ATOM   393  C CB  . PRO A 1 69  ? -12.415 3.002   4.393   1.00 15.22 ? 1360 PRO A CB  1 
ATOM   394  C CG  . PRO A 1 69  ? -13.889 2.664   4.474   1.00 16.78 ? 1360 PRO A CG  1 
ATOM   395  C CD  . PRO A 1 69  ? -14.052 1.309   3.824   1.00 15.74 ? 1360 PRO A CD  1 
ATOM   396  N N   . MET A 1 70  ? -9.514  2.315   3.117   1.00 12.47 ? 1361 MET A N   1 
ATOM   397  C CA  . MET A 1 70  ? -8.161  1.801   3.418   1.00 12.32 ? 1361 MET A CA  1 
ATOM   398  C C   . MET A 1 70  ? -7.209  2.994   3.525   1.00 11.95 ? 1361 MET A C   1 
ATOM   399  O O   . MET A 1 70  ? -7.343  3.971   2.792   1.00 11.38 ? 1361 MET A O   1 
ATOM   400  C CB  . MET A 1 70  ? -7.709  0.801   2.346   1.00 12.34 ? 1361 MET A CB  1 
ATOM   401  C CG  . MET A 1 70  ? -6.429  0.062   2.677   1.00 12.23 ? 1361 MET A CG  1 
ATOM   402  S SD  . MET A 1 70  ? -6.440  -0.845  4.259   1.00 12.62 ? 1361 MET A SD  1 
ATOM   403  C CE  . MET A 1 70  ? -7.764  -2.036  4.067   1.00 13.90 ? 1361 MET A CE  1 
ATOM   404  N N   . ASP A 1 71  ? -6.262  2.910   4.447   1.00 12.16 ? 1362 ASP A N   1 
ATOM   405  C CA  . ASP A 1 71  ? -5.258  3.984   4.651   1.00 12.79 ? 1362 ASP A CA  1 
ATOM   406  C C   . ASP A 1 71  ? -3.953  3.348   5.135   1.00 11.68 ? 1362 ASP A C   1 
ATOM   407  O O   . ASP A 1 71  ? -3.955  2.196   5.580   1.00 12.64 ? 1362 ASP A O   1 
ATOM   408  C CB  . ASP A 1 71  ? -5.813  5.063   5.591   1.00 15.43 ? 1362 ASP A CB  1 
ATOM   409  C CG  . ASP A 1 71  ? -6.063  4.622   7.023   1.00 17.98 ? 1362 ASP A CG  1 
ATOM   410  O OD1 . ASP A 1 71  ? -7.185  4.873   7.515   1.00 22.24 ? 1362 ASP A OD1 1 
ATOM   411  O OD2 . ASP A 1 71  ? -5.144  4.089   7.651   1.00 19.86 ? 1362 ASP A OD2 1 
ATOM   412  N N   . PHE A 1 72  ? -2.846  4.085   5.102   1.00 10.88 ? 1363 PHE A N   1 
ATOM   413  C CA  . PHE A 1 72  ? -1.513  3.506   5.419   1.00 10.70 ? 1363 PHE A CA  1 
ATOM   414  C C   . PHE A 1 72  ? -1.372  3.206   6.916   1.00 11.75 ? 1363 PHE A C   1 
ATOM   415  O O   . PHE A 1 72  ? -0.580  2.317   7.255   1.00 10.77 ? 1363 PHE A O   1 
ATOM   416  C CB  . PHE A 1 72  ? -0.383  4.409   4.927   1.00 10.55 ? 1363 PHE A CB  1 
ATOM   417  C CG  . PHE A 1 72  ? -0.220  4.383   3.432   1.00 10.10 ? 1363 PHE A CG  1 
ATOM   418  C CD1 . PHE A 1 72  ? 0.385   3.309   2.809   1.00 10.53 ? 1363 PHE A CD1 1 
ATOM   419  C CD2 . PHE A 1 72  ? -0.662  5.432   2.648   1.00 10.44 ? 1363 PHE A CD2 1 
ATOM   420  C CE1 . PHE A 1 72  ? 0.528   3.273   1.431   1.00 10.98 ? 1363 PHE A CE1 1 
ATOM   421  C CE2 . PHE A 1 72  ? -0.521  5.396   1.271   1.00 10.26 ? 1363 PHE A CE2 1 
ATOM   422  C CZ  . PHE A 1 72  ? 0.057   4.307   0.668   1.00 10.04 ? 1363 PHE A CZ  1 
ATOM   423  N N   . ALA A 1 73  ? -2.114  3.887   7.790   1.00 11.02 ? 1364 ALA A N   1 
ATOM   424  C CA  . ALA A 1 73  ? -2.056  3.517   9.214   1.00 11.99 ? 1364 ALA A CA  1 
ATOM   425  C C   . ALA A 1 73  ? -2.711  2.142   9.436   1.00 12.16 ? 1364 ALA A C   1 
ATOM   426  O O   . ALA A 1 73  ? -2.108  1.280   10.135  1.00 12.01 ? 1364 ALA A O   1 
ATOM   427  C CB  . ALA A 1 73  ? -2.707  4.561   10.086  1.00 13.47 ? 1364 ALA A CB  1 
ATOM   428  N N   . THR A 1 74  ? -3.800  1.864   8.733   1.00 12.00 ? 1365 THR A N   1 
ATOM   429  C CA  . THR A 1 74  ? -4.455  0.542   8.819   1.00 11.10 ? 1365 THR A CA  1 
ATOM   430  C C   . THR A 1 74  ? -3.483  -0.517  8.258   1.00 11.00 ? 1365 THR A C   1 
ATOM   431  O O   . THR A 1 74  ? -3.328  -1.589  8.866   1.00 11.28 ? 1365 THR A O   1 
ATOM   432  C CB  . THR A 1 74  ? -5.791  0.535   8.100   1.00 12.44 ? 1365 THR A CB  1 
ATOM   433  O OG1 . THR A 1 74  ? -6.627  1.496   8.780   1.00 15.09 ? 1365 THR A OG1 1 
ATOM   434  C CG2 . THR A 1 74  ? -6.452  -0.828  8.044   1.00 12.74 ? 1365 THR A CG2 1 
ATOM   435  N N   . VAL A 1 75  ? -2.823  -0.239  7.128   1.00 10.52 ? 1366 VAL A N   1 
ATOM   436  C CA  . VAL A 1 75  ? -1.838  -1.201  6.555   1.00 10.51 ? 1366 VAL A CA  1 
ATOM   437  C C   . VAL A 1 75  ? -0.737  -1.493  7.567   1.00 10.42 ? 1366 VAL A C   1 
ATOM   438  O O   . VAL A 1 75  ? -0.376  -2.668  7.828   1.00 10.55 ? 1366 VAL A O   1 
ATOM   439  C CB  . VAL A 1 75  ? -1.305  -0.743  5.185   1.00 10.82 ? 1366 VAL A CB  1 
ATOM   440  C CG1 . VAL A 1 75  ? -0.211  -1.663  4.721   1.00 11.96 ? 1366 VAL A CG1 1 
ATOM   441  C CG2 . VAL A 1 75  ? -2.427  -0.656  4.183   1.00 11.49 ? 1366 VAL A CG2 1 
ATOM   442  N N   . ARG A 1 76  ? -0.143  -0.469  8.151   1.00 10.40 ? 1367 ARG A N   1 
ATOM   443  C CA  . ARG A 1 76  ? 0.935   -0.637  9.149   1.00 12.38 ? 1367 ARG A CA  1 
ATOM   444  C C   . ARG A 1 76  ? 0.451   -1.426  10.365  1.00 11.24 ? 1367 ARG A C   1 
ATOM   445  O O   . ARG A 1 76  ? 1.194   -2.308  10.826  1.00 11.72 ? 1367 ARG A O   1 
ATOM   446  C CB  . ARG A 1 76  ? 1.418   0.749   9.590   1.00 13.14 ? 1367 ARG A CB  1 
ATOM   447  C CG  . ARG A 1 76  ? 2.584   0.732   10.568  1.00 17.02 ? 1367 ARG A CG  1 
ATOM   448  C CD  . ARG A 1 76  ? 2.948   2.192   10.829  1.00 22.77 ? 1367 ARG A CD  1 
ATOM   449  N NE  . ARG A 1 76  ? 4.065   2.679   10.062  1.00 22.94 ? 1367 ARG A NE  1 
ATOM   450  C CZ  . ARG A 1 76  ? 4.468   3.957   10.052  1.00 24.44 ? 1367 ARG A CZ  1 
ATOM   451  N NH1 . ARG A 1 76  ? 3.720   4.899   10.609  1.00 22.18 ? 1367 ARG A NH1 1 
ATOM   452  N NH2 . ARG A 1 76  ? 5.601   4.259   9.468   1.00 27.16 ? 1367 ARG A NH2 1 
ATOM   453  N N   . GLU A 1 77  ? -0.727  -1.111  10.874  1.00 11.63 ? 1368 GLU A N   1 
ATOM   454  C CA  . GLU A 1 77  ? -1.232  -1.831  12.058  1.00 12.78 ? 1368 GLU A CA  1 
ATOM   455  C C   . GLU A 1 77  ? -1.514  -3.300  11.698  1.00 12.51 ? 1368 GLU A C   1 
ATOM   456  O O   . GLU A 1 77  ? -1.270  -4.202  12.536  1.00 12.79 ? 1368 GLU A O   1 
ATOM   457  C CB  . GLU A 1 77  ? -2.490  -1.128  12.519  1.00 15.93 ? 1368 GLU A CB  1 
ATOM   458  C CG  . GLU A 1 77  ? -2.254  0.226   13.165  1.00 20.46 ? 1368 GLU A CG  1 
ATOM   459  C CD  . GLU A 1 77  ? -3.406  1.230   13.228  1.00 29.71 ? 1368 GLU A CD  1 
ATOM   460  O OE1 . GLU A 1 77  ? -4.573  0.827   13.004  1.00 37.22 ? 1368 GLU A OE1 1 
ATOM   461  O OE2 . GLU A 1 77  ? -3.115  2.432   13.527  1.00 36.84 ? 1368 GLU A OE2 1 
ATOM   462  N N   . THR A 1 78  ? -2.029  -3.601  10.520  1.00 11.36 ? 1369 THR A N   1 
ATOM   463  C CA  . THR A 1 78  ? -2.310  -5.002  10.108  1.00 10.52 ? 1369 THR A CA  1 
ATOM   464  C C   . THR A 1 78  ? -0.987  -5.763  10.020  1.00 11.37 ? 1369 THR A C   1 
ATOM   465  O O   . THR A 1 78  ? -0.890  -6.920  10.519  1.00 11.89 ? 1369 THR A O   1 
ATOM   466  C CB  . THR A 1 78  ? -3.046  -5.024  8.763   1.00 11.10 ? 1369 THR A CB  1 
ATOM   467  O OG1 . THR A 1 78  ? -4.253  -4.260  8.860   1.00 12.23 ? 1369 THR A OG1 1 
ATOM   468  C CG2 . THR A 1 78  ? -3.353  -6.419  8.286   1.00 11.60 ? 1369 THR A CG2 1 
ATOM   469  N N   . LEU A 1 79  ? 0.055   -5.135  9.454   1.00 10.01 ? 1370 LEU A N   1 
ATOM   470  C CA  . LEU A 1 79  ? 1.406   -5.739  9.380   1.00 10.87 ? 1370 LEU A CA  1 
ATOM   471  C C   . LEU A 1 79  ? 1.919   -6.016  10.787  1.00 10.79 ? 1370 LEU A C   1 
ATOM   472  O O   . LEU A 1 79  ? 2.424   -7.178  11.099  1.00 11.36 ? 1370 LEU A O   1 
ATOM   473  C CB  . LEU A 1 79  ? 2.327   -4.806  8.579   1.00 11.11 ? 1370 LEU A CB  1 
ATOM   474  C CG  . LEU A 1 79  ? 3.741   -5.343  8.281   1.00 11.85 ? 1370 LEU A CG  1 
ATOM   475  C CD1 . LEU A 1 79  ? 3.660   -6.571  7.394   1.00 11.59 ? 1370 LEU A CD1 1 
ATOM   476  C CD2 . LEU A 1 79  ? 4.583   -4.243  7.637   1.00 12.49 ? 1370 LEU A CD2 1 
ATOM   477  N N   . GLU A 1 80  ? 1.905   -5.017  11.649  1.00 11.57 ? 1371 GLU A N   1 
ATOM   478  C CA  . GLU A 1 80  ? 2.487   -5.130  13.019  1.00 13.42 ? 1371 GLU A CA  1 
ATOM   479  C C   . GLU A 1 80  ? 1.685   -6.111  13.880  1.00 12.86 ? 1371 GLU A C   1 
ATOM   480  O O   . GLU A 1 80  ? 2.284   -6.726  14.789  1.00 14.68 ? 1371 GLU A O   1 
ATOM   481  C CB  . GLU A 1 80  ? 2.634   -3.717  13.607  1.00 14.48 ? 1371 GLU A CB  1 
ATOM   482  C CG  . GLU A 1 80  ? 3.663   -2.873  12.811  1.00 21.47 ? 1371 GLU A CG  1 
ATOM   483  C CD  . GLU A 1 80  ? 5.054   -3.493  12.595  1.00 28.84 ? 1371 GLU A CD  1 
ATOM   484  O OE1 . GLU A 1 80  ? 5.895   -3.141  13.447  1.00 36.23 ? 1371 GLU A OE1 1 
ATOM   485  O OE2 . GLU A 1 80  ? 5.310   -4.367  11.615  1.00 23.94 ? 1371 GLU A OE2 1 
ATOM   486  N N   . ALA A 1 81  ? 0.417   -6.297  13.647  1.00 12.70 ? 1372 ALA A N   1 
ATOM   487  C CA  . ALA A 1 81  ? -0.418  -7.307  14.346  1.00 13.73 ? 1372 ALA A CA  1 
ATOM   488  C C   . ALA A 1 81  ? -0.080  -8.738  13.938  1.00 14.93 ? 1372 ALA A C   1 
ATOM   489  O O   . ALA A 1 81  ? -0.560  -9.708  14.521  1.00 15.07 ? 1372 ALA A O   1 
ATOM   490  C CB  . ALA A 1 81  ? -1.858  -7.027  14.095  1.00 14.75 ? 1372 ALA A CB  1 
ATOM   491  N N   . GLY A 1 82  ? 0.698   -8.925  12.847  1.00 13.10 ? 1373 GLY A N   1 
ATOM   492  C CA  . GLY A 1 82  ? 0.905   -10.269 12.304  1.00 12.38 ? 1373 GLY A CA  1 
ATOM   493  C C   . GLY A 1 82  ? -0.295  -10.781 11.565  1.00 11.81 ? 1373 GLY A C   1 
ATOM   494  O O   . GLY A 1 82  ? -0.590  -11.988 11.568  1.00 12.67 ? 1373 GLY A O   1 
ATOM   495  N N   . ASN A 1 83  ? -1.008  -9.915  10.838  1.00 11.70 ? 1374 ASN A N   1 
ATOM   496  C CA  . ASN A 1 83  ? -2.259  -10.276 10.133  1.00 12.39 ? 1374 ASN A CA  1 
ATOM   497  C C   . ASN A 1 83  ? -2.133  -10.188 8.592   1.00 11.71 ? 1374 ASN A C   1 
ATOM   498  O O   . ASN A 1 83  ? -3.119  -10.335 7.898   1.00 12.93 ? 1374 ASN A O   1 
ATOM   499  C CB  . ASN A 1 83  ? -3.431  -9.439  10.646  1.00 13.68 ? 1374 ASN A CB  1 
ATOM   500  C CG  . ASN A 1 83  ? -3.884  -9.755  12.065  1.00 15.70 ? 1374 ASN A CG  1 
ATOM   501  O OD1 . ASN A 1 83  ? -4.771  -9.058  12.567  1.00 18.68 ? 1374 ASN A OD1 1 
ATOM   502  N ND2 . ASN A 1 83  ? -3.388  -10.795 12.710  1.00 15.05 ? 1374 ASN A ND2 1 
ATOM   503  N N   . TYR A 1 84  ? -0.897  -10.037 8.117   1.00 12.06 ? 1375 TYR A N   1 
ATOM   504  C CA  . TYR A 1 84  ? -0.595  -10.344 6.699   1.00 11.61 ? 1375 TYR A CA  1 
ATOM   505  C C   . TYR A 1 84  ? 0.245   -11.631 6.671   1.00 12.13 ? 1375 TYR A C   1 
ATOM   506  O O   . TYR A 1 84  ? 1.215   -11.757 7.444   1.00 13.04 ? 1375 TYR A O   1 
ATOM   507  C CB  . TYR A 1 84  ? 0.181   -9.225  5.980   1.00 11.31 ? 1375 TYR A CB  1 
ATOM   508  C CG  . TYR A 1 84  ? -0.577  -7.952  5.734   1.00 10.88 ? 1375 TYR A CG  1 
ATOM   509  C CD1 . TYR A 1 84  ? -1.783  -7.977  5.041   1.00 10.67 ? 1375 TYR A CD1 1 
ATOM   510  C CD2 . TYR A 1 84  ? -0.110  -6.725  6.164   1.00 10.71 ? 1375 TYR A CD2 1 
ATOM   511  C CE1 . TYR A 1 84  ? -2.491  -6.815  4.764   1.00 10.35 ? 1375 TYR A CE1 1 
ATOM   512  C CE2 . TYR A 1 84  ? -0.803  -5.563  5.892   1.00 10.70 ? 1375 TYR A CE2 1 
ATOM   513  C CZ  . TYR A 1 84  ? -1.991  -5.599  5.186   1.00 10.74 ? 1375 TYR A CZ  1 
ATOM   514  O OH  . TYR A 1 84  ? -2.670  -4.431  4.961   1.00 11.87 ? 1375 TYR A OH  1 
ATOM   515  N N   . GLU A 1 85  ? -0.134  -12.545 5.759   1.00 13.17 ? 1376 GLU A N   1 
ATOM   516  C CA  . GLU A 1 85  ? 0.694   -13.777 5.568   1.00 14.79 ? 1376 GLU A CA  1 
ATOM   517  C C   . GLU A 1 85  ? 1.769   -13.591 4.492   1.00 14.80 ? 1376 GLU A C   1 
ATOM   518  O O   . GLU A 1 85  ? 2.756   -14.343 4.457   1.00 18.63 ? 1376 GLU A O   1 
ATOM   519  C CB  . GLU A 1 85  ? -0.181  -14.969 5.220   1.00 16.80 ? 1376 GLU A CB  1 
ATOM   520  C CG  . GLU A 1 85  ? 0.678   -16.217 5.109   1.00 23.07 ? 1376 GLU A CG  1 
ATOM   521  C CD  . GLU A 1 85  ? -0.119  -17.490 4.982   1.00 28.59 ? 1376 GLU A CD  1 
ATOM   522  O OE1 . GLU A 1 85  ? -1.246  -17.398 4.462   1.00 36.53 ? 1376 GLU A OE1 1 
ATOM   523  O OE2 . GLU A 1 85  ? 0.399   -18.575 5.459   1.00 32.84 ? 1376 GLU A OE2 1 
ATOM   524  N N   . SER A 1 86  ? 1.617   -12.606 3.613   1.00 12.89 ? 1377 SER A N   1 
ATOM   525  C CA  . SER A 1 86  ? 2.538   -12.437 2.472   1.00 12.60 ? 1377 SER A CA  1 
ATOM   526  C C   . SER A 1 86  ? 2.562   -10.978 2.052   1.00 11.64 ? 1377 SER A C   1 
ATOM   527  O O   . SER A 1 86  ? 1.649   -10.210 2.368   1.00 11.62 ? 1377 SER A O   1 
ATOM   528  C CB  . SER A 1 86  ? 2.092   -13.258 1.299   1.00 12.76 ? 1377 SER A CB  1 
ATOM   529  O OG  . SER A 1 86  ? 0.905   -12.719 0.718   1.00 13.99 ? 1377 SER A OG  1 
ATOM   530  N N   . PRO A 1 87  ? 3.625   -10.556 1.328   1.00 11.26 ? 1378 PRO A N   1 
ATOM   531  C CA  . PRO A 1 87  ? 3.636   -9.192  0.845   1.00 11.66 ? 1378 PRO A CA  1 
ATOM   532  C C   . PRO A 1 87  ? 2.572   -8.960  -0.250  1.00 11.08 ? 1378 PRO A C   1 
ATOM   533  O O   . PRO A 1 87  ? 2.212   -7.812  -0.464  1.00 11.00 ? 1378 PRO A O   1 
ATOM   534  C CB  . PRO A 1 87  ? 5.067   -9.016  0.281   1.00 11.74 ? 1378 PRO A CB  1 
ATOM   535  C CG  . PRO A 1 87  ? 5.549   -10.444 -0.026  1.00 11.45 ? 1378 PRO A CG  1 
ATOM   536  C CD  . PRO A 1 87  ? 4.889   -11.285 1.054   1.00 11.27 ? 1378 PRO A CD  1 
ATOM   537  N N   . MET A 1 88  ? 2.090   -10.000 -0.924  1.00 10.28 ? 1379 MET A N   1 
ATOM   538  C CA  . MET A 1 88  ? 1.011   -9.845  -1.918  1.00 10.53 ? 1379 MET A CA  1 
ATOM   539  C C   . MET A 1 88  ? -0.260  -9.316  -1.238  1.00 10.10 ? 1379 MET A C   1 
ATOM   540  O O   . MET A 1 88  ? -0.969  -8.483  -1.789  1.00 10.34 ? 1379 MET A O   1 
ATOM   541  C CB  . MET A 1 88  ? 0.706   -11.158 -2.647  1.00 11.21 ? 1379 MET A CB  1 
ATOM   542  C CG  . MET A 1 88  ? 1.861   -11.669 -3.485  1.00 12.53 ? 1379 MET A CG  1 
ATOM   543  S SD  . MET A 1 88  ? 3.151   -12.625 -2.605  1.00 13.82 ? 1379 MET A SD  1 
ATOM   544  C CE  . MET A 1 88  ? 2.308   -14.203 -2.550  1.00 16.46 ? 1379 MET A CE  1 
ATOM   545  N N   . GLU A 1 89  ? -0.550  -9.784  0.003   1.00 10.74 ? 1380 GLU A N   1 
ATOM   546  C CA  . GLU A 1 89  ? -1.744  -9.304  0.704   1.00 11.38 ? 1380 GLU A CA  1 
ATOM   547  C C   . GLU A 1 89  ? -1.583  -7.816  1.046   1.00 9.75  ? 1380 GLU A C   1 
ATOM   548  O O   . GLU A 1 89  ? -2.534  -7.021  0.935   1.00 10.43 ? 1380 GLU A O   1 
ATOM   549  C CB  . GLU A 1 89  ? -1.971  -10.121 1.974   1.00 12.97 ? 1380 GLU A CB  1 
ATOM   550  C CG  . GLU A 1 89  ? -2.402  -11.555 1.724   1.00 13.33 ? 1380 GLU A CG  1 
ATOM   551  C CD  . GLU A 1 89  ? -2.546  -12.321 3.026   1.00 15.32 ? 1380 GLU A CD  1 
ATOM   552  O OE1 . GLU A 1 89  ? -2.201  -11.823 4.064   1.00 15.08 ? 1380 GLU A OE1 1 
ATOM   553  O OE2 . GLU A 1 89  ? -3.097  -13.475 2.968   1.00 20.01 ? 1380 GLU A OE2 1 
ATOM   554  N N   . LEU A 1 90  ? -0.401  -7.416  1.531   1.00 9.82  ? 1381 LEU A N   1 
ATOM   555  C CA  . LEU A 1 90  ? -0.139  -5.998  1.855   1.00 10.28 ? 1381 LEU A CA  1 
ATOM   556  C C   . LEU A 1 90  ? -0.297  -5.160  0.582   1.00 10.17 ? 1381 LEU A C   1 
ATOM   557  O O   . LEU A 1 90  ? -0.899  -4.069  0.617   1.00 10.09 ? 1381 LEU A O   1 
ATOM   558  C CB  . LEU A 1 90  ? 1.264   -5.858  2.484   1.00 11.12 ? 1381 LEU A CB  1 
ATOM   559  C CG  . LEU A 1 90  ? 1.712   -4.426  2.801   1.00 11.28 ? 1381 LEU A CG  1 
ATOM   560  C CD1 . LEU A 1 90  ? 2.536   -4.390  4.068   1.00 11.03 ? 1381 LEU A CD1 1 
ATOM   561  C CD2 . LEU A 1 90  ? 2.480   -3.782  1.655   1.00 11.49 ? 1381 LEU A CD2 1 
ATOM   562  N N   A CYS A 1 91  ? 0.274   -5.645  -0.526  0.35 10.56 ? 1382 CYS A N   1 
ATOM   563  N N   B CYS A 1 91  ? 0.262   -5.624  -0.536  0.15 10.12 ? 1382 CYS A N   1 
ATOM   564  C CA  A CYS A 1 91  ? 0.236   -4.951  -1.830  0.35 11.21 ? 1382 CYS A CA  1 
ATOM   565  C CA  B CYS A 1 91  ? 0.134   -4.921  -1.835  0.15 10.35 ? 1382 CYS A CA  1 
ATOM   566  C C   A CYS A 1 91  ? -1.238  -4.748  -2.246  0.35 10.91 ? 1382 CYS A C   1 
ATOM   567  C C   B CYS A 1 91  ? -1.327  -4.680  -2.153  0.15 10.44 ? 1382 CYS A C   1 
ATOM   568  O O   A CYS A 1 91  ? -1.555  -3.632  -2.736  0.35 11.58 ? 1382 CYS A O   1 
ATOM   569  O O   B CYS A 1 91  ? -1.684  -3.529  -2.521  0.15 9.81  ? 1382 CYS A O   1 
ATOM   570  C CB  A CYS A 1 91  ? 1.112   -5.705  -2.832  0.35 11.82 ? 1382 CYS A CB  1 
ATOM   571  C CB  B CYS A 1 91  ? 0.693   -5.730  -2.985  0.15 10.40 ? 1382 CYS A CB  1 
ATOM   572  S SG  A CYS A 1 91  ? 1.363   -4.839  -4.406  0.35 13.58 ? 1382 CYS A SG  1 
ATOM   573  S SG  B CYS A 1 91  ? 2.475   -5.521  -3.027  0.15 10.36 ? 1382 CYS A SG  1 
ATOM   574  N N   . LYS A 1 92  ? -2.125  -5.740  -2.053  1.00 11.25 ? 1383 LYS A N   1 
ATOM   575  C CA  . LYS A 1 92  ? -3.515  -5.592  -2.422  1.00 11.78 ? 1383 LYS A CA  1 
ATOM   576  C C   . LYS A 1 92  ? -4.138  -4.430  -1.630  1.00 10.99 ? 1383 LYS A C   1 
ATOM   577  O O   . LYS A 1 92  ? -4.918  -3.626  -2.184  1.00 11.60 ? 1383 LYS A O   1 
ATOM   578  C CB  . LYS A 1 92  ? -4.199  -6.937  -2.183  1.00 13.99 ? 1383 LYS A CB  1 
ATOM   579  C CG  . LYS A 1 92  ? -5.665  -6.931  -2.551  1.00 16.39 ? 1383 LYS A CG  1 
ATOM   580  C CD  . LYS A 1 92  ? -6.299  -8.311  -2.515  1.00 20.27 ? 1383 LYS A CD  1 
ATOM   581  C CE  . LYS A 1 92  ? -7.811  -8.236  -2.498  1.00 27.27 ? 1383 LYS A CE  1 
ATOM   582  N NZ  . LYS A 1 92  ? -8.434  -9.595  -2.453  1.00 31.99 ? 1383 LYS A NZ  1 
ATOM   583  N N   . ASP A 1 93  ? -3.890  -4.349  -0.328  1.00 10.12 ? 1384 ASP A N   1 
ATOM   584  C CA  . ASP A 1 93  ? -4.485  -3.276  0.502   1.00 10.63 ? 1384 ASP A CA  1 
ATOM   585  C C   . ASP A 1 93  ? -3.907  -1.903  0.068   1.00 9.64  ? 1384 ASP A C   1 
ATOM   586  O O   . ASP A 1 93  ? -4.638  -0.916  0.002   1.00 9.96  ? 1384 ASP A O   1 
ATOM   587  C CB  . ASP A 1 93  ? -4.274  -3.490  1.993   1.00 11.36 ? 1384 ASP A CB  1 
ATOM   588  C CG  . ASP A 1 93  ? -5.222  -4.501  2.615   1.00 15.31 ? 1384 ASP A CG  1 
ATOM   589  O OD1 . ASP A 1 93  ? -6.175  -4.929  1.910   1.00 18.41 ? 1384 ASP A OD1 1 
ATOM   590  O OD2 . ASP A 1 93  ? -4.988  -4.860  3.778   1.00 13.76 ? 1384 ASP A OD2 1 
ATOM   591  N N   . VAL A 1 94  ? -2.587  -1.810  -0.228  1.00 9.45  ? 1385 VAL A N   1 
ATOM   592  C CA  . VAL A 1 94  ? -2.004  -0.497  -0.620  1.00 9.15  ? 1385 VAL A CA  1 
ATOM   593  C C   . VAL A 1 94  ? -2.652  -0.109  -1.959  1.00 9.59  ? 1385 VAL A C   1 
ATOM   594  O O   . VAL A 1 94  ? -3.036  1.057   -2.174  1.00 9.89  ? 1385 VAL A O   1 
ATOM   595  C CB  . VAL A 1 94  ? -0.478  -0.544  -0.731  1.00 9.47  ? 1385 VAL A CB  1 
ATOM   596  C CG1 . VAL A 1 94  ? 0.060   0.680   -1.415  1.00 9.87  ? 1385 VAL A CG1 1 
ATOM   597  C CG2 . VAL A 1 94  ? 0.119   -0.713  0.650   1.00 9.69  ? 1385 VAL A CG2 1 
ATOM   598  N N   . ARG A 1 95  ? -2.802  -1.064  -2.900  1.00 9.35  ? 1386 ARG A N   1 
ATOM   599  C CA  . ARG A 1 95  ? -3.416  -0.765  -4.201  1.00 9.78  ? 1386 ARG A CA  1 
ATOM   600  C C   . ARG A 1 95  ? -4.858  -0.307  -4.022  1.00 9.91  ? 1386 ARG A C   1 
ATOM   601  O O   . ARG A 1 95  ? -5.340  0.543   -4.816  1.00 10.33 ? 1386 ARG A O   1 
ATOM   602  C CB  . ARG A 1 95  ? -3.241  -1.925  -5.175  1.00 10.50 ? 1386 ARG A CB  1 
ATOM   603  C CG  . ARG A 1 95  ? -1.797  -2.036  -5.642  1.00 11.13 ? 1386 ARG A CG  1 
ATOM   604  C CD  . ARG A 1 95  ? -1.572  -3.358  -6.343  1.00 12.57 ? 1386 ARG A CD  1 
ATOM   605  N NE  . ARG A 1 95  ? -0.213  -3.457  -6.857  1.00 13.87 ? 1386 ARG A NE  1 
ATOM   606  C CZ  . ARG A 1 95  ? 0.300   -4.529  -7.488  1.00 17.68 ? 1386 ARG A CZ  1 
ATOM   607  N NH1 . ARG A 1 95  ? -0.409  -5.646  -7.629  1.00 19.09 ? 1386 ARG A NH1 1 
ATOM   608  N NH2 . ARG A 1 95  ? 1.538   -4.480  -7.985  1.00 19.93 ? 1386 ARG A NH2 1 
ATOM   609  N N   . LEU A 1 96  ? -5.563  -0.762  -3.003  1.00 9.95  ? 1387 LEU A N   1 
ATOM   610  C CA  . LEU A 1 96  ? -6.937  -0.311  -2.685  1.00 10.21 ? 1387 LEU A CA  1 
ATOM   611  C C   . LEU A 1 96  ? -6.957  1.163   -2.275  1.00 9.85  ? 1387 LEU A C   1 
ATOM   612  O O   . LEU A 1 96  ? -7.880  1.907   -2.606  1.00 10.13 ? 1387 LEU A O   1 
ATOM   613  C CB  . LEU A 1 96  ? -7.536  -1.225  -1.614  1.00 11.18 ? 1387 LEU A CB  1 
ATOM   614  C CG  . LEU A 1 96  ? -8.936  -0.911  -1.135  1.00 11.93 ? 1387 LEU A CG  1 
ATOM   615  C CD1 . LEU A 1 96  ? -9.919  -1.009  -2.274  1.00 12.84 ? 1387 LEU A CD1 1 
ATOM   616  C CD2 . LEU A 1 96  ? -9.321  -1.881  -0.018  1.00 12.84 ? 1387 LEU A CD2 1 
ATOM   617  N N   . ILE A 1 97  ? -5.935  1.610   -1.537  1.00 9.89  ? 1388 ILE A N   1 
ATOM   618  C CA  . ILE A 1 97  ? -5.833  3.057   -1.195  1.00 9.97  ? 1388 ILE A CA  1 
ATOM   619  C C   . ILE A 1 97  ? -5.901  3.861   -2.513  1.00 9.53  ? 1388 ILE A C   1 
ATOM   620  O O   . ILE A 1 97  ? -6.616  4.853   -2.632  1.00 9.94  ? 1388 ILE A O   1 
ATOM   621  C CB  . ILE A 1 97  ? -4.555  3.370   -0.401  1.00 9.98  ? 1388 ILE A CB  1 
ATOM   622  C CG1 . ILE A 1 97  ? -4.509  2.613   0.928   1.00 9.84  ? 1388 ILE A CG1 1 
ATOM   623  C CG2 . ILE A 1 97  ? -4.379  4.856   -0.170  1.00 11.02 ? 1388 ILE A CG2 1 
ATOM   624  C CD1 . ILE A 1 97  ? -3.177  2.642   1.684   1.00 10.72 ? 1388 ILE A CD1 1 
ATOM   625  N N   . PHE A 1 98  ? -5.118  3.447   -3.483  1.00 9.57  ? 1389 PHE A N   1 
ATOM   626  C CA  . PHE A 1 98  ? -4.991  4.200   -4.754  1.00 10.63 ? 1389 PHE A CA  1 
ATOM   627  C C   . PHE A 1 98  ? -6.258  4.038   -5.608  1.00 9.71  ? 1389 PHE A C   1 
ATOM   628  O O   . PHE A 1 98  ? -6.707  5.051   -6.193  1.00 10.33 ? 1389 PHE A O   1 
ATOM   629  C CB  . PHE A 1 98  ? -3.702  3.808   -5.504  1.00 11.61 ? 1389 PHE A CB  1 
ATOM   630  C CG  . PHE A 1 98  ? -2.457  4.028   -4.685  1.00 11.09 ? 1389 PHE A CG  1 
ATOM   631  C CD1 . PHE A 1 98  ? -2.231  5.228   -4.034  1.00 12.82 ? 1389 PHE A CD1 1 
ATOM   632  C CD2 . PHE A 1 98  ? -1.472  3.067   -4.600  1.00 11.88 ? 1389 PHE A CD2 1 
ATOM   633  C CE1 . PHE A 1 98  ? -1.063  5.459   -3.295  1.00 13.86 ? 1389 PHE A CE1 1 
ATOM   634  C CE2 . PHE A 1 98  ? -0.329  3.314   -3.827  1.00 11.96 ? 1389 PHE A CE2 1 
ATOM   635  C CZ  . PHE A 1 98  ? -0.135  4.502   -3.232  1.00 13.13 ? 1389 PHE A CZ  1 
ATOM   636  N N   . SER A 1 99  ? -6.848  2.844   -5.668  1.00 9.95  ? 1390 SER A N   1 
ATOM   637  C CA  . SER A 1 99  ? -8.090  2.716   -6.468  1.00 10.08 ? 1390 SER A CA  1 
ATOM   638  C C   . SER A 1 99  ? -9.230  3.492   -5.806  1.00 10.34 ? 1390 SER A C   1 
ATOM   639  O O   . SER A 1 99  ? -10.078 4.069   -6.564  1.00 10.66 ? 1390 SER A O   1 
ATOM   640  C CB  . SER A 1 99  ? -8.415  1.257   -6.732  1.00 11.33 ? 1390 SER A CB  1 
ATOM   641  O OG  . SER A 1 99  ? -8.681  0.569   -5.557  1.00 13.50 ? 1390 SER A OG  1 
ATOM   642  N N   . ASN A 1 100 ? -9.295  3.561   -4.477  1.00 9.82  ? 1391 ASN A N   1 
ATOM   643  C CA  . ASN A 1 100 ? -10.319 4.383   -3.806  1.00 9.95  ? 1391 ASN A CA  1 
ATOM   644  C C   . ASN A 1 100 ? -10.131 5.841   -4.224  1.00 10.45 ? 1391 ASN A C   1 
ATOM   645  O O   . ASN A 1 100 ? -11.144 6.550   -4.498  1.00 11.31 ? 1391 ASN A O   1 
ATOM   646  C CB  . ASN A 1 100 ? -10.274 4.207   -2.310  1.00 10.10 ? 1391 ASN A CB  1 
ATOM   647  C CG  . ASN A 1 100 ? -10.799 2.890   -1.793  1.00 10.09 ? 1391 ASN A CG  1 
ATOM   648  O OD1 . ASN A 1 100 ? -11.467 2.156   -2.510  1.00 11.51 ? 1391 ASN A OD1 1 
ATOM   649  N ND2 . ASN A 1 100 ? -10.565 2.659   -0.533  1.00 11.62 ? 1391 ASN A ND2 1 
ATOM   650  N N   . SER A 1 101 ? -8.911  6.391   -4.243  1.00 10.85 ? 1392 SER A N   1 
ATOM   651  C CA  . SER A 1 101 ? -8.679  7.788   -4.654  1.00 10.92 ? 1392 SER A CA  1 
ATOM   652  C C   . SER A 1 101 ? -9.167  8.014   -6.089  1.00 10.51 ? 1392 SER A C   1 
ATOM   653  O O   . SER A 1 101 ? -9.810  9.031   -6.377  1.00 11.28 ? 1392 SER A O   1 
ATOM   654  C CB  . SER A 1 101 ? -7.228  8.133   -4.436  1.00 10.47 ? 1392 SER A CB  1 
ATOM   655  O OG  . SER A 1 101 ? -7.016  9.523   -4.698  1.00 12.58 ? 1392 SER A OG  1 
ATOM   656  N N   . LYS A 1 102 ? -8.839  7.090   -6.990  1.00 10.60 ? 1393 LYS A N   1 
ATOM   657  C CA  . LYS A 1 102 ? -9.198  7.169   -8.430  1.00 10.85 ? 1393 LYS A CA  1 
ATOM   658  C C   . LYS A 1 102 ? -10.721 7.166   -8.620  1.00 10.55 ? 1393 LYS A C   1 
ATOM   659  O O   . LYS A 1 102 ? -11.210 7.875   -9.530  1.00 11.53 ? 1393 LYS A O   1 
ATOM   660  C CB  . LYS A 1 102 ? -8.577  5.984   -9.170  1.00 10.95 ? 1393 LYS A CB  1 
ATOM   661  C CG  . LYS A 1 102 ? -8.729  6.023   -10.688 1.00 11.52 ? 1393 LYS A CG  1 
ATOM   662  C CD  . LYS A 1 102 ? -7.788  5.101   -11.384 1.00 11.97 ? 1393 LYS A CD  1 
ATOM   663  C CE  . LYS A 1 102 ? -7.815  5.313   -12.884 1.00 12.37 ? 1393 LYS A CE  1 
ATOM   664  N NZ  . LYS A 1 102 ? -6.921  4.353   -13.579 1.00 13.79 ? 1393 LYS A NZ  1 
ATOM   665  N N   . ALA A 1 103 ? -11.442 6.406   -7.801  1.00 11.26 ? 1394 ALA A N   1 
ATOM   666  C CA  . ALA A 1 103 ? -12.919 6.322   -7.878  1.00 11.04 ? 1394 ALA A CA  1 
ATOM   667  C C   . ALA A 1 103 ? -13.559 7.563   -7.252  1.00 11.66 ? 1394 ALA A C   1 
ATOM   668  O O   . ALA A 1 103 ? -14.618 8.000   -7.730  1.00 12.60 ? 1394 ALA A O   1 
ATOM   669  C CB  . ALA A 1 103 ? -13.370 5.043   -7.195  1.00 11.48 ? 1394 ALA A CB  1 
ATOM   670  N N   . TYR A 1 104 ? -12.987 8.135   -6.194  1.00 10.70 ? 1395 TYR A N   1 
ATOM   671  C CA  . TYR A 1 104 ? -13.626 9.271   -5.485  1.00 11.38 ? 1395 TYR A CA  1 
ATOM   672  C C   . TYR A 1 104 ? -13.344 10.602  -6.193  1.00 10.85 ? 1395 TYR A C   1 
ATOM   673  O O   . TYR A 1 104 ? -14.145 11.531  -6.036  1.00 10.75 ? 1395 TYR A O   1 
ATOM   674  C CB  . TYR A 1 104 ? -13.220 9.344   -4.014  1.00 11.68 ? 1395 TYR A CB  1 
ATOM   675  C CG  . TYR A 1 104 ? -14.034 10.378  -3.287  1.00 12.65 ? 1395 TYR A CG  1 
ATOM   676  C CD1 . TYR A 1 104 ? -15.383 10.191  -3.061  1.00 13.08 ? 1395 TYR A CD1 1 
ATOM   677  C CD2 . TYR A 1 104 ? -13.465 11.564  -2.859  1.00 13.17 ? 1395 TYR A CD2 1 
ATOM   678  C CE1 . TYR A 1 104 ? -16.161 11.163  -2.446  1.00 12.70 ? 1395 TYR A CE1 1 
ATOM   679  C CE2 . TYR A 1 104 ? -14.217 12.536  -2.232  1.00 13.60 ? 1395 TYR A CE2 1 
ATOM   680  C CZ  . TYR A 1 104 ? -15.566 12.335  -2.018  1.00 12.88 ? 1395 TYR A CZ  1 
ATOM   681  O OH  . TYR A 1 104 ? -16.290 13.313  -1.405  1.00 14.63 ? 1395 TYR A OH  1 
ATOM   682  N N   . THR A 1 105 ? -12.246 10.741  -6.942  1.00 11.70 ? 1396 THR A N   1 
ATOM   683  C CA  . THR A 1 105 ? -11.857 12.059  -7.495  1.00 12.06 ? 1396 THR A CA  1 
ATOM   684  C C   . THR A 1 105 ? -12.904 12.539  -8.510  1.00 12.90 ? 1396 THR A C   1 
ATOM   685  O O   . THR A 1 105 ? -13.416 11.756  -9.322  1.00 13.61 ? 1396 THR A O   1 
ATOM   686  C CB  . THR A 1 105 ? -10.435 12.011  -8.064  1.00 12.05 ? 1396 THR A CB  1 
ATOM   687  O OG1 . THR A 1 105 ? -10.026 13.340  -8.394  1.00 12.61 ? 1396 THR A OG1 1 
ATOM   688  C CG2 . THR A 1 105 ? -10.303 11.122  -9.282  1.00 12.65 ? 1396 THR A CG2 1 
ATOM   689  N N   . PRO A 1 106 ? -13.263 13.840  -8.500  1.00 13.63 ? 1397 PRO A N   1 
ATOM   690  C CA  . PRO A 1 106 ? -14.217 14.337  -9.489  1.00 13.88 ? 1397 PRO A CA  1 
ATOM   691  C C   . PRO A 1 106 ? -13.523 14.627  -10.821 1.00 14.76 ? 1397 PRO A C   1 
ATOM   692  O O   . PRO A 1 106 ? -14.214 14.883  -11.805 1.00 14.62 ? 1397 PRO A O   1 
ATOM   693  C CB  . PRO A 1 106 ? -14.786 15.587  -8.811  1.00 15.49 ? 1397 PRO A CB  1 
ATOM   694  C CG  . PRO A 1 106 ? -13.679 16.089  -7.911  1.00 14.83 ? 1397 PRO A CG  1 
ATOM   695  C CD  . PRO A 1 106 ? -12.886 14.863  -7.503  1.00 14.15 ? 1397 PRO A CD  1 
ATOM   696  N N   . SER A 1 107 ? -12.187 14.655  -10.833 1.00 14.08 ? 1398 SER A N   1 
ATOM   697  C CA  . SER A 1 107 ? -11.421 14.830  -12.090 1.00 14.69 ? 1398 SER A CA  1 
ATOM   698  C C   . SER A 1 107 ? -10.027 14.207  -11.989 1.00 14.69 ? 1398 SER A C   1 
ATOM   699  O O   . SER A 1 107 ? -9.465  14.039  -10.878 1.00 13.48 ? 1398 SER A O   1 
ATOM   700  C CB  . SER A 1 107 ? -11.329 16.275  -12.456 1.00 16.27 ? 1398 SER A CB  1 
ATOM   701  O OG  . SER A 1 107 ? -10.180 16.852  -11.852 1.00 16.96 ? 1398 SER A OG  1 
ATOM   702  N N   . LYS A 1 108 ? -9.412  13.991  -13.144 1.00 15.49 ? 1399 LYS A N   1 
ATOM   703  C CA  . LYS A 1 108 ? -8.050  13.424  -13.219 1.00 17.42 ? 1399 LYS A CA  1 
ATOM   704  C C   . LYS A 1 108 ? -7.058  14.461  -12.698 1.00 17.66 ? 1399 LYS A C   1 
ATOM   705  O O   . LYS A 1 108 ? -5.929  14.066  -12.385 1.00 17.93 ? 1399 LYS A O   1 
ATOM   706  C CB  . LYS A 1 108 ? -7.725  13.006  -14.654 1.00 18.73 ? 1399 LYS A CB  1 
ATOM   707  C CG  . LYS A 1 108 ? -8.647  11.946  -15.240 1.00 20.30 ? 1399 LYS A CG  1 
ATOM   708  C CD  . LYS A 1 108 ? -8.776  10.721  -14.367 1.00 21.84 ? 1399 LYS A CD  1 
ATOM   709  C CE  . LYS A 1 108 ? -9.472  9.571   -15.061 1.00 23.27 ? 1399 LYS A CE  1 
ATOM   710  N NZ  . LYS A 1 108 ? -9.240  8.290   -14.350 1.00 23.47 ? 1399 LYS A NZ  1 
ATOM   711  N N   . ARG A 1 109 ? -7.473  15.731  -12.583 1.00 16.79 ? 1400 ARG A N   1 
ATOM   712  C CA  . ARG A 1 109 ? -6.569  16.880  -12.301 1.00 18.67 ? 1400 ARG A CA  1 
ATOM   713  C C   . ARG A 1 109 ? -6.738  17.362  -10.852 1.00 16.57 ? 1400 ARG A C   1 
ATOM   714  O O   . ARG A 1 109 ? -6.245  18.458  -10.520 1.00 16.46 ? 1400 ARG A O   1 
ATOM   715  C CB  . ARG A 1 109 ? -6.828  17.976  -13.347 1.00 22.52 ? 1400 ARG A CB  1 
ATOM   716  C CG  . ARG A 1 109 ? -6.890  17.459  -14.783 1.00 25.90 ? 1400 ARG A CG  1 
ATOM   717  C CD  . ARG A 1 109 ? -6.980  18.548  -15.845 1.00 29.47 ? 1400 ARG A CD  1 
ATOM   718  N NE  . ARG A 1 109 ? -6.218  19.728  -15.448 1.00 32.05 ? 1400 ARG A NE  1 
ATOM   719  C CZ  . ARG A 1 109 ? -6.735  20.891  -15.042 1.00 33.47 ? 1400 ARG A CZ  1 
ATOM   720  N NH1 . ARG A 1 109 ? -8.045  21.078  -15.004 1.00 37.35 ? 1400 ARG A NH1 1 
ATOM   721  N NH2 . ARG A 1 109 ? -5.930  21.877  -14.680 1.00 33.21 ? 1400 ARG A NH2 1 
ATOM   722  N N   . SER A 1 110 ? -7.385  16.605  -9.972  1.00 14.72 ? 1401 SER A N   1 
ATOM   723  C CA  . SER A 1 110 ? -7.487  17.002  -8.549  1.00 13.39 ? 1401 SER A CA  1 
ATOM   724  C C   . SER A 1 110 ? -6.117  16.903  -7.870  1.00 12.50 ? 1401 SER A C   1 
ATOM   725  O O   . SER A 1 110 ? -5.251  16.088  -8.268  1.00 11.60 ? 1401 SER A O   1 
ATOM   726  C CB  . SER A 1 110 ? -8.534  16.238  -7.820  1.00 13.05 ? 1401 SER A CB  1 
ATOM   727  O OG  . SER A 1 110 ? -8.036  14.973  -7.421  1.00 14.67 ? 1401 SER A OG  1 
ATOM   728  N N   . ARG A 1 111 ? -5.912  17.751  -6.870  1.00 12.58 ? 1402 ARG A N   1 
ATOM   729  C CA  . ARG A 1 111 ? -4.686  17.772  -6.041  1.00 12.87 ? 1402 ARG A CA  1 
ATOM   730  C C   . ARG A 1 111 ? -4.479  16.389  -5.438  1.00 11.95 ? 1402 ARG A C   1 
ATOM   731  O O   . ARG A 1 111 ? -3.390  15.843  -5.611  1.00 12.90 ? 1402 ARG A O   1 
ATOM   732  C CB  . ARG A 1 111 ? -4.831  18.808  -4.918  1.00 13.72 ? 1402 ARG A CB  1 
ATOM   733  C CG  . ARG A 1 111 ? -3.702  18.814  -3.899  1.00 14.24 ? 1402 ARG A CG  1 
ATOM   734  C CD  . ARG A 1 111 ? -2.410  19.387  -4.463  1.00 15.22 ? 1402 ARG A CD  1 
ATOM   735  N NE  . ARG A 1 111 ? -1.212  19.111  -3.679  1.00 17.75 ? 1402 ARG A NE  1 
ATOM   736  C CZ  . ARG A 1 111 ? -0.743  19.844  -2.665  1.00 17.69 ? 1402 ARG A CZ  1 
ATOM   737  N NH1 . ARG A 1 111 ? -1.361  20.937  -2.262  1.00 18.72 ? 1402 ARG A NH1 1 
ATOM   738  N NH2 . ARG A 1 111 ? 0.363   19.469  -2.043  1.00 19.14 ? 1402 ARG A NH2 1 
ATOM   739  N N   . ILE A 1 112 ? -5.481  15.893  -4.717  1.00 11.39 ? 1403 ILE A N   1 
ATOM   740  C CA  . ILE A 1 112 ? -5.308  14.645  -3.901  1.00 11.46 ? 1403 ILE A CA  1 
ATOM   741  C C   . ILE A 1 112 ? -5.139  13.437  -4.830  1.00 11.18 ? 1403 ILE A C   1 
ATOM   742  O O   . ILE A 1 112 ? -4.244  12.608  -4.582  1.00 11.16 ? 1403 ILE A O   1 
ATOM   743  C CB  . ILE A 1 112 ? -6.418  14.492  -2.833  1.00 11.36 ? 1403 ILE A CB  1 
ATOM   744  C CG1 . ILE A 1 112 ? -6.305  15.598  -1.779  1.00 11.87 ? 1403 ILE A CG1 1 
ATOM   745  C CG2 . ILE A 1 112 ? -6.388  13.108  -2.175  1.00 12.18 ? 1403 ILE A CG2 1 
ATOM   746  C CD1 . ILE A 1 112 ? -7.465  15.735  -0.816  1.00 12.41 ? 1403 ILE A CD1 1 
ATOM   747  N N   . TYR A 1 113 ? -5.830  13.353  -5.965  1.00 10.82 ? 1404 TYR A N   1 
ATOM   748  C CA  . TYR A 1 113 ? -5.622  12.213  -6.888  1.00 10.98 ? 1404 TYR A CA  1 
ATOM   749  C C   . TYR A 1 113 ? -4.242  12.334  -7.544  1.00 11.34 ? 1404 TYR A C   1 
ATOM   750  O O   . TYR A 1 113 ? -3.540  11.333  -7.774  1.00 10.87 ? 1404 TYR A O   1 
ATOM   751  C CB  . TYR A 1 113 ? -6.767  12.133  -7.898  1.00 11.78 ? 1404 TYR A CB  1 
ATOM   752  C CG  . TYR A 1 113 ? -6.562  11.090  -8.965  1.00 11.02 ? 1404 TYR A CG  1 
ATOM   753  C CD1 . TYR A 1 113 ? -6.542  9.741   -8.644  1.00 11.49 ? 1404 TYR A CD1 1 
ATOM   754  C CD2 . TYR A 1 113 ? -6.342  11.444  -10.293 1.00 11.87 ? 1404 TYR A CD2 1 
ATOM   755  C CE1 . TYR A 1 113 ? -6.329  8.771   -9.613  1.00 11.59 ? 1404 TYR A CE1 1 
ATOM   756  C CE2 . TYR A 1 113 ? -6.155  10.485  -11.277 1.00 13.06 ? 1404 TYR A CE2 1 
ATOM   757  C CZ  . TYR A 1 113 ? -6.156  9.140   -10.937 1.00 12.44 ? 1404 TYR A CZ  1 
ATOM   758  O OH  . TYR A 1 113 ? -5.964  8.203   -11.921 1.00 14.05 ? 1404 TYR A OH  1 
ATOM   759  N N   A SER A 1 114 ? -3.807  13.554  -7.827  0.32 12.01 ? 1405 SER A N   1 
ATOM   760  N N   B SER A 1 114 ? -3.785  13.553  -7.884  0.32 11.17 ? 1405 SER A N   1 
ATOM   761  C CA  A SER A 1 114 ? -2.463  13.733  -8.422  0.32 13.10 ? 1405 SER A CA  1 
ATOM   762  C CA  B SER A 1 114 ? -2.423  13.711  -8.450  0.32 12.02 ? 1405 SER A CA  1 
ATOM   763  C C   A SER A 1 114 ? -1.381  13.255  -7.430  0.32 12.02 ? 1405 SER A C   1 
ATOM   764  C C   B SER A 1 114 ? -1.367  13.242  -7.424  0.32 11.34 ? 1405 SER A C   1 
ATOM   765  O O   A SER A 1 114 ? -0.354  12.686  -7.882  0.32 11.96 ? 1405 SER A O   1 
ATOM   766  O O   B SER A 1 114 ? -0.346  12.635  -7.843  0.32 11.17 ? 1405 SER A O   1 
ATOM   767  C CB  A SER A 1 114 ? -2.224  15.154  -8.864  0.32 14.47 ? 1405 SER A CB  1 
ATOM   768  C CB  B SER A 1 114 ? -2.176  15.124  -8.917  0.32 12.68 ? 1405 SER A CB  1 
ATOM   769  O OG  A SER A 1 114 ? -1.942  15.993  -7.762  0.32 16.51 ? 1405 SER A OG  1 
ATOM   770  O OG  B SER A 1 114 ? -3.032  15.429  -10.011 0.32 12.83 ? 1405 SER A OG  1 
ATOM   771  N N   . MET A 1 115 ? -1.560  13.512  -6.132  1.00 11.43 ? 1406 MET A N   1 
ATOM   772  C CA  . MET A 1 115 ? -0.627  13.024  -5.082  1.00 11.65 ? 1406 MET A CA  1 
ATOM   773  C C   . MET A 1 115 ? -0.678  11.485  -5.079  1.00 10.98 ? 1406 MET A C   1 
ATOM   774  O O   . MET A 1 115 ? 0.381   10.821  -4.967  1.00 11.22 ? 1406 MET A O   1 
ATOM   775  C CB  . MET A 1 115 ? -1.028  13.550  -3.718  1.00 12.67 ? 1406 MET A CB  1 
ATOM   776  C CG  . MET A 1 115 ? -0.804  15.050  -3.556  1.00 13.72 ? 1406 MET A CG  1 
ATOM   777  S SD  . MET A 1 115 ? -1.664  15.824  -2.179  1.00 16.25 ? 1406 MET A SD  1 
ATOM   778  C CE  . MET A 1 115 ? -0.521  15.485  -0.895  1.00 18.83 ? 1406 MET A CE  1 
ATOM   779  N N   . SER A 1 116 ? -1.860  10.883  -5.234  1.00 10.60 ? 1407 SER A N   1 
ATOM   780  C CA  . SER A 1 116 ? -2.013  9.416   -5.222  1.00 10.56 ? 1407 SER A CA  1 
ATOM   781  C C   . SER A 1 116 ? -1.206  8.804   -6.375  1.00 10.98 ? 1407 SER A C   1 
ATOM   782  O O   . SER A 1 116 ? -0.601  7.740   -6.198  1.00 10.95 ? 1407 SER A O   1 
ATOM   783  C CB  . SER A 1 116 ? -3.472  8.967   -5.255  1.00 11.72 ? 1407 SER A CB  1 
ATOM   784  O OG  . SER A 1 116 ? -4.004  8.908   -6.555  1.00 11.77 ? 1407 SER A OG  1 
ATOM   785  N N   . LEU A 1 117 ? -1.201  9.412   -7.557  1.00 11.07 ? 1408 LEU A N   1 
ATOM   786  C CA  . LEU A 1 117 ? -0.508  8.823   -8.700  1.00 11.91 ? 1408 LEU A CA  1 
ATOM   787  C C   . LEU A 1 117 ? 1.005   8.825   -8.478  1.00 11.32 ? 1408 LEU A C   1 
ATOM   788  O O   . LEU A 1 117 ? 1.701   7.853   -8.831  1.00 10.85 ? 1408 LEU A O   1 
ATOM   789  C CB  . LEU A 1 117 ? -0.876  9.521   -10.004 1.00 12.74 ? 1408 LEU A CB  1 
ATOM   790  C CG  . LEU A 1 117 ? -2.324  9.388   -10.455 1.00 13.33 ? 1408 LEU A CG  1 
ATOM   791  C CD1 . LEU A 1 117 ? -2.517  10.178  -11.756 1.00 16.46 ? 1408 LEU A CD1 1 
ATOM   792  C CD2 . LEU A 1 117 ? -2.682  7.932   -10.680 1.00 15.31 ? 1408 LEU A CD2 1 
ATOM   793  N N   . ARG A 1 118 ? 1.556   9.928   -7.923  1.00 10.54 ? 1409 ARG A N   1 
ATOM   794  C CA  . ARG A 1 118 ? 3.026   9.969   -7.648  1.00 10.87 ? 1409 ARG A CA  1 
ATOM   795  C C   . ARG A 1 118 ? 3.365   8.935   -6.573  1.00 10.41 ? 1409 ARG A C   1 
ATOM   796  O O   . ARG A 1 118 ? 4.354   8.185   -6.696  1.00 11.14 ? 1409 ARG A O   1 
ATOM   797  C CB  . ARG A 1 118 ? 3.471   11.364  -7.202  1.00 11.56 ? 1409 ARG A CB  1 
ATOM   798  C CG  . ARG A 1 118 ? 3.384   12.432  -8.303  1.00 11.79 ? 1409 ARG A CG  1 
ATOM   799  C CD  . ARG A 1 118 ? 4.064   13.718  -7.861  1.00 12.00 ? 1409 ARG A CD  1 
ATOM   800  N NE  . ARG A 1 118 ? 3.397   14.348  -6.782  1.00 12.49 ? 1409 ARG A NE  1 
ATOM   801  C CZ  . ARG A 1 118 ? 2.531   15.360  -6.859  1.00 14.53 ? 1409 ARG A CZ  1 
ATOM   802  N NH1 . ARG A 1 118 ? 2.128   15.829  -8.011  1.00 17.05 ? 1409 ARG A NH1 1 
ATOM   803  N NH2 . ARG A 1 118 ? 2.003   15.803  -5.711  1.00 16.65 ? 1409 ARG A NH2 1 
ATOM   804  N N   . LEU A 1 119 ? 2.540   8.843   -5.532  1.00 10.37 ? 1410 LEU A N   1 
ATOM   805  C CA  . LEU A 1 119 ? 2.849   7.920   -4.442  1.00 10.51 ? 1410 LEU A CA  1 
ATOM   806  C C   . LEU A 1 119 ? 2.732   6.464   -4.917  1.00 9.91  ? 1410 LEU A C   1 
ATOM   807  O O   . LEU A 1 119 ? 3.553   5.605   -4.513  1.00 10.42 ? 1410 LEU A O   1 
ATOM   808  C CB  . LEU A 1 119 ? 1.929   8.183   -3.255  1.00 11.27 ? 1410 LEU A CB  1 
ATOM   809  C CG  . LEU A 1 119 ? 2.342   7.517   -1.943  1.00 11.54 ? 1410 LEU A CG  1 
ATOM   810  C CD1 . LEU A 1 119 ? 3.641   8.179   -1.437  1.00 14.72 ? 1410 LEU A CD1 1 
ATOM   811  C CD2 . LEU A 1 119 ? 1.253   7.719   -0.917  1.00 12.25 ? 1410 LEU A CD2 1 
ATOM   812  N N   . SER A 1 120 ? 1.767   6.186   -5.805  1.00 9.71  ? 1411 SER A N   1 
ATOM   813  C CA  . SER A 1 120 ? 1.596   4.833   -6.381  1.00 10.31 ? 1411 SER A CA  1 
ATOM   814  C C   . SER A 1 120 ? 2.848   4.475   -7.184  1.00 11.07 ? 1411 SER A C   1 
ATOM   815  O O   . SER A 1 120 ? 3.355   3.333   -7.093  1.00 10.58 ? 1411 SER A O   1 
ATOM   816  C CB  . SER A 1 120 ? 0.371   4.809   -7.241  1.00 11.06 ? 1411 SER A CB  1 
ATOM   817  O OG  . SER A 1 120 ? 0.254   3.555   -7.952  1.00 12.24 ? 1411 SER A OG  1 
ATOM   818  N N   . ALA A 1 121 ? 3.371   5.393   -8.000  1.00 10.33 ? 1412 ALA A N   1 
ATOM   819  C CA  . ALA A 1 121 ? 4.591   5.089   -8.797  1.00 10.66 ? 1412 ALA A CA  1 
ATOM   820  C C   . ALA A 1 121 ? 5.765   4.770   -7.881  1.00 10.47 ? 1412 ALA A C   1 
ATOM   821  O O   . ALA A 1 121 ? 6.552   3.844   -8.124  1.00 11.20 ? 1412 ALA A O   1 
ATOM   822  C CB  . ALA A 1 121 ? 4.945   6.268   -9.690  1.00 11.25 ? 1412 ALA A CB  1 
ATOM   823  N N   . PHE A 1 122 ? 5.895   5.541   -6.787  1.00 10.11 ? 1413 PHE A N   1 
ATOM   824  C CA  . PHE A 1 122 ? 6.967   5.331   -5.791  1.00 10.30 ? 1413 PHE A CA  1 
ATOM   825  C C   . PHE A 1 122 ? 6.802   3.937   -5.160  1.00 10.50 ? 1413 PHE A C   1 
ATOM   826  O O   . PHE A 1 122 ? 7.767   3.144   -5.038  1.00 10.72 ? 1413 PHE A O   1 
ATOM   827  C CB  . PHE A 1 122 ? 6.971   6.452   -4.760  1.00 11.58 ? 1413 PHE A CB  1 
ATOM   828  C CG  . PHE A 1 122 ? 7.959   6.251   -3.661  1.00 12.75 ? 1413 PHE A CG  1 
ATOM   829  C CD1 . PHE A 1 122 ? 9.311   6.593   -3.810  1.00 14.66 ? 1413 PHE A CD1 1 
ATOM   830  C CD2 . PHE A 1 122 ? 7.589   5.749   -2.430  1.00 13.69 ? 1413 PHE A CD2 1 
ATOM   831  C CE1 . PHE A 1 122 ? 10.231  6.394   -2.778  1.00 15.97 ? 1413 PHE A CE1 1 
ATOM   832  C CE2 . PHE A 1 122 ? 8.501   5.568   -1.400  1.00 15.30 ? 1413 PHE A CE2 1 
ATOM   833  C CZ  . PHE A 1 122 ? 9.829   5.910   -1.572  1.00 16.74 ? 1413 PHE A CZ  1 
ATOM   834  N N   . PHE A 1 123 ? 5.579   3.635   -4.693  1.00 10.39 ? 1414 PHE A N   1 
ATOM   835  C CA  . PHE A 1 123 ? 5.315   2.337   -4.068  1.00 10.42 ? 1414 PHE A CA  1 
ATOM   836  C C   . PHE A 1 123 ? 5.625   1.180   -5.022  1.00 10.34 ? 1414 PHE A C   1 
ATOM   837  O O   . PHE A 1 123 ? 6.304   0.202   -4.641  1.00 10.56 ? 1414 PHE A O   1 
ATOM   838  C CB  . PHE A 1 123 ? 3.845   2.269   -3.596  1.00 10.69 ? 1414 PHE A CB  1 
ATOM   839  C CG  . PHE A 1 123 ? 3.458   0.891   -3.085  1.00 10.83 ? 1414 PHE A CG  1 
ATOM   840  C CD1 . PHE A 1 123 ? 3.867   0.458   -1.836  1.00 10.71 ? 1414 PHE A CD1 1 
ATOM   841  C CD2 . PHE A 1 123 ? 2.725   0.018   -3.900  1.00 11.56 ? 1414 PHE A CD2 1 
ATOM   842  C CE1 . PHE A 1 123 ? 3.522   -0.830  -1.399  1.00 11.44 ? 1414 PHE A CE1 1 
ATOM   843  C CE2 . PHE A 1 123 ? 2.406   -1.263  -3.440  1.00 11.68 ? 1414 PHE A CE2 1 
ATOM   844  C CZ  . PHE A 1 123 ? 2.796   -1.652  -2.215  1.00 12.20 ? 1414 PHE A CZ  1 
ATOM   845  N N   . GLU A 1 124 ? 5.134   1.234   -6.246  1.00 9.81  ? 1415 GLU A N   1 
ATOM   846  C CA  . GLU A 1 124 ? 5.330   0.122   -7.206  1.00 10.66 ? 1415 GLU A CA  1 
ATOM   847  C C   . GLU A 1 124 ? 6.801   -0.054  -7.521  1.00 10.87 ? 1415 GLU A C   1 
ATOM   848  O O   . GLU A 1 124 ? 7.302   -1.195  -7.650  1.00 12.75 ? 1415 GLU A O   1 
ATOM   849  C CB  . GLU A 1 124 ? 4.550   0.345   -8.520  1.00 11.58 ? 1415 GLU A CB  1 
ATOM   850  C CG  . GLU A 1 124 ? 3.026   0.272   -8.294  1.00 11.87 ? 1415 GLU A CG  1 
ATOM   851  C CD  . GLU A 1 124 ? 2.444   -1.074  -7.856  1.00 13.38 ? 1415 GLU A CD  1 
ATOM   852  O OE1 . GLU A 1 124 ? 3.088   -2.093  -8.173  1.00 15.23 ? 1415 GLU A OE1 1 
ATOM   853  O OE2 . GLU A 1 124 ? 1.406   -1.097  -7.192  1.00 13.65 ? 1415 GLU A OE2 1 
ATOM   854  N N   . GLU A 1 125 ? 7.564   1.051   -7.605  1.00 10.53 ? 1416 GLU A N   1 
ATOM   855  C CA  . GLU A 1 125 ? 9.028   0.966   -7.883  1.00 11.94 ? 1416 GLU A CA  1 
ATOM   856  C C   . GLU A 1 125 ? 9.721   0.185   -6.776  1.00 11.77 ? 1416 GLU A C   1 
ATOM   857  O O   . GLU A 1 125 ? 10.650  -0.609  -7.075  1.00 13.24 ? 1416 GLU A O   1 
ATOM   858  C CB  . GLU A 1 125 ? 9.562   2.399   -7.918  1.00 11.63 ? 1416 GLU A CB  1 
ATOM   859  C CG  . GLU A 1 125 ? 11.080  2.567   -8.083  1.00 12.98 ? 1416 GLU A CG  1 
ATOM   860  C CD  . GLU A 1 125 ? 11.392  4.065   -8.193  1.00 13.78 ? 1416 GLU A CD  1 
ATOM   861  O OE1 . GLU A 1 125 ? 10.958  4.706   -9.213  1.00 14.86 ? 1416 GLU A OE1 1 
ATOM   862  O OE2 . GLU A 1 125 ? 11.928  4.640   -7.226  1.00 15.81 ? 1416 GLU A OE2 1 
ATOM   863  N N   . HIS A 1 126 ? 9.329   0.387   -5.535  1.00 11.19 ? 1417 HIS A N   1 
ATOM   864  C CA  . HIS A 1 126 ? 9.968   -0.215  -4.348  1.00 13.13 ? 1417 HIS A CA  1 
ATOM   865  C C   . HIS A 1 126 ? 9.412   -1.603  -3.988  1.00 12.04 ? 1417 HIS A C   1 
ATOM   866  O O   . HIS A 1 126 ? 10.210  -2.429  -3.488  1.00 14.85 ? 1417 HIS A O   1 
ATOM   867  C CB  . HIS A 1 126 ? 9.912   0.732   -3.152  1.00 14.33 ? 1417 HIS A CB  1 
ATOM   868  C CG  . HIS A 1 126 ? 10.871  1.871   -3.268  1.00 17.15 ? 1417 HIS A CG  1 
ATOM   869  N ND1 . HIS A 1 126 ? 10.695  2.946   -4.090  1.00 18.42 ? 1417 HIS A ND1 1 
ATOM   870  C CD2 . HIS A 1 126 ? 11.972  2.105   -2.528  1.00 22.16 ? 1417 HIS A CD2 1 
ATOM   871  C CE1 . HIS A 1 126 ? 11.803  3.692   -4.007  1.00 18.51 ? 1417 HIS A CE1 1 
ATOM   872  N NE2 . HIS A 1 126 ? 12.509  3.275   -2.998  1.00 24.97 ? 1417 HIS A NE2 1 
ATOM   873  N N   . ILE A 1 127 ? 8.143   -1.916  -4.239  1.00 12.11 ? 1418 ILE A N   1 
ATOM   874  C CA  . ILE A 1 127 ? 7.592   -3.226  -3.836  1.00 12.05 ? 1418 ILE A CA  1 
ATOM   875  C C   . ILE A 1 127 ? 8.007   -4.351  -4.788  1.00 11.84 ? 1418 ILE A C   1 
ATOM   876  O O   . ILE A 1 127 ? 7.959   -5.524  -4.403  1.00 11.84 ? 1418 ILE A O   1 
ATOM   877  C CB  . ILE A 1 127 ? 6.061   -3.117  -3.700  1.00 11.67 ? 1418 ILE A CB  1 
ATOM   878  C CG1 . ILE A 1 127 ? 5.457   -4.193  -2.769  1.00 12.76 ? 1418 ILE A CG1 1 
ATOM   879  C CG2 . ILE A 1 127 ? 5.364   -3.181  -5.055  1.00 12.78 ? 1418 ILE A CG2 1 
ATOM   880  C CD1 . ILE A 1 127 ? 5.917   -4.110  -1.368  1.00 14.20 ? 1418 ILE A CD1 1 
ATOM   881  N N   A SER A 1 128 ? 8.363   -4.036  -6.032  0.25 11.91 ? 1419 SER A N   1 
ATOM   882  N N   B SER A 1 128 ? 8.372   -4.009  -6.029  0.25 12.07 ? 1419 SER A N   1 
ATOM   883  C CA  A SER A 1 128 ? 8.674   -5.075  -7.046  0.25 12.45 ? 1419 SER A CA  1 
ATOM   884  C CA  B SER A 1 128 ? 8.767   -4.983  -7.083  0.25 12.76 ? 1419 SER A CA  1 
ATOM   885  C C   A SER A 1 128 ? 9.768   -6.045  -6.538  0.25 12.28 ? 1419 SER A C   1 
ATOM   886  C C   B SER A 1 128 ? 9.766   -6.018  -6.535  0.25 12.51 ? 1419 SER A C   1 
ATOM   887  O O   A SER A 1 128 ? 9.553   -7.261  -6.690  0.25 11.52 ? 1419 SER A O   1 
ATOM   888  O O   B SER A 1 128 ? 9.502   -7.227  -6.690  0.25 11.84 ? 1419 SER A O   1 
ATOM   889  C CB  A SER A 1 128 ? 8.999   -4.436  -8.369  0.25 13.02 ? 1419 SER A CB  1 
ATOM   890  C CB  B SER A 1 128 ? 9.309   -4.272  -8.304  0.25 13.54 ? 1419 SER A CB  1 
ATOM   891  O OG  A SER A 1 128 ? 10.069  -3.531  -8.210  0.25 15.50 ? 1419 SER A OG  1 
ATOM   892  O OG  B SER A 1 128 ? 9.710   -5.221  -9.288  0.25 16.65 ? 1419 SER A OG  1 
ATOM   893  N N   . SER A 1 129 ? 10.862  -5.568  -5.934  1.00 11.87 ? 1420 SER A N   1 
ATOM   894  C CA  . SER A 1 129 ? 11.941  -6.477  -5.466  1.00 13.88 ? 1420 SER A CA  1 
ATOM   895  C C   . SER A 1 129 ? 11.442  -7.270  -4.245  1.00 12.16 ? 1420 SER A C   1 
ATOM   896  O O   . SER A 1 129 ? 11.862  -8.411  -4.070  1.00 12.55 ? 1420 SER A O   1 
ATOM   897  C CB  . SER A 1 129 ? 13.223  -5.748  -5.161  1.00 15.58 ? 1420 SER A CB  1 
ATOM   898  O OG  . SER A 1 129 ? 13.098  -4.796  -4.133  1.00 21.47 ? 1420 SER A OG  1 
ATOM   899  N N   . VAL A 1 130 ? 10.624  -6.638  -3.392  1.00 11.15 ? 1421 VAL A N   1 
ATOM   900  C CA  . VAL A 1 130 ? 10.082  -7.339  -2.200  1.00 11.53 ? 1421 VAL A CA  1 
ATOM   901  C C   . VAL A 1 130 ? 9.260   -8.537  -2.642  1.00 11.36 ? 1421 VAL A C   1 
ATOM   902  O O   . VAL A 1 130 ? 9.442   -9.688  -2.119  1.00 11.93 ? 1421 VAL A O   1 
ATOM   903  C CB  . VAL A 1 130 ? 9.250   -6.397  -1.356  1.00 11.12 ? 1421 VAL A CB  1 
ATOM   904  C CG1 . VAL A 1 130 ? 8.656   -7.142  -0.160  1.00 11.22 ? 1421 VAL A CG1 1 
ATOM   905  C CG2 . VAL A 1 130 ? 10.055  -5.203  -0.889  1.00 11.97 ? 1421 VAL A CG2 1 
ATOM   906  N N   . LEU A 1 131 ? 8.389   -8.372  -3.626  1.00 11.01 ? 1422 LEU A N   1 
ATOM   907  C CA  . LEU A 1 131 ? 7.555   -9.473  -4.154  1.00 11.06 ? 1422 LEU A CA  1 
ATOM   908  C C   . LEU A 1 131 ? 8.430   -10.534 -4.821  1.00 11.25 ? 1422 LEU A C   1 
ATOM   909  O O   . LEU A 1 131 ? 8.224   -11.742 -4.580  1.00 11.63 ? 1422 LEU A O   1 
ATOM   910  C CB  . LEU A 1 131 ? 6.501   -8.955  -5.146  1.00 12.08 ? 1422 LEU A CB  1 
ATOM   911  C CG  . LEU A 1 131 ? 5.460   -8.019  -4.562  1.00 12.50 ? 1422 LEU A CG  1 
ATOM   912  C CD1 . LEU A 1 131 ? 4.671   -7.318  -5.680  1.00 13.81 ? 1422 LEU A CD1 1 
ATOM   913  C CD2 . LEU A 1 131 ? 4.537   -8.773  -3.622  1.00 14.19 ? 1422 LEU A CD2 1 
ATOM   914  N N   A SER A 1 132 ? 9.359   -10.101 -5.668  0.40 11.69 ? 1423 SER A N   1 
ATOM   915  N N   B SER A 1 132 ? 9.384   -10.105 -5.653  0.10 11.67 ? 1423 SER A N   1 
ATOM   916  C CA  A SER A 1 132 ? 10.229  -11.046 -6.412  0.40 11.89 ? 1423 SER A CA  1 
ATOM   917  C CA  B SER A 1 132 ? 10.280  -10.998 -6.438  0.10 11.97 ? 1423 SER A CA  1 
ATOM   918  C C   A SER A 1 132 ? 11.005  -11.907 -5.409  0.40 11.73 ? 1423 SER A C   1 
ATOM   919  C C   B SER A 1 132 ? 11.139  -11.857 -5.502  0.10 11.86 ? 1423 SER A C   1 
ATOM   920  O O   A SER A 1 132 ? 11.015  -13.156 -5.579  0.40 12.02 ? 1423 SER A O   1 
ATOM   921  O O   B SER A 1 132 ? 11.386  -13.028 -5.821  0.10 11.66 ? 1423 SER A O   1 
ATOM   922  C CB  A SER A 1 132 ? 11.178  -10.338 -7.351  0.40 12.95 ? 1423 SER A CB  1 
ATOM   923  C CB  B SER A 1 132 ? 11.155  -10.208 -7.376  0.10 12.54 ? 1423 SER A CB  1 
ATOM   924  O OG  A SER A 1 132 ? 10.458  -9.725  -8.402  0.40 13.97 ? 1423 SER A OG  1 
ATOM   925  O OG  B SER A 1 132 ? 12.085  -11.059 -8.026  0.10 13.30 ? 1423 SER A OG  1 
ATOM   926  N N   . ASP A 1 133 ? 11.632  -11.275 -4.411  1.00 11.85 ? 1424 ASP A N   1 
ATOM   927  C CA  . ASP A 1 133 ? 12.481  -12.011 -3.446  1.00 11.92 ? 1424 ASP A CA  1 
ATOM   928  C C   . ASP A 1 133 ? 11.634  -12.991 -2.661  1.00 11.20 ? 1424 ASP A C   1 
ATOM   929  O O   . ASP A 1 133 ? 12.041  -14.149 -2.433  1.00 12.24 ? 1424 ASP A O   1 
ATOM   930  C CB  . ASP A 1 133 ? 13.251  -11.076 -2.524  1.00 13.62 ? 1424 ASP A CB  1 
ATOM   931  C CG  . ASP A 1 133 ? 14.393  -10.308 -3.156  1.00 17.33 ? 1424 ASP A CG  1 
ATOM   932  O OD1 . ASP A 1 133 ? 14.671  -10.485 -4.339  1.00 18.14 ? 1424 ASP A OD1 1 
ATOM   933  O OD2 . ASP A 1 133 ? 15.043  -9.581  -2.407  1.00 22.43 ? 1424 ASP A OD2 1 
ATOM   934  N N   . TYR A 1 134 ? 10.444  -12.583 -2.226  1.00 10.98 ? 1425 TYR A N   1 
ATOM   935  C CA  . TYR A 1 134 ? 9.559   -13.465 -1.467  1.00 11.34 ? 1425 TYR A CA  1 
ATOM   936  C C   . TYR A 1 134 ? 9.186   -14.669 -2.307  1.00 10.88 ? 1425 TYR A C   1 
ATOM   937  O O   . TYR A 1 134 ? 9.250   -15.846 -1.849  1.00 11.43 ? 1425 TYR A O   1 
ATOM   938  C CB  . TYR A 1 134 ? 8.299   -12.736 -0.953  1.00 11.18 ? 1425 TYR A CB  1 
ATOM   939  C CG  . TYR A 1 134 ? 7.318   -13.644 -0.284  1.00 11.97 ? 1425 TYR A CG  1 
ATOM   940  C CD1 . TYR A 1 134 ? 7.545   -14.059 1.012   1.00 12.53 ? 1425 TYR A CD1 1 
ATOM   941  C CD2 . TYR A 1 134 ? 6.204   -14.108 -0.952  1.00 12.69 ? 1425 TYR A CD2 1 
ATOM   942  C CE1 . TYR A 1 134 ? 6.653   -14.878 1.662   1.00 13.82 ? 1425 TYR A CE1 1 
ATOM   943  C CE2 . TYR A 1 134 ? 5.286   -14.908 -0.315  1.00 13.98 ? 1425 TYR A CE2 1 
ATOM   944  C CZ  . TYR A 1 134 ? 5.544   -15.325 0.977   1.00 15.14 ? 1425 TYR A CZ  1 
ATOM   945  O OH  . TYR A 1 134 ? 4.627   -16.122 1.639   1.00 18.23 ? 1425 TYR A OH  1 
ATOM   946  N N   . LYS A 1 135 ? 8.742   -14.443 -3.544  1.00 11.24 ? 1426 LYS A N   1 
ATOM   947  C CA  . LYS A 1 135 ? 8.273   -15.575 -4.382  1.00 11.28 ? 1426 LYS A CA  1 
ATOM   948  C C   . LYS A 1 135 ? 9.451   -16.528 -4.688  1.00 10.78 ? 1426 LYS A C   1 
ATOM   949  O O   . LYS A 1 135 ? 9.264   -17.745 -4.717  1.00 11.17 ? 1426 LYS A O   1 
ATOM   950  C CB  . LYS A 1 135 ? 7.566   -15.037 -5.646  1.00 12.41 ? 1426 LYS A CB  1 
ATOM   951  C CG  . LYS A 1 135 ? 6.258   -14.309 -5.306  1.00 13.26 ? 1426 LYS A CG  1 
ATOM   952  C CD  . LYS A 1 135 ? 5.577   -13.732 -6.569  1.00 14.37 ? 1426 LYS A CD  1 
ATOM   953  C CE  . LYS A 1 135 ? 4.253   -13.054 -6.279  1.00 18.02 ? 1426 LYS A CE  1 
ATOM   954  N NZ  . LYS A 1 135 ? 3.462   -12.750 -7.496  1.00 24.07 ? 1426 LYS A NZ  1 
ATOM   955  N N   A SER A 1 136 ? 10.635  -15.978 -4.925  0.40 10.75 ? 1427 SER A N   1 
ATOM   956  N N   B SER A 1 136 ? 10.651  -15.993 -4.898  0.10 10.82 ? 1427 SER A N   1 
ATOM   957  C CA  A SER A 1 136 ? 11.870  -16.773 -5.153  0.40 11.86 ? 1427 SER A CA  1 
ATOM   958  C CA  B SER A 1 136 ? 11.850  -16.823 -5.177  0.10 11.07 ? 1427 SER A CA  1 
ATOM   959  C C   A SER A 1 136 ? 12.169  -17.646 -3.919  0.40 11.87 ? 1427 SER A C   1 
ATOM   960  C C   B SER A 1 136 ? 12.243  -17.627 -3.925  0.10 11.56 ? 1427 SER A C   1 
ATOM   961  O O   A SER A 1 136 ? 12.487  -18.863 -4.064  0.40 10.88 ? 1427 SER A O   1 
ATOM   962  O O   B SER A 1 136 ? 12.698  -18.779 -4.093  0.10 11.42 ? 1427 SER A O   1 
ATOM   963  C CB  A SER A 1 136 ? 12.998  -15.863 -5.448  0.40 12.68 ? 1427 SER A CB  1 
ATOM   964  C CB  B SER A 1 136 ? 12.975  -15.987 -5.684  0.10 10.93 ? 1427 SER A CB  1 
ATOM   965  O OG  A SER A 1 136 ? 14.244  -16.552 -5.398  0.40 16.96 ? 1427 SER A OG  1 
ATOM   966  O OG  B SER A 1 136 ? 13.686  -15.402 -4.610  0.10 10.89 ? 1427 SER A OG  1 
ATOM   967  N N   . ALA A 1 137 ? 12.049  -17.068 -2.719  1.00 12.19 ? 1428 ALA A N   1 
ATOM   968  C CA  . ALA A 1 137 ? 12.334  -17.758 -1.437  1.00 12.77 ? 1428 ALA A CA  1 
ATOM   969  C C   . ALA A 1 137 ? 11.350  -18.866 -1.260  1.00 13.20 ? 1428 ALA A C   1 
ATOM   970  O O   . ALA A 1 137 ? 11.747  -19.999 -0.857  1.00 13.56 ? 1428 ALA A O   1 
ATOM   971  C CB  . ALA A 1 137 ? 12.183  -16.821 -0.263  1.00 13.92 ? 1428 ALA A CB  1 
ATOM   972  N N   . LEU A 1 138 ? 10.072  -18.714 -1.606  1.00 12.63 ? 1429 LEU A N   1 
ATOM   973  C CA  . LEU A 1 138 ? 9.087   -19.783 -1.478  1.00 14.45 ? 1429 LEU A CA  1 
ATOM   974  C C   . LEU A 1 138 ? 9.388   -20.878 -2.485  1.00 12.92 ? 1429 LEU A C   1 
ATOM   975  O O   . LEU A 1 138 ? 9.260   -22.088 -2.148  1.00 14.37 ? 1429 LEU A O   1 
ATOM   976  C CB  . LEU A 1 138 ? 7.654   -19.281 -1.676  1.00 19.73 ? 1429 LEU A CB  1 
ATOM   977  C CG  . LEU A 1 138 ? 6.643   -19.620 -0.610  1.00 26.48 ? 1429 LEU A CG  1 
ATOM   978  C CD1 . LEU A 1 138 ? 7.139   -19.447 0.806   1.00 25.95 ? 1429 LEU A CD1 1 
ATOM   979  C CD2 . LEU A 1 138 ? 5.432   -18.758 -0.873  1.00 23.93 ? 1429 LEU A CD2 1 
ATOM   980  N N   . ARG A 1 139 ? 9.802   -20.508 -3.708  1.00 11.23 ? 1430 ARG A N   1 
ATOM   981  C CA  . ARG A 1 139 ? 10.105  -21.557 -4.686  1.00 12.06 ? 1430 ARG A CA  1 
ATOM   982  C C   . ARG A 1 139 ? 11.317  -22.355 -4.177  1.00 11.27 ? 1430 ARG A C   1 
ATOM   983  O O   . ARG A 1 139 ? 11.311  -23.600 -4.314  1.00 12.83 ? 1430 ARG A O   1 
ATOM   984  C CB  . ARG A 1 139 ? 10.402  -20.992 -6.069  1.00 12.69 ? 1430 ARG A CB  1 
ATOM   985  C CG  . ARG A 1 139 ? 9.173   -20.394 -6.754  1.00 11.91 ? 1430 ARG A CG  1 
ATOM   986  C CD  . ARG A 1 139 ? 9.445   -19.978 -8.186  1.00 12.08 ? 1430 ARG A CD  1 
ATOM   987  N NE  . ARG A 1 139 ? 10.362  -18.889 -8.353  1.00 12.64 ? 1430 ARG A NE  1 
ATOM   988  C CZ  . ARG A 1 139 ? 10.061  -17.597 -8.491  1.00 11.85 ? 1430 ARG A CZ  1 
ATOM   989  N NH1 . ARG A 1 139 ? 8.818   -17.189 -8.352  1.00 12.94 ? 1430 ARG A NH1 1 
ATOM   990  N NH2 . ARG A 1 139 ? 11.026  -16.743 -8.754  1.00 12.63 ? 1430 ARG A NH2 1 
ATOM   991  N N   . PHE A 1 140 ? 12.331  -21.699 -3.604  1.00 10.57 ? 1431 PHE A N   1 
ATOM   992  C CA  . PHE A 1 140 ? 13.514  -22.413 -3.076  1.00 11.33 ? 1431 PHE A CA  1 
ATOM   993  C C   . PHE A 1 140 ? 13.103  -23.363 -1.946  1.00 11.99 ? 1431 PHE A C   1 
ATOM   994  O O   . PHE A 1 140 ? 13.551  -24.510 -1.905  1.00 13.02 ? 1431 PHE A O   1 
ATOM   995  C CB  . PHE A 1 140 ? 14.590  -21.436 -2.651  1.00 11.89 ? 1431 PHE A CB  1 
ATOM   996  C CG  . PHE A 1 140 ? 15.898  -22.086 -2.280  1.00 12.72 ? 1431 PHE A CG  1 
ATOM   997  C CD1 . PHE A 1 140 ? 16.775  -22.496 -3.274  1.00 15.29 ? 1431 PHE A CD1 1 
ATOM   998  C CD2 . PHE A 1 140 ? 16.247  -22.329 -0.969  1.00 15.32 ? 1431 PHE A CD2 1 
ATOM   999  C CE1 . PHE A 1 140 ? 17.992  -23.114 -2.954  1.00 15.53 ? 1431 PHE A CE1 1 
ATOM   1000 C CE2 . PHE A 1 140 ? 17.454  -22.938 -0.653  1.00 15.36 ? 1431 PHE A CE2 1 
ATOM   1001 C CZ  . PHE A 1 140 ? 18.325  -23.295 -1.648  1.00 16.14 ? 1431 PHE A CZ  1 
ATOM   1002 N N   . HIS A 1 141 ? 12.203  -22.911 -1.096  1.00 13.64 ? 1432 HIS A N   1 
ATOM   1003 C CA  . HIS A 1 141 ? 11.683  -23.769 0.008   1.00 15.22 ? 1432 HIS A CA  1 
ATOM   1004 C C   . HIS A 1 141 ? 11.071  -25.072 -0.511  1.00 18.32 ? 1432 HIS A C   1 
ATOM   1005 O O   . HIS A 1 141 ? 11.231  -26.123 0.157   1.00 19.30 ? 1432 HIS A O   1 
ATOM   1006 C CB  . HIS A 1 141 ? 10.739  -22.946 0.877   1.00 15.31 ? 1432 HIS A CB  1 
ATOM   1007 C CG  . HIS A 1 141 ? 10.422  -23.669 2.152   1.00 14.73 ? 1432 HIS A CG  1 
ATOM   1008 N ND1 . HIS A 1 141 ? 11.354  -23.761 3.175   1.00 14.80 ? 1432 HIS A ND1 1 
ATOM   1009 C CD2 . HIS A 1 141 ? 9.291   -24.323 2.537   1.00 16.70 ? 1432 HIS A CD2 1 
ATOM   1010 C CE1 . HIS A 1 141 ? 10.778  -24.434 4.169   1.00 15.38 ? 1432 HIS A CE1 1 
ATOM   1011 N NE2 . HIS A 1 141 ? 9.509   -24.777 3.822   1.00 16.29 ? 1432 HIS A NE2 1 
ATOM   1012 N N   . LYS A 1 142 ? 10.391  -25.017 -1.662  1.00 19.31 ? 1433 LYS A N   1 
ATOM   1013 C CA  . LYS A 1 142 ? 9.658   -26.154 -2.284  1.00 21.50 ? 1433 LYS A CA  1 
ATOM   1014 C C   . LYS A 1 142 ? 10.495  -26.788 -3.414  1.00 22.60 ? 1433 LYS A C   1 
ATOM   1015 O O   . LYS A 1 142 ? 9.909   -27.516 -4.253  1.00 26.03 ? 1433 LYS A O   1 
ATOM   1016 C CB  . LYS A 1 142 ? 8.296   -25.649 -2.793  1.00 24.41 ? 1433 LYS A CB  1 
ATOM   1017 C CG  . LYS A 1 142 ? 7.504   -24.786 -1.809  1.00 25.73 ? 1433 LYS A CG  1 
ATOM   1018 C CD  . LYS A 1 142 ? 6.100   -24.418 -2.287  1.00 27.97 ? 1433 LYS A CD  1 
ATOM   1019 C CE  . LYS A 1 142 ? 5.632   -23.044 -1.844  1.00 28.50 ? 1433 LYS A CE  1 
ATOM   1020 N NZ  . LYS A 1 142 ? 5.241   -23.018 -0.411  1.00 29.88 ? 1433 LYS A NZ  1 
ATOM   1021 N N   . ARG A 1 143 ? 11.809  -26.560 -3.461  1.00 22.18 ? 1434 ARG A N   1 
ATOM   1022 C CA  . ARG A 1 143 ? 12.656  -27.022 -4.590  1.00 24.91 ? 1434 ARG A CA  1 
ATOM   1023 C C   . ARG A 1 143 ? 12.825  -28.547 -4.689  1.00 33.57 ? 1434 ARG A C   1 
ATOM   1024 O O   . ARG A 1 143 ? 13.163  -29.027 -5.797  1.00 35.48 ? 1434 ARG A O   1 
ATOM   1025 C CB  . ARG A 1 143 ? 14.026  -26.377 -4.545  1.00 21.81 ? 1434 ARG A CB  1 
ATOM   1026 C CG  . ARG A 1 143 ? 14.883  -26.901 -3.406  1.00 20.46 ? 1434 ARG A CG  1 
ATOM   1027 C CD  . ARG A 1 143 ? 16.100  -26.043 -3.289  1.00 21.21 ? 1434 ARG A CD  1 
ATOM   1028 N NE  . ARG A 1 143 ? 16.992  -26.534 -2.255  1.00 20.73 ? 1434 ARG A NE  1 
ATOM   1029 C CZ  . ARG A 1 143 ? 16.846  -26.395 -0.960  1.00 21.64 ? 1434 ARG A CZ  1 
ATOM   1030 N NH1 . ARG A 1 143 ? 15.794  -25.754 -0.453  1.00 17.73 ? 1434 ARG A NH1 1 
ATOM   1031 N NH2 . ARG A 1 143 ? 17.777  -26.876 -0.131  1.00 23.57 ? 1434 ARG A NH2 1 
ATOM   1032 N N   . ASN A 1 144 ? 12.737  -29.256 -3.563  1.00 30.38 ? 1435 ASN A N   1 
ATOM   1033 C CA  . ASN A 1 144 ? 12.977  -30.724 -3.472  1.00 33.14 ? 1435 ASN A CA  1 
ATOM   1034 C C   . ASN A 1 144 ? 11.652  -31.422 -3.155  1.00 34.32 ? 1435 ASN A C   1 
ATOM   1035 O O   . ASN A 1 144 ? 11.183  -31.243 -2.011  1.00 37.97 ? 1435 ASN A O   1 
ATOM   1036 C CB  . ASN A 1 144 ? 14.025  -31.077 -2.410  1.00 32.57 ? 1435 ASN A CB  1 
ATOM   1037 C CG  . ASN A 1 144 ? 15.423  -30.603 -2.754  1.00 32.33 ? 1435 ASN A CG  1 
ATOM   1038 O OD1 . ASN A 1 144 ? 15.914  -30.842 -3.854  1.00 32.38 ? 1435 ASN A OD1 1 
ATOM   1039 N ND2 . ASN A 1 144 ? 16.076  -29.952 -1.807  1.00 29.29 ? 1435 ASN A ND2 1 
HETATM 1040 N N1  . ZKZ B 2 .   ? -8.089  11.838  4.010   0.64 18.44 ? 1901 ZKZ A N1  1 
HETATM 1041 N N3  . ZKZ B 2 .   ? -9.651  11.178  -0.652  0.64 17.27 ? 1901 ZKZ A N3  1 
HETATM 1042 C C4  . ZKZ B 2 .   ? -10.653 12.006  0.038   0.64 18.35 ? 1901 ZKZ A C4  1 
HETATM 1043 C C5  . ZKZ B 2 .   ? -8.902  10.358  0.296   0.64 17.88 ? 1901 ZKZ A C5  1 
HETATM 1044 C C6  . ZKZ B 2 .   ? -8.155  11.291  1.219   0.64 17.14 ? 1901 ZKZ A C6  1 
HETATM 1045 C C7  . ZKZ B 2 .   ? -9.393  11.137  -1.971  0.64 15.50 ? 1901 ZKZ A C7  1 
HETATM 1046 C C8  . ZKZ B 2 .   ? -9.746  12.188  -2.931  0.64 15.00 ? 1901 ZKZ A C8  1 
HETATM 1047 C C10 . ZKZ B 2 .   ? -10.069 13.487  -4.720  0.64 14.51 ? 1901 ZKZ A C10 1 
HETATM 1048 C C13 . ZKZ B 2 .   ? -11.302 17.584  -4.704  0.64 20.23 ? 1901 ZKZ A C13 1 
HETATM 1049 C C15 . ZKZ B 2 .   ? -11.604 19.729  -3.664  0.64 21.58 ? 1901 ZKZ A C15 1 
HETATM 1050 C C17 . ZKZ B 2 .   ? -11.914 19.494  -6.017  0.64 20.93 ? 1901 ZKZ A C17 1 
HETATM 1051 C C1  . ZKZ B 2 .   ? -7.886  12.166  5.404   0.64 19.03 ? 1901 ZKZ A C1  1 
HETATM 1052 C C11 . ZKZ B 2 .   ? -10.369 14.197  -3.623  0.64 15.69 ? 1901 ZKZ A C11 1 
HETATM 1053 C C12 . ZKZ B 2 .   ? -10.826 15.589  -3.418  0.64 17.39 ? 1901 ZKZ A C12 1 
HETATM 1054 C C14 . ZKZ B 2 .   ? -11.299 18.381  -3.562  0.64 20.35 ? 1901 ZKZ A C14 1 
HETATM 1055 C C16 . ZKZ B 2 .   ? -11.914 20.285  -4.886  0.64 21.44 ? 1901 ZKZ A C16 1 
HETATM 1056 C C18 . ZKZ B 2 .   ? -11.610 18.145  -5.934  0.64 19.83 ? 1901 ZKZ A C18 1 
HETATM 1057 C C2  . ZKZ B 2 .   ? -9.067  12.352  3.312   0.64 18.10 ? 1901 ZKZ A C2  1 
HETATM 1058 C C3  . ZKZ B 2 .   ? -10.012 12.885  1.101   0.64 18.51 ? 1901 ZKZ A C3  1 
HETATM 1059 C C9  . ZKZ B 2 .   ? -9.659  12.205  -4.284  0.64 14.31 ? 1901 ZKZ A C9  1 
HETATM 1060 N N2  . ZKZ B 2 .   ? -9.092  12.139  1.965   0.64 18.62 ? 1901 ZKZ A N2  1 
HETATM 1061 O O1  . ZKZ B 2 .   ? -9.891  13.105  3.861   0.64 18.02 ? 1901 ZKZ A O1  1 
HETATM 1062 O O2  . ZKZ B 2 .   ? -8.677  10.235  -2.392  0.64 15.42 ? 1901 ZKZ A O2  1 
HETATM 1063 O O3  . ZKZ B 2 .   ? -10.961 16.247  -4.689  0.64 19.12 ? 1901 ZKZ A O3  1 
HETATM 1064 O O4  . ZKZ B 2 .   ? -10.194 13.431  -2.504  0.64 14.38 ? 1901 ZKZ A O4  1 
HETATM 1065 O O   . HOH C 3 .   ? -23.243 7.291   2.871   1.00 37.03 ? 2001 HOH A O   1 
HETATM 1066 O O   . HOH C 3 .   ? 11.743  -27.133 2.297   1.00 36.13 ? 2002 HOH A O   1 
HETATM 1067 O O   . HOH C 3 .   ? -19.977 14.833  -3.434  1.00 30.28 ? 2003 HOH A O   1 
HETATM 1068 O O   . HOH C 3 .   ? -5.339  14.566  5.293   1.00 27.49 ? 2004 HOH A O   1 
HETATM 1069 O O   . HOH C 3 .   ? 4.931   -16.864 3.993   1.00 31.30 ? 2005 HOH A O   1 
HETATM 1070 O O   . HOH C 3 .   ? -10.901 13.335  6.133   0.64 23.37 ? 2006 HOH A O   1 
HETATM 1071 O O   . HOH C 3 .   ? 14.907  -29.530 0.367   1.00 48.61 ? 2007 HOH A O   1 
HETATM 1072 O O   . HOH C 3 .   ? 16.333  -29.566 -5.970  1.00 44.44 ? 2008 HOH A O   1 
HETATM 1073 O O   . HOH C 3 .   ? -0.305  -20.978 5.102   1.00 37.16 ? 2009 HOH A O   1 
HETATM 1074 O O   . HOH C 3 .   ? -1.568  17.655  3.769   1.00 36.40 ? 2010 HOH A O   1 
HETATM 1075 O O   . HOH C 3 .   ? -0.510  17.361  -6.182  1.00 29.61 ? 2011 HOH A O   1 
HETATM 1076 O O   . HOH C 3 .   ? -24.207 10.172  -3.001  1.00 25.91 ? 2012 HOH A O   1 
HETATM 1077 O O   . HOH C 3 .   ? -16.326 6.674   -9.118  1.00 17.57 ? 2013 HOH A O   1 
HETATM 1078 O O   . HOH C 3 .   ? -14.037 15.274  -14.342 1.00 24.15 ? 2014 HOH A O   1 
HETATM 1079 O O   . HOH C 3 .   ? -4.556  11.495  6.473   0.64 21.96 ? 2015 HOH A O   1 
HETATM 1080 O O   . HOH C 3 .   ? -21.871 11.567  -4.179  1.00 26.44 ? 2016 HOH A O   1 
HETATM 1081 O O   . HOH C 3 .   ? 12.588  -2.380  -2.483  1.00 28.06 ? 2017 HOH A O   1 
HETATM 1082 O O   . HOH C 3 .   ? 15.520  -17.797 -7.268  1.00 26.34 ? 2018 HOH A O   1 
HETATM 1083 O O   . HOH C 3 .   ? 2.330   17.070  -2.330  1.00 35.73 ? 2019 HOH A O   1 
HETATM 1084 O O   . HOH C 3 .   ? -5.724  5.714   12.223  0.64 33.73 ? 2020 HOH A O   1 
HETATM 1085 O O   . HOH C 3 .   ? -9.986  5.011   1.595   1.00 15.04 ? 2021 HOH A O   1 
HETATM 1086 O O   . HOH C 3 .   ? -0.576  -14.592 -0.346  1.00 27.30 ? 2022 HOH A O   1 
HETATM 1087 O O   . HOH C 3 .   ? 1.769   -6.866  17.349  1.00 45.45 ? 2023 HOH A O   1 
HETATM 1088 O O   . HOH C 3 .   ? -6.125  -6.840  5.054   1.00 35.90 ? 2024 HOH A O   1 
HETATM 1089 O O   . HOH C 3 .   ? -9.593  10.167  10.175  1.00 43.18 ? 2025 HOH A O   1 
HETATM 1090 O O   . HOH C 3 .   ? 10.552  3.472   -11.514 1.00 21.62 ? 2026 HOH A O   1 
HETATM 1091 O O   . HOH C 3 .   ? -13.712 9.419   -10.546 1.00 16.82 ? 2027 HOH A O   1 
HETATM 1092 O O   . HOH C 3 .   ? -7.539  6.463   1.867   0.64 17.31 ? 2028 HOH A O   1 
HETATM 1093 O O   . HOH C 3 .   ? 3.937   -8.806  14.554  1.00 16.31 ? 2029 HOH A O   1 
HETATM 1094 O O   . HOH C 3 .   ? -0.149  1.041   -6.815  1.00 16.88 ? 2030 HOH A O   1 
HETATM 1095 O O   . HOH C 3 .   ? 14.527  -11.106 -6.933  1.00 30.25 ? 2031 HOH A O   1 
HETATM 1096 O O   . HOH C 3 .   ? 0.554   13.420  9.349   1.00 32.75 ? 2032 HOH A O   1 
HETATM 1097 O O   . HOH C 3 .   ? 13.772  -22.670 2.667   1.00 14.43 ? 2033 HOH A O   1 
HETATM 1098 O O   . HOH C 3 .   ? -9.991  7.858   -1.427  0.64 19.76 ? 2034 HOH A O   1 
HETATM 1099 O O   . HOH C 3 .   ? -10.881 18.071  -9.531  0.64 22.85 ? 2035 HOH A O   1 
HETATM 1100 O O   . HOH C 3 .   ? -10.377 8.982   -11.983 0.64 17.28 ? 2036 HOH A O   1 
HETATM 1101 O O   . HOH C 3 .   ? 2.425   -17.176 0.441   1.00 27.20 ? 2037 HOH A O   1 
HETATM 1102 O O   . HOH C 3 .   ? -9.083  0.604   9.545   1.00 32.93 ? 2038 HOH A O   1 
HETATM 1103 O O   . HOH C 3 .   ? 7.844   -8.035  -8.694  1.00 19.57 ? 2039 HOH A O   1 
HETATM 1104 O O   . HOH C 3 .   ? -7.241  8.512   3.642   1.00 16.89 ? 2040 HOH A O   1 
HETATM 1105 O O   . HOH C 3 .   ? 21.647  -20.036 -5.102  1.00 35.79 ? 2041 HOH A O   1 
HETATM 1106 O O   . HOH C 3 .   ? -1.423  -9.415  17.106  1.00 28.76 ? 2042 HOH A O   1 
HETATM 1107 O O   . HOH C 3 .   ? 13.703  -20.410 1.058   1.00 14.47 ? 2043 HOH A O   1 
HETATM 1108 O O   . HOH C 3 .   ? -7.800  -2.013  -5.852  1.00 14.51 ? 2044 HOH A O   1 
HETATM 1109 O O   . HOH C 3 .   ? -11.342 0.981   -5.013  1.00 15.87 ? 2045 HOH A O   1 
HETATM 1110 O O   . HOH C 3 .   ? -3.529  19.366  -15.884 1.00 43.83 ? 2046 HOH A O   1 
HETATM 1111 O O   . HOH C 3 .   ? -11.887 -1.154  5.530   1.00 26.22 ? 2047 HOH A O   1 
HETATM 1112 O O   . HOH C 3 .   ? -1.929  3.466   -9.624  1.00 23.38 ? 2048 HOH A O   1 
HETATM 1113 O O   . HOH C 3 .   ? -9.035  16.335  3.555   0.64 24.86 ? 2049 HOH A O   1 
HETATM 1114 O O   . HOH C 3 .   ? 11.972  -7.598  -9.272  1.00 21.29 ? 2050 HOH A O   1 
HETATM 1115 O O   . HOH C 3 .   ? 14.488  3.651   -6.997  1.00 25.65 ? 2051 HOH A O   1 
HETATM 1116 O O   . HOH C 3 .   ? 5.568   -3.162  -8.716  1.00 15.91 ? 2052 HOH A O   1 
HETATM 1117 O O   . HOH C 3 .   ? 10.704  -13.976 -8.318  1.00 14.22 ? 2053 HOH A O   1 
HETATM 1118 O O   . HOH C 3 .   ? 10.256  -24.877 -6.520  1.00 25.72 ? 2054 HOH A O   1 
HETATM 1119 O O   . HOH C 3 .   ? 0.538   21.864  -0.485  1.00 29.44 ? 2055 HOH A O   1 
HETATM 1120 O O   . HOH C 3 .   ? 9.067   -7.311  12.077  1.00 28.15 ? 2056 HOH A O   1 
HETATM 1121 O O   . HOH C 3 .   ? -4.838  6.507   -7.651  1.00 14.05 ? 2057 HOH A O   1 
HETATM 1122 O O   . HOH C 3 .   ? 11.345  -9.442  8.244   1.00 12.91 ? 2058 HOH A O   1 
HETATM 1123 O O   . HOH C 3 .   ? 4.452   11.294  8.613   0.64 19.54 ? 2059 HOH A O   1 
HETATM 1124 O O   . HOH C 3 .   ? -18.512 3.495   -6.536  0.64 21.23 ? 2060 HOH A O   1 
HETATM 1125 O O   . HOH C 3 .   ? 9.723   -1.745  -10.311 1.00 34.59 ? 2061 HOH A O   1 
HETATM 1126 O O   . HOH C 3 .   ? 1.165   -7.880  -8.174  1.00 28.37 ? 2062 HOH A O   1 
HETATM 1127 O O   . HOH C 3 .   ? 1.170   6.128   -10.957 1.00 22.31 ? 2063 HOH A O   1 
HETATM 1128 O O   . HOH C 3 .   ? -6.604  -3.966  -4.379  1.00 14.26 ? 2064 HOH A O   1 
HETATM 1129 O O   . HOH C 3 .   ? 17.413  -11.663 5.739   1.00 33.47 ? 2065 HOH A O   1 
HETATM 1130 O O   . HOH C 3 .   ? -4.801  0.526   -7.556  1.00 13.26 ? 2066 HOH A O   1 
HETATM 1131 O O   . HOH C 3 .   ? -1.266  -8.572  -4.564  1.00 19.94 ? 2067 HOH A O   1 
HETATM 1132 O O   . HOH C 3 .   ? -5.071  -6.300  12.196  1.00 34.77 ? 2068 HOH A O   1 
HETATM 1133 O O   . HOH C 3 .   ? 11.557  -1.044  -9.693  1.00 25.24 ? 2069 HOH A O   1 
HETATM 1134 O O   . HOH C 3 .   ? 14.264  -7.981  5.885   1.00 21.61 ? 2070 HOH A O   1 
HETATM 1135 O O   . HOH C 3 .   ? -5.075  -9.091  6.303   1.00 21.79 ? 2071 HOH A O   1 
HETATM 1136 O O   . HOH C 3 .   ? 0.872   -11.866 -6.836  1.00 27.88 ? 2072 HOH A O   1 
HETATM 1137 O O   . HOH C 3 .   ? -8.857  -5.228  2.713   1.00 36.53 ? 2073 HOH A O   1 
HETATM 1138 O O   . HOH C 3 .   ? 0.463   12.993  -10.560 1.00 16.00 ? 2074 HOH A O   1 
HETATM 1139 O O   . HOH C 3 .   ? -5.312  -8.885  15.326  1.00 33.64 ? 2075 HOH A O   1 
HETATM 1140 O O   . HOH C 3 .   ? 12.248  -1.727  1.900   1.00 23.88 ? 2076 HOH A O   1 
HETATM 1141 O O   . HOH C 3 .   ? 18.172  -17.479 -7.070  0.64 16.39 ? 2077 HOH A O   1 
HETATM 1142 O O   . HOH C 3 .   ? 12.115  -2.888  -6.291  1.00 19.20 ? 2078 HOH A O   1 
HETATM 1143 O O   . HOH C 3 .   ? -12.625 6.679   5.683   0.64 22.47 ? 2079 HOH A O   1 
HETATM 1144 O O   . HOH C 3 .   ? -10.838 3.032   -9.076  1.00 23.00 ? 2080 HOH A O   1 
HETATM 1145 O O   . HOH C 3 .   ? 12.948  -20.009 -8.553  1.00 17.52 ? 2081 HOH A O   1 
HETATM 1146 O O   . HOH C 3 .   ? -7.989  -5.419  -0.200  1.00 27.74 ? 2082 HOH A O   1 
HETATM 1147 O O   . HOH C 3 .   ? 17.966  -10.613 -2.204  1.00 36.87 ? 2083 HOH A O   1 
HETATM 1148 O O   . HOH C 3 .   ? -9.447  3.960   6.087   0.64 16.66 ? 2084 HOH A O   1 
HETATM 1149 O O   . HOH C 3 .   ? 6.622   2.864   -10.775 1.00 21.16 ? 2085 HOH A O   1 
HETATM 1150 O O   . HOH C 3 .   ? 11.074  -10.245 0.245   1.00 11.43 ? 2086 HOH A O   1 
HETATM 1151 O O   . HOH C 3 .   ? -0.680  -3.571  15.238  0.62 17.87 ? 2087 HOH A O   1 
HETATM 1152 O O   . HOH C 3 .   ? -18.815 -2.390  2.466   1.00 40.20 ? 2088 HOH A O   1 
HETATM 1153 O O   . HOH C 3 .   ? -4.455  5.078   -12.369 1.00 26.82 ? 2089 HOH A O   1 
HETATM 1154 O O   . HOH C 3 .   ? -6.165  2.586   11.363  1.00 37.87 ? 2090 HOH A O   1 
HETATM 1155 O O   . HOH C 3 .   ? 8.527   7.867   8.555   1.00 23.33 ? 2091 HOH A O   1 
HETATM 1156 O O   . HOH C 3 .   ? 7.337   -10.704 13.311  1.00 18.45 ? 2092 HOH A O   1 
HETATM 1157 O O   . HOH C 3 .   ? -8.652  -9.481  -5.292  1.00 30.41 ? 2093 HOH A O   1 
HETATM 1158 O O   . HOH C 3 .   ? 14.160  -20.073 -6.171  1.00 14.37 ? 2094 HOH A O   1 
HETATM 1159 O O   . HOH C 3 .   ? 15.497  -24.783 2.213   1.00 20.64 ? 2095 HOH A O   1 
HETATM 1160 O O   . HOH C 3 .   ? -4.893  8.944   -14.460 1.00 27.30 ? 2096 HOH A O   1 
HETATM 1161 O O   . HOH C 3 .   ? -6.061  -4.249  6.651   0.64 22.45 ? 2097 HOH A O   1 
HETATM 1162 O O   . HOH C 3 .   ? -5.168  -7.945  1.540   1.00 20.59 ? 2098 HOH A O   1 
HETATM 1163 O O   . HOH C 3 .   ? -13.653 0.381   -2.021  1.00 17.02 ? 2099 HOH A O   1 
HETATM 1164 O O   . HOH C 3 .   ? 6.514   -18.500 -4.970  1.00 18.00 ? 2100 HOH A O   1 
HETATM 1165 O O   . HOH C 3 .   ? 2.474   15.001  -10.733 1.00 15.95 ? 2101 HOH A O   1 
HETATM 1166 O O   . HOH C 3 .   ? 12.840  -28.305 -0.785  1.00 37.49 ? 2102 HOH A O   1 
HETATM 1167 O O   . HOH C 3 .   ? -14.331 9.236   9.663   1.00 48.40 ? 2103 HOH A O   1 
HETATM 1168 O O   . HOH C 3 .   ? 6.878   9.549   -6.931  1.00 17.25 ? 2104 HOH A O   1 
HETATM 1169 O O   . HOH C 3 .   ? 14.064  -13.010 0.603   1.00 17.78 ? 2105 HOH A O   1 
HETATM 1170 O O   . HOH C 3 .   ? -22.636 11.247  5.620   1.00 33.99 ? 2106 HOH A O   1 
HETATM 1171 O O   . HOH C 3 .   ? -7.854  6.256   -0.437  0.64 15.73 ? 2107 HOH A O   1 
HETATM 1172 O O   . HOH C 3 .   ? 1.835   -9.258  9.187   1.00 12.09 ? 2108 HOH A O   1 
HETATM 1173 O O   . HOH C 3 .   ? 15.004  -10.376 0.501   1.00 18.70 ? 2109 HOH A O   1 
HETATM 1174 O O   . HOH C 3 .   ? 1.809   3.433   -10.392 1.00 19.17 ? 2110 HOH A O   1 
HETATM 1175 O O   . HOH C 3 .   ? -21.142 8.442   3.061   1.00 33.24 ? 2111 HOH A O   1 
HETATM 1176 O O   . HOH C 3 .   ? -20.135 1.647   1.691   1.00 31.43 ? 2112 HOH A O   1 
HETATM 1177 O O   . HOH C 3 .   ? 0.977   5.063   11.584  1.00 32.27 ? 2113 HOH A O   1 
HETATM 1178 O O   . HOH C 3 .   ? -10.226 15.350  -15.596 1.00 30.96 ? 2114 HOH A O   1 
HETATM 1179 O O   . HOH C 3 .   ? 6.785   -17.711 7.270   1.00 22.69 ? 2115 HOH A O   1 
HETATM 1180 O O   . HOH C 3 .   ? 3.048   -6.704  -9.138  1.00 25.86 ? 2116 HOH A O   1 
HETATM 1181 O O   . HOH C 3 .   ? 11.724  -1.831  10.690  1.00 35.47 ? 2117 HOH A O   1 
HETATM 1182 O O   . HOH C 3 .   ? 6.453   1.175   9.287   1.00 27.38 ? 2118 HOH A O   1 
HETATM 1183 O O   . HOH C 3 .   ? 13.515  -12.074 7.959   1.00 17.11 ? 2119 HOH A O   1 
HETATM 1184 O O   . HOH C 3 .   ? 6.139   13.293  -1.411  0.64 21.59 ? 2120 HOH A O   1 
HETATM 1185 O O   . HOH C 3 .   ? -10.923 -8.967  -3.898  1.00 30.96 ? 2121 HOH A O   1 
HETATM 1186 O O   . HOH C 3 .   ? 4.984   14.904  5.655   1.00 34.80 ? 2122 HOH A O   1 
HETATM 1187 O O   . HOH C 3 .   ? 9.699   -5.225  -12.241 1.00 37.60 ? 2123 HOH A O   1 
HETATM 1188 O O   . HOH C 3 .   ? 0.896   17.042  2.083   1.00 25.77 ? 2124 HOH A O   1 
HETATM 1189 O O   . HOH C 3 .   ? 12.782  -4.566  -8.798  1.00 27.17 ? 2125 HOH A O   1 
HETATM 1190 O O   . HOH C 3 .   ? 12.766  3.467   6.027   1.00 30.59 ? 2126 HOH A O   1 
HETATM 1191 O O   . HOH C 3 .   ? 6.267   -18.557 -7.703  1.00 18.82 ? 2127 HOH A O   1 
HETATM 1192 O O   . HOH C 3 .   ? -3.189  -10.677 15.676  1.00 28.41 ? 2128 HOH A O   1 
HETATM 1193 O O   . HOH C 3 .   ? 10.695  -12.462 1.958   1.00 12.19 ? 2129 HOH A O   1 
HETATM 1194 O O   . HOH C 3 .   ? 7.018   18.362  5.330   1.00 24.82 ? 2130 HOH A O   1 
HETATM 1195 O O   . HOH C 3 .   ? 6.611   -14.476 6.948   1.00 18.90 ? 2131 HOH A O   1 
HETATM 1196 O O   . HOH C 3 .   ? 7.889   -12.327 8.306   1.00 15.74 ? 2132 HOH A O   1 
HETATM 1197 O O   . HOH C 3 .   ? -0.390  2.650   12.291  1.00 31.75 ? 2133 HOH A O   1 
HETATM 1198 O O   . HOH C 3 .   ? -9.045  18.810  0.409   1.00 32.04 ? 2134 HOH A O   1 
HETATM 1199 O O   . HOH C 3 .   ? 10.616  9.249   1.461   1.00 30.45 ? 2135 HOH A O   1 
HETATM 1200 O O   . HOH C 3 .   ? -1.994  -16.057 1.852   1.00 27.12 ? 2136 HOH A O   1 
HETATM 1201 O O   . HOH C 3 .   ? 7.509   15.286  5.183   1.00 22.96 ? 2137 HOH A O   1 
HETATM 1202 O O   . HOH C 3 .   ? -10.925 6.054   -15.527 0.64 26.71 ? 2138 HOH A O   1 
HETATM 1203 O O   . HOH C 3 .   ? -8.112  17.313  -4.163  0.64 22.14 ? 2139 HOH A O   1 
HETATM 1204 O O   . HOH C 3 .   ? 17.238  -13.495 1.708   1.00 22.20 ? 2140 HOH A O   1 
HETATM 1205 O O   . HOH C 3 .   ? 13.510  -7.079  -1.542  1.00 31.04 ? 2141 HOH A O   1 
HETATM 1206 O O   . HOH C 3 .   ? 14.291  -13.094 -7.371  1.00 38.51 ? 2142 HOH A O   1 
HETATM 1207 O O   . HOH C 3 .   ? 1.525   19.193  0.787   1.00 35.31 ? 2143 HOH A O   1 
HETATM 1208 O O   . HOH C 3 .   ? -2.776  -6.591  -5.894  1.00 15.71 ? 2144 HOH A O   1 
HETATM 1209 O O   . HOH C 3 .   ? -6.589  7.267   -15.567 1.00 36.24 ? 2145 HOH A O   1 
HETATM 1210 O O   . HOH C 3 .   ? 0.050   7.115   12.433  0.64 29.51 ? 2146 HOH A O   1 
HETATM 1211 O O   . HOH C 3 .   ? 5.388   10.390  -4.265  1.00 20.91 ? 2147 HOH A O   1 
HETATM 1212 O O   . HOH C 3 .   ? -15.720 1.013   -3.857  1.00 27.20 ? 2148 HOH A O   1 
HETATM 1213 O O   . HOH C 3 .   ? -24.384 5.550   -4.079  1.00 42.47 ? 2149 HOH A O   1 
HETATM 1214 O O   . HOH C 3 .   ? -16.479 16.587  -1.914  1.00 46.78 ? 2150 HOH A O   1 
HETATM 1215 O O   . HOH C 3 .   ? -1.176  13.796  -12.498 1.00 21.59 ? 2151 HOH A O   1 
HETATM 1216 O O   . HOH C 3 .   ? 13.368  0.579   -5.148  1.00 32.24 ? 2152 HOH A O   1 
HETATM 1217 O O   . HOH C 3 .   ? -3.038  -11.361 -2.099  1.00 30.35 ? 2153 HOH A O   1 
HETATM 1218 O O   . HOH C 3 .   ? 5.025   13.905  8.923   1.00 25.72 ? 2154 HOH A O   1 
HETATM 1219 O O   . HOH C 3 .   ? -10.188 5.762   4.176   0.64 22.44 ? 2155 HOH A O   1 
HETATM 1220 O O   . HOH C 3 .   ? 17.861  -12.226 -4.818  1.00 36.83 ? 2156 HOH A O   1 
HETATM 1221 O O   . HOH C 3 .   ? -5.960  2.550   -9.125  1.00 15.31 ? 2157 HOH A O   1 
HETATM 1222 O O   . HOH C 3 .   ? 14.490  -22.988 -6.192  1.00 15.66 ? 2158 HOH A O   1 
HETATM 1223 O O   . HOH C 3 .   ? -13.622 -2.470  -2.587  1.00 39.04 ? 2159 HOH A O   1 
HETATM 1224 O O   . HOH C 3 .   ? 14.881  -8.852  -8.723  1.00 26.68 ? 2160 HOH A O   1 
HETATM 1225 O O   . HOH C 3 .   ? 7.459   0.137   -11.125 1.00 36.46 ? 2161 HOH A O   1 
HETATM 1226 O O   . HOH C 3 .   ? -14.899 1.151   8.012   0.64 33.69 ? 2162 HOH A O   1 
HETATM 1227 O O   . HOH C 3 .   ? 11.974  7.635   6.659   1.00 50.97 ? 2163 HOH A O   1 
HETATM 1228 O O   . HOH C 3 .   ? 8.103   14.662  -1.151  0.64 25.75 ? 2164 HOH A O   1 
HETATM 1229 O O   . HOH C 3 .   ? 15.305  -0.604  12.987  1.00 51.06 ? 2165 HOH A O   1 
HETATM 1230 O O   . HOH C 3 .   ? 3.047   14.914  10.334  1.00 26.90 ? 2166 HOH A O   1 
HETATM 1231 O O   . HOH C 3 .   ? 6.589   15.702  -2.494  1.00 35.80 ? 2167 HOH A O   1 
HETATM 1232 O O   . HOH C 3 .   ? 3.968   9.509   -11.408 1.00 24.32 ? 2168 HOH A O   1 
HETATM 1233 O O   . HOH C 3 .   ? 12.780  -24.593 -7.686  1.00 39.04 ? 2169 HOH A O   1 
HETATM 1234 O O   . HOH C 3 .   ? 6.106   -21.238 -4.319  1.00 29.40 ? 2170 HOH A O   1 
HETATM 1235 O O   . HOH C 3 .   ? -2.710  -3.726  -10.106 1.00 33.34 ? 2171 HOH A O   1 
HETATM 1236 O O   . HOH C 3 .   ? -10.093 -7.120  -4.973  1.00 28.44 ? 2172 HOH A O   1 
HETATM 1237 O O   . HOH C 3 .   ? 5.805   -5.919  -9.106  1.00 18.23 ? 2173 HOH A O   1 
HETATM 1238 O O   . HOH C 3 .   ? -2.259  0.528   -8.488  1.00 20.51 ? 2174 HOH A O   1 
HETATM 1239 O O   . HOH C 3 .   ? 16.304  -2.981  -5.658  1.00 42.62 ? 2175 HOH A O   1 
HETATM 1240 O O   . HOH C 3 .   ? 17.648  -1.206  13.401  1.00 26.18 ? 2176 HOH A O   1 
HETATM 1241 O O   . HOH C 3 .   ? 2.735   -16.391 -5.979  1.00 38.08 ? 2177 HOH A O   1 
HETATM 1242 O O   . HOH C 3 .   ? 14.243  3.039   10.471  1.00 39.49 ? 2178 HOH A O   1 
HETATM 1243 O O   . HOH C 3 .   ? 12.215  5.947   10.764  1.00 33.35 ? 2179 HOH A O   1 
HETATM 1244 O O   . HOH C 3 .   ? 1.122   -8.956  -5.773  1.00 26.87 ? 2180 HOH A O   1 
HETATM 1245 O O   . HOH C 3 .   ? 9.151   11.233  8.489   1.00 42.10 ? 2181 HOH A O   1 
HETATM 1246 O O   . HOH C 3 .   ? 1.746   10.913  -11.989 1.00 32.32 ? 2182 HOH A O   1 
HETATM 1247 O O   . HOH C 3 .   ? 1.961   8.451   12.000  0.64 32.20 ? 2183 HOH A O   1 
HETATM 1248 O O   . HOH C 3 .   ? -21.114 -4.386  -5.062  0.64 41.45 ? 2184 HOH A O   1 
HETATM 1249 O O   . HOH C 3 .   ? 14.436  2.390   3.740   1.00 35.45 ? 2185 HOH A O   1 
HETATM 1250 O O   . HOH C 3 .   ? 12.023  -0.096  -0.460  1.00 28.57 ? 2186 HOH A O   1 
HETATM 1251 O O   . HOH C 3 .   ? 14.170  -9.272  8.258   1.00 22.50 ? 2187 HOH A O   1 
HETATM 1252 O O   . HOH C 3 .   ? -4.291  4.712   -9.659  1.00 13.64 ? 2188 HOH A O   1 
HETATM 1253 O O   . HOH C 3 .   ? 10.316  -9.343  10.811  1.00 20.11 ? 2189 HOH A O   1 
HETATM 1254 O O   . HOH C 3 .   ? -8.804  -5.082  -3.178  1.00 24.77 ? 2190 HOH A O   1 
HETATM 1255 O O   . HOH C 3 .   ? -9.685  20.201  -8.688  0.64 23.13 ? 2191 HOH A O   1 
HETATM 1256 O O   . HOH C 3 .   ? 9.909   -32.115 -6.029  1.00 59.10 ? 2192 HOH A O   1 
HETATM 1257 O O   . HOH C 3 .   ? 22.873  -18.541 -3.306  1.00 44.57 ? 2193 HOH A O   1 
HETATM 1258 O O   . HOH C 3 .   ? -5.198  -5.521  -6.091  0.48 26.62 ? 2194 HOH A O   1 
HETATM 1259 O O   . HOH C 3 .   ? -8.620  3.639   12.030  0.64 34.85 ? 2195 HOH A O   1 
HETATM 1260 O O   . HOH C 3 .   ? -5.372  -2.548  -7.914  1.00 45.18 ? 2196 HOH A O   1 
HETATM 1261 O O   . HOH C 3 .   ? -2.132  -13.422 -2.370  1.00 49.87 ? 2197 HOH A O   1 
HETATM 1262 O O   . HOH C 3 .   ? -2.693  6.169   -14.023 1.00 33.75 ? 2198 HOH A O   1 
HETATM 1263 O O   . HOH C 3 .   ? 8.548   1.857   -11.935 1.00 27.93 ? 2199 HOH A O   1 
HETATM 1264 O O   . HOH C 3 .   ? -11.066 2.484   7.716   1.00 33.62 ? 2200 HOH A O   1 
HETATM 1265 O O   . HOH C 3 .   ? 6.990   -23.363 -5.918  1.00 40.34 ? 2201 HOH A O   1 
HETATM 1266 O O   . HOH C 3 .   ? -0.104  -9.382  -10.283 1.00 43.49 ? 2202 HOH A O   1 
HETATM 1267 O O   . HOH C 3 .   ? 9.074   -12.490 11.089  0.50 11.12 ? 2203 HOH A O   1 
HETATM 1268 O O   . HOH C 3 .   ? -3.817  11.057  -15.252 1.00 30.59 ? 2204 HOH A O   1 
HETATM 1269 O O   . HOH C 3 .   ? 3.798   2.259   -11.650 1.00 29.76 ? 2205 HOH A O   1 
HETATM 1270 O O   . HOH C 3 .   ? -8.711  -3.683  7.464   1.00 31.11 ? 2206 HOH A O   1 
HETATM 1271 O O   . HOH C 3 .   ? 5.872   -20.947 -8.822  1.00 31.63 ? 2207 HOH A O   1 
HETATM 1272 O O   . HOH C 3 .   ? -22.335 9.183   7.202   1.00 42.21 ? 2208 HOH A O   1 
HETATM 1273 O O   . HOH C 3 .   ? -0.098  6.652   -13.273 1.00 36.62 ? 2209 HOH A O   1 
HETATM 1274 O O   . HOH C 3 .   ? 4.222   -16.956 -3.973  1.00 24.35 ? 2210 HOH A O   1 
# 
